data_8R2A
#
_entry.id   8R2A
#
_cell.length_a   73.099
_cell.length_b   118.667
_cell.length_c   142.837
_cell.angle_alpha   90.000
_cell.angle_beta   90.376
_cell.angle_gamma   90.000
#
_symmetry.space_group_name_H-M   'P 1 21 1'
#
loop_
_entity.id
_entity.type
_entity.pdbx_description
1 polymer 'Lysine--tRNA ligase'
2 non-polymer LYSINE
3 non-polymer 2-azanyl-4-(trifluoromethyl)-6-[[(1~{R},3~{S})-3-(trifluoromethyl)cyclohexyl]methyl]-7~{H}-pyrrolo[3,4-d]pyrimidin-5-one
4 non-polymer GLYCEROL
5 non-polymer 'DIMETHYL SULFOXIDE'
6 non-polymer 'SULFATE ION'
7 water water
#
_entity_poly.entity_id   1
_entity_poly.type   'polypeptide(L)'
_entity_poly.pdbx_seq_one_letter_code
;MAHHHHHHMGTLEAQTQGPGSHYTDNRYKMMECIKDAGRPFYPHKFKISMSLPAYALKYGNVENGYIDKDTTLSLSGRVT
SIRSSSSKLIFYDIFCEEQKVQIIANIMEHDISTGEFSVSHSEIRRGDVVGFTGFPGKSKRGELSLFSKSVVLLSPCYHM
LPTAISGLKDQEVRYRQRYLDLMLNEESRKVFKLRSRAIKYIRNYFDRLGFLEVETPMLNMIYGGAAARPFITYHNELET
QLYMRIAPELYLKQLIVGGLDKVYEIGKNFRNEGIDLTHNPEFTAMEFYMAYADYYDLMDLTEELISGLVLEIHGSLKIP
YHPDGPEGKCIEIDFTTPWKRFSFVEEIESGLGEKLKRPLDSQENIDFMVEMCEKHEIELPHPRTAAKLLDKLAGHFVET
KCTNPSFIIDHPQTMSPLAKWHREKPEMTERFELFVLGKELCNAYTELNEPLQQRKFFEQQADAKASGDVEACPIDETFC
LALEHGLPPTGGWGLGIDRLIMFLADKNNIKEVILFPAMRNVKQNAQHSNQHSGN
;
_entity_poly.pdbx_strand_id   A,D,C,B
#
# COMPACT_ATOMS: atom_id res chain seq x y z
N SER A 21 18.59 11.72 -38.90
CA SER A 21 19.83 11.34 -39.65
C SER A 21 19.46 11.20 -41.13
N HIS A 22 20.29 11.82 -41.97
CA HIS A 22 20.09 11.78 -43.41
C HIS A 22 20.18 10.33 -43.88
N TYR A 23 21.08 9.56 -43.23
CA TYR A 23 21.41 8.19 -43.59
C TYR A 23 20.16 7.31 -43.71
N THR A 24 19.29 7.42 -42.70
CA THR A 24 18.09 6.61 -42.63
C THR A 24 17.12 6.96 -43.75
N ASP A 25 16.96 8.28 -44.04
CA ASP A 25 16.07 8.72 -45.11
C ASP A 25 16.56 8.17 -46.45
N ASN A 26 17.87 8.26 -46.68
CA ASN A 26 18.45 7.91 -47.97
C ASN A 26 18.33 6.41 -48.22
N ARG A 27 18.36 5.63 -47.13
CA ARG A 27 18.26 4.20 -47.26
C ARG A 27 16.83 3.81 -47.66
N TYR A 28 15.84 4.45 -47.03
CA TYR A 28 14.46 4.27 -47.43
C TYR A 28 14.29 4.65 -48.91
N LYS A 29 14.98 5.72 -49.34
CA LYS A 29 14.91 6.19 -50.71
C LYS A 29 15.49 5.15 -51.66
N MET A 30 16.65 4.59 -51.27
CA MET A 30 17.30 3.58 -52.09
C MET A 30 16.36 2.39 -52.26
N MET A 31 15.72 1.98 -51.15
CA MET A 31 14.93 0.75 -51.16
C MET A 31 13.70 0.92 -52.02
N GLU A 32 13.16 2.14 -52.05
CA GLU A 32 12.02 2.45 -52.90
C GLU A 32 12.44 2.37 -54.37
N CYS A 33 13.61 2.96 -54.68
CA CYS A 33 14.15 2.92 -56.02
C CYS A 33 14.30 1.48 -56.48
N ILE A 34 14.88 0.63 -55.61
CA ILE A 34 15.10 -0.77 -55.91
C ILE A 34 13.77 -1.44 -56.25
N LYS A 35 12.72 -1.17 -55.46
CA LYS A 35 11.43 -1.82 -55.63
C LYS A 35 10.79 -1.40 -56.96
N ASP A 36 10.81 -0.09 -57.23
CA ASP A 36 10.20 0.46 -58.43
C ASP A 36 10.94 -0.06 -59.66
N ALA A 37 12.25 -0.31 -59.52
CA ALA A 37 13.09 -0.76 -60.61
C ALA A 37 12.99 -2.27 -60.83
N GLY A 38 12.18 -2.98 -60.02
CA GLY A 38 12.01 -4.42 -60.15
C GLY A 38 13.26 -5.22 -59.75
N ARG A 39 14.20 -4.60 -59.04
CA ARG A 39 15.35 -5.32 -58.51
C ARG A 39 14.95 -6.05 -57.23
N PRO A 40 15.72 -7.06 -56.76
CA PRO A 40 15.32 -7.83 -55.58
C PRO A 40 15.05 -6.98 -54.34
N PHE A 41 13.85 -7.12 -53.79
CA PHE A 41 13.36 -6.31 -52.68
C PHE A 41 12.86 -7.21 -51.55
N TYR A 42 13.66 -7.37 -50.50
CA TYR A 42 13.36 -8.24 -49.36
C TYR A 42 12.88 -9.60 -49.85
N PRO A 43 13.77 -10.42 -50.43
CA PRO A 43 13.39 -11.76 -50.89
C PRO A 43 12.84 -12.63 -49.76
N HIS A 44 11.88 -13.49 -50.13
CA HIS A 44 11.14 -14.31 -49.18
C HIS A 44 12.03 -15.40 -48.60
N LYS A 45 12.77 -16.07 -49.49
CA LYS A 45 13.55 -17.25 -49.14
C LYS A 45 14.94 -17.16 -49.76
N PHE A 46 15.97 -17.35 -48.93
CA PHE A 46 17.33 -17.54 -49.39
C PHE A 46 17.84 -18.92 -48.94
N LYS A 47 18.19 -19.78 -49.91
CA LYS A 47 18.56 -21.16 -49.61
C LYS A 47 20.07 -21.21 -49.45
N ILE A 48 20.54 -21.26 -48.18
CA ILE A 48 21.96 -21.37 -47.91
C ILE A 48 22.38 -22.81 -48.15
N SER A 49 23.61 -23.01 -48.64
CA SER A 49 24.15 -24.34 -48.82
C SER A 49 24.54 -24.95 -47.47
N MET A 50 25.07 -24.12 -46.58
CA MET A 50 25.41 -24.55 -45.24
C MET A 50 25.60 -23.31 -44.38
N SER A 51 25.65 -23.54 -43.06
CA SER A 51 25.94 -22.49 -42.10
C SER A 51 27.37 -22.01 -42.27
N LEU A 52 27.67 -20.82 -41.75
CA LEU A 52 29.06 -20.34 -41.77
C LEU A 52 29.94 -21.22 -40.88
N PRO A 53 29.53 -21.64 -39.67
CA PRO A 53 30.34 -22.58 -38.88
C PRO A 53 30.66 -23.85 -39.64
N ALA A 54 29.66 -24.36 -40.38
CA ALA A 54 29.83 -25.59 -41.12
C ALA A 54 30.76 -25.37 -42.30
N TYR A 55 30.74 -24.14 -42.82
CA TYR A 55 31.61 -23.75 -43.92
C TYR A 55 33.06 -23.67 -43.42
N ALA A 56 33.26 -23.11 -42.23
CA ALA A 56 34.59 -22.97 -41.64
C ALA A 56 35.14 -24.35 -41.27
N LEU A 57 34.26 -25.27 -40.88
CA LEU A 57 34.66 -26.62 -40.53
C LEU A 57 35.11 -27.35 -41.79
N LYS A 58 34.44 -27.09 -42.91
CA LYS A 58 34.73 -27.84 -44.13
C LYS A 58 35.94 -27.27 -44.86
N TYR A 59 36.07 -25.95 -44.92
CA TYR A 59 37.08 -25.33 -45.79
C TYR A 59 38.16 -24.59 -45.00
N GLY A 60 38.10 -24.65 -43.69
CA GLY A 60 39.01 -23.89 -42.84
C GLY A 60 40.45 -24.38 -42.86
N ASN A 61 40.71 -25.63 -43.31
CA ASN A 61 42.05 -26.18 -43.27
C ASN A 61 42.63 -26.40 -44.67
N VAL A 62 42.05 -25.79 -45.70
CA VAL A 62 42.62 -25.94 -47.02
C VAL A 62 43.90 -25.10 -47.09
N GLU A 63 44.67 -25.38 -48.15
CA GLU A 63 45.92 -24.71 -48.47
C GLU A 63 45.60 -23.26 -48.84
N ASN A 64 46.52 -22.34 -48.54
CA ASN A 64 46.39 -20.97 -49.00
C ASN A 64 46.23 -20.94 -50.51
N GLY A 65 45.33 -20.10 -51.02
CA GLY A 65 45.09 -19.94 -52.44
C GLY A 65 44.16 -21.01 -53.02
N TYR A 66 43.64 -21.93 -52.19
CA TYR A 66 42.80 -23.01 -52.69
C TYR A 66 41.47 -22.44 -53.20
N ILE A 67 41.00 -23.00 -54.31
CA ILE A 67 39.70 -22.64 -54.83
C ILE A 67 39.13 -23.82 -55.62
N ASP A 68 37.88 -24.16 -55.34
CA ASP A 68 37.16 -25.23 -56.02
C ASP A 68 36.07 -24.59 -56.88
N LYS A 69 36.38 -24.36 -58.16
CA LYS A 69 35.48 -23.77 -59.12
C LYS A 69 34.36 -24.74 -59.50
N ASP A 70 34.43 -26.00 -59.05
CA ASP A 70 33.44 -27.00 -59.42
C ASP A 70 32.30 -27.08 -58.41
N THR A 71 32.38 -26.28 -57.33
CA THR A 71 31.37 -26.25 -56.29
C THR A 71 30.85 -24.82 -56.11
N THR A 72 29.54 -24.63 -56.30
CA THR A 72 28.89 -23.35 -56.11
C THR A 72 28.09 -23.37 -54.82
N LEU A 73 28.37 -22.44 -53.90
CA LEU A 73 27.71 -22.42 -52.60
C LEU A 73 27.04 -21.08 -52.34
N SER A 74 25.93 -21.12 -51.59
CA SER A 74 25.24 -19.94 -51.12
C SER A 74 25.46 -19.78 -49.63
N LEU A 75 25.97 -18.61 -49.23
CA LEU A 75 26.15 -18.26 -47.83
C LEU A 75 25.44 -16.95 -47.53
N SER A 76 25.07 -16.77 -46.27
CA SER A 76 24.46 -15.52 -45.83
C SER A 76 24.96 -15.16 -44.44
N GLY A 77 24.97 -13.85 -44.19
CA GLY A 77 25.33 -13.28 -42.89
C GLY A 77 25.10 -11.78 -42.87
N ARG A 78 25.52 -11.13 -41.77
CA ARG A 78 25.49 -9.69 -41.67
C ARG A 78 26.86 -9.17 -42.07
N VAL A 79 26.89 -8.11 -42.88
CA VAL A 79 28.14 -7.48 -43.31
C VAL A 79 28.77 -6.72 -42.14
N THR A 80 30.04 -7.02 -41.84
CA THR A 80 30.78 -6.33 -40.79
C THR A 80 31.91 -5.49 -41.36
N SER A 81 32.17 -5.62 -42.67
CA SER A 81 33.31 -4.94 -43.29
C SER A 81 33.15 -4.89 -44.81
N ILE A 82 33.54 -3.74 -45.39
CA ILE A 82 33.61 -3.54 -46.82
C ILE A 82 34.91 -2.82 -47.12
N ARG A 83 35.77 -3.46 -47.92
CA ARG A 83 37.04 -2.92 -48.38
C ARG A 83 37.09 -3.07 -49.90
N SER A 84 37.27 -1.98 -50.65
CA SER A 84 37.52 -2.11 -52.08
C SER A 84 39.02 -2.04 -52.36
N SER A 85 39.55 -3.00 -53.10
CA SER A 85 40.93 -2.95 -53.57
C SER A 85 41.02 -2.17 -54.88
N SER A 86 39.95 -2.17 -55.68
CA SER A 86 39.95 -1.49 -56.96
C SER A 86 38.51 -1.39 -57.48
N SER A 87 38.32 -0.85 -58.69
CA SER A 87 37.00 -0.76 -59.29
C SER A 87 36.41 -2.14 -59.57
N LYS A 88 37.26 -3.17 -59.55
CA LYS A 88 36.90 -4.50 -60.03
C LYS A 88 36.95 -5.55 -58.93
N LEU A 89 37.38 -5.21 -57.71
CA LEU A 89 37.60 -6.19 -56.67
C LEU A 89 37.14 -5.64 -55.31
N ILE A 90 36.18 -6.32 -54.68
CA ILE A 90 35.61 -5.87 -53.41
C ILE A 90 35.69 -7.01 -52.39
N PHE A 91 36.13 -6.68 -51.17
CA PHE A 91 36.22 -7.61 -50.06
C PHE A 91 35.16 -7.28 -49.01
N TYR A 92 34.31 -8.25 -48.70
CA TYR A 92 33.38 -8.16 -47.57
C TYR A 92 33.80 -9.10 -46.45
N ASP A 93 33.44 -8.75 -45.22
CA ASP A 93 33.31 -9.75 -44.17
C ASP A 93 31.84 -9.94 -43.83
N ILE A 94 31.38 -11.21 -43.77
CA ILE A 94 30.07 -11.49 -43.21
C ILE A 94 30.24 -12.33 -41.95
N PHE A 95 29.26 -12.19 -41.06
CA PHE A 95 29.24 -12.83 -39.75
C PHE A 95 27.87 -13.44 -39.48
N CYS A 96 27.83 -14.67 -38.97
CA CYS A 96 26.59 -15.37 -38.66
C CYS A 96 26.92 -16.57 -37.77
N GLU A 97 26.09 -16.82 -36.76
CA GLU A 97 26.24 -17.94 -35.84
C GLU A 97 27.67 -18.06 -35.34
N GLU A 98 28.24 -16.93 -34.90
CA GLU A 98 29.55 -16.91 -34.25
C GLU A 98 30.72 -17.17 -35.21
N GLN A 99 30.51 -17.04 -36.53
CA GLN A 99 31.56 -17.34 -37.48
C GLN A 99 31.69 -16.22 -38.51
N LYS A 100 32.93 -15.71 -38.68
CA LYS A 100 33.25 -14.75 -39.72
C LYS A 100 33.74 -15.48 -40.96
N VAL A 101 33.38 -14.94 -42.14
CA VAL A 101 33.85 -15.47 -43.41
C VAL A 101 34.08 -14.29 -44.36
N GLN A 102 35.17 -14.30 -45.11
CA GLN A 102 35.47 -13.25 -46.07
C GLN A 102 34.85 -13.57 -47.44
N ILE A 103 34.27 -12.56 -48.06
CA ILE A 103 33.78 -12.67 -49.43
C ILE A 103 34.69 -11.84 -50.33
N ILE A 104 35.11 -12.43 -51.47
CA ILE A 104 35.96 -11.76 -52.45
C ILE A 104 35.18 -11.66 -53.75
N ALA A 105 34.70 -10.45 -54.07
CA ALA A 105 33.86 -10.22 -55.25
C ALA A 105 34.69 -9.63 -56.38
N ASN A 106 35.04 -10.46 -57.36
CA ASN A 106 35.76 -10.03 -58.56
C ASN A 106 34.77 -9.83 -59.70
N ILE A 107 34.90 -8.70 -60.41
CA ILE A 107 34.03 -8.40 -61.55
C ILE A 107 34.13 -9.52 -62.59
N MET A 108 35.28 -10.19 -62.66
CA MET A 108 35.50 -11.23 -63.66
C MET A 108 34.52 -12.39 -63.44
N GLU A 109 34.07 -12.59 -62.19
CA GLU A 109 33.25 -13.74 -61.83
C GLU A 109 31.77 -13.36 -61.77
N HIS A 110 31.45 -12.07 -61.88
CA HIS A 110 30.11 -11.58 -61.59
C HIS A 110 29.11 -12.11 -62.63
N ASP A 111 28.01 -12.65 -62.11
CA ASP A 111 26.86 -13.10 -62.89
C ASP A 111 26.04 -11.88 -63.29
N ILE A 112 26.17 -11.49 -64.57
CA ILE A 112 25.59 -10.26 -65.09
C ILE A 112 24.06 -10.33 -65.09
N SER A 113 23.49 -11.54 -65.01
CA SER A 113 22.04 -11.68 -64.99
C SER A 113 21.43 -11.09 -63.70
N THR A 114 22.26 -10.87 -62.66
CA THR A 114 21.80 -10.27 -61.42
C THR A 114 21.99 -8.76 -61.43
N GLY A 115 22.51 -8.22 -62.55
CA GLY A 115 22.75 -6.79 -62.70
C GLY A 115 24.23 -6.47 -62.92
N GLU A 116 24.52 -5.21 -63.31
CA GLU A 116 25.89 -4.74 -63.44
C GLU A 116 26.61 -4.84 -62.09
N PHE A 117 27.86 -5.30 -62.14
CA PHE A 117 28.69 -5.45 -60.95
C PHE A 117 28.57 -4.22 -60.05
N SER A 118 28.79 -3.03 -60.61
CA SER A 118 28.84 -1.81 -59.80
C SER A 118 27.49 -1.56 -59.15
N VAL A 119 26.41 -1.85 -59.88
CA VAL A 119 25.05 -1.60 -59.41
C VAL A 119 24.75 -2.53 -58.24
N SER A 120 25.04 -3.83 -58.42
CA SER A 120 24.79 -4.87 -57.43
C SER A 120 25.46 -4.51 -56.10
N HIS A 121 26.71 -4.03 -56.16
CA HIS A 121 27.50 -3.80 -54.95
C HIS A 121 27.26 -2.41 -54.37
N SER A 122 26.67 -1.50 -55.15
CA SER A 122 26.34 -0.16 -54.67
C SER A 122 25.16 -0.21 -53.70
N GLU A 123 24.36 -1.28 -53.79
CA GLU A 123 23.20 -1.48 -52.95
C GLU A 123 23.58 -2.03 -51.57
N ILE A 124 24.86 -2.39 -51.34
CA ILE A 124 25.25 -3.05 -50.11
C ILE A 124 25.95 -2.06 -49.19
N ARG A 125 25.64 -2.15 -47.89
CA ARG A 125 26.23 -1.29 -46.88
C ARG A 125 26.61 -2.14 -45.67
N ARG A 126 27.50 -1.60 -44.82
CA ARG A 126 27.82 -2.28 -43.59
C ARG A 126 26.56 -2.39 -42.74
N GLY A 127 26.40 -3.52 -42.06
CA GLY A 127 25.22 -3.80 -41.28
C GLY A 127 24.18 -4.60 -42.08
N ASP A 128 24.28 -4.62 -43.42
CA ASP A 128 23.28 -5.31 -44.22
C ASP A 128 23.34 -6.82 -44.01
N VAL A 129 22.16 -7.44 -44.08
CA VAL A 129 22.03 -8.88 -44.13
C VAL A 129 21.95 -9.26 -45.61
N VAL A 130 22.91 -10.06 -46.05
CA VAL A 130 23.14 -10.26 -47.47
C VAL A 130 23.42 -11.72 -47.72
N GLY A 131 23.13 -12.14 -48.93
CA GLY A 131 23.46 -13.47 -49.41
C GLY A 131 24.44 -13.36 -50.56
N PHE A 132 25.31 -14.37 -50.67
CA PHE A 132 26.33 -14.45 -51.70
C PHE A 132 26.32 -15.85 -52.28
N THR A 133 26.62 -15.94 -53.58
CA THR A 133 26.82 -17.22 -54.24
C THR A 133 28.24 -17.25 -54.77
N GLY A 134 28.92 -18.40 -54.70
CA GLY A 134 30.23 -18.51 -55.32
C GLY A 134 31.00 -19.79 -54.96
N PHE A 135 32.33 -19.67 -55.04
CA PHE A 135 33.22 -20.83 -55.01
C PHE A 135 33.99 -20.82 -53.70
N PRO A 136 34.07 -21.98 -53.00
CA PRO A 136 34.75 -22.03 -51.71
C PRO A 136 36.27 -22.04 -51.83
N GLY A 137 36.95 -21.56 -50.78
CA GLY A 137 38.38 -21.77 -50.64
C GLY A 137 39.01 -20.79 -49.67
N LYS A 138 40.19 -20.29 -50.07
CA LYS A 138 41.03 -19.48 -49.22
C LYS A 138 41.86 -18.53 -50.08
N SER A 139 42.08 -17.31 -49.57
CA SER A 139 42.88 -16.31 -50.26
C SER A 139 44.36 -16.72 -50.21
N LYS A 140 45.18 -16.13 -51.09
CA LYS A 140 46.61 -16.34 -51.06
C LYS A 140 47.17 -15.96 -49.69
N ARG A 141 46.57 -14.95 -49.05
CA ARG A 141 47.00 -14.47 -47.73
C ARG A 141 46.54 -15.43 -46.62
N GLY A 142 45.64 -16.38 -46.92
CA GLY A 142 45.29 -17.45 -46.00
C GLY A 142 43.98 -17.22 -45.23
N GLU A 143 43.11 -16.34 -45.75
CA GLU A 143 41.85 -16.00 -45.10
C GLU A 143 40.76 -16.87 -45.71
N LEU A 144 39.96 -17.52 -44.85
CA LEU A 144 38.84 -18.33 -45.31
C LEU A 144 37.87 -17.45 -46.09
N SER A 145 37.52 -17.84 -47.32
CA SER A 145 36.84 -16.92 -48.21
C SER A 145 35.80 -17.63 -49.08
N LEU A 146 34.86 -16.86 -49.62
CA LEU A 146 34.06 -17.29 -50.75
C LEU A 146 34.33 -16.36 -51.92
N PHE A 147 34.67 -16.96 -53.06
CA PHE A 147 34.92 -16.21 -54.29
C PHE A 147 33.57 -16.04 -55.00
N SER A 148 32.96 -14.87 -54.82
CA SER A 148 31.54 -14.69 -55.11
C SER A 148 31.31 -14.43 -56.59
N LYS A 149 30.13 -14.86 -57.06
CA LYS A 149 29.62 -14.60 -58.40
C LYS A 149 28.38 -13.70 -58.35
N SER A 150 27.78 -13.52 -57.17
CA SER A 150 26.57 -12.72 -57.02
C SER A 150 26.45 -12.29 -55.58
N VAL A 151 25.62 -11.25 -55.37
CA VAL A 151 25.25 -10.79 -54.05
C VAL A 151 23.76 -10.44 -54.06
N VAL A 152 23.07 -10.73 -52.95
CA VAL A 152 21.68 -10.36 -52.79
C VAL A 152 21.49 -9.59 -51.48
N LEU A 153 20.79 -8.47 -51.57
CA LEU A 153 20.38 -7.72 -50.41
C LEU A 153 19.12 -8.35 -49.84
N LEU A 154 19.24 -8.93 -48.64
CA LEU A 154 18.14 -9.66 -48.02
C LEU A 154 17.36 -8.76 -47.05
N SER A 155 18.10 -8.00 -46.24
CA SER A 155 17.48 -7.13 -45.25
C SER A 155 18.44 -6.00 -44.91
N PRO A 156 18.30 -4.79 -45.49
CA PRO A 156 19.22 -3.70 -45.22
C PRO A 156 19.13 -3.15 -43.81
N CYS A 157 20.22 -2.53 -43.39
CA CYS A 157 20.29 -1.83 -42.14
C CYS A 157 20.21 -0.33 -42.43
N TYR A 158 19.22 0.34 -41.83
CA TYR A 158 18.93 1.73 -42.13
C TYR A 158 19.64 2.68 -41.17
N HIS A 159 20.62 2.18 -40.40
CA HIS A 159 21.31 2.99 -39.41
C HIS A 159 22.80 2.73 -39.50
N MET A 160 23.61 3.76 -39.23
CA MET A 160 25.04 3.57 -39.18
C MET A 160 25.39 2.90 -37.86
N LEU A 161 26.00 1.71 -37.93
CA LEU A 161 26.36 0.94 -36.74
C LEU A 161 27.77 1.32 -36.32
N PRO A 162 28.17 1.18 -35.04
CA PRO A 162 29.58 1.17 -34.69
C PRO A 162 30.14 -0.22 -34.97
N THR A 163 31.46 -0.39 -34.78
CA THR A 163 32.10 -1.67 -35.00
C THR A 163 32.14 -2.47 -33.69
N ALA A 164 31.98 -1.80 -32.55
CA ALA A 164 31.93 -2.45 -31.25
C ALA A 164 31.03 -1.62 -30.33
N ILE A 165 30.75 -2.17 -29.13
CA ILE A 165 29.78 -1.61 -28.20
C ILE A 165 30.28 -0.28 -27.62
N SER A 166 31.60 -0.06 -27.62
CA SER A 166 32.16 1.17 -27.08
C SER A 166 31.85 2.36 -28.00
N GLY A 167 31.37 2.09 -29.22
CA GLY A 167 30.99 3.13 -30.17
C GLY A 167 29.52 3.54 -30.10
N LEU A 168 28.83 3.15 -29.03
CA LEU A 168 27.43 3.50 -28.84
C LEU A 168 27.36 4.78 -28.01
N LYS A 169 26.31 5.59 -28.22
CA LYS A 169 26.12 6.84 -27.50
C LYS A 169 26.46 6.62 -26.03
N ASP A 170 25.77 5.66 -25.38
CA ASP A 170 26.08 5.25 -24.01
C ASP A 170 25.82 3.74 -23.89
N GLN A 171 26.24 3.15 -22.76
CA GLN A 171 26.25 1.71 -22.61
C GLN A 171 24.87 1.18 -22.18
N GLU A 172 23.92 2.06 -21.87
CA GLU A 172 22.53 1.68 -21.59
C GLU A 172 21.80 1.29 -22.88
N VAL A 173 22.32 1.70 -24.04
CA VAL A 173 21.78 1.28 -25.32
C VAL A 173 21.82 -0.25 -25.43
N ARG A 174 22.82 -0.86 -24.78
CA ARG A 174 22.99 -2.30 -24.82
C ARG A 174 21.75 -3.01 -24.28
N TYR A 175 21.00 -2.32 -23.40
CA TYR A 175 19.86 -2.91 -22.73
C TYR A 175 18.55 -2.45 -23.37
N ARG A 176 18.47 -1.19 -23.82
CA ARG A 176 17.26 -0.69 -24.44
C ARG A 176 17.10 -1.28 -25.83
N GLN A 177 18.25 -1.62 -26.44
CA GLN A 177 18.29 -2.20 -27.77
C GLN A 177 19.25 -3.39 -27.74
N ARG A 178 18.80 -4.50 -27.16
CA ARG A 178 19.67 -5.63 -26.91
C ARG A 178 20.17 -6.20 -28.24
N TYR A 179 19.41 -6.06 -29.33
CA TYR A 179 19.83 -6.55 -30.62
C TYR A 179 21.19 -5.97 -30.98
N LEU A 180 21.45 -4.70 -30.67
CA LEU A 180 22.75 -4.10 -30.97
C LEU A 180 23.85 -4.79 -30.18
N ASP A 181 23.63 -4.96 -28.88
CA ASP A 181 24.58 -5.65 -28.04
C ASP A 181 24.86 -7.06 -28.58
N LEU A 182 23.83 -7.80 -28.95
CA LEU A 182 23.98 -9.17 -29.40
C LEU A 182 24.69 -9.20 -30.75
N MET A 183 24.38 -8.23 -31.61
CA MET A 183 25.08 -8.02 -32.87
C MET A 183 26.59 -7.85 -32.67
N LEU A 184 27.00 -7.02 -31.71
CA LEU A 184 28.36 -6.49 -31.67
C LEU A 184 29.23 -7.12 -30.58
N ASN A 185 28.65 -7.82 -29.61
CA ASN A 185 29.36 -8.20 -28.39
C ASN A 185 29.23 -9.70 -28.13
N GLU A 186 30.30 -10.44 -28.41
CA GLU A 186 30.34 -11.89 -28.18
C GLU A 186 30.12 -12.23 -26.70
N GLU A 187 30.65 -11.43 -25.80
CA GLU A 187 30.58 -11.67 -24.37
C GLU A 187 29.11 -11.70 -23.91
N SER A 188 28.28 -10.93 -24.59
CA SER A 188 26.86 -10.85 -24.28
C SER A 188 26.16 -12.13 -24.75
N ARG A 189 26.39 -12.49 -26.01
CA ARG A 189 25.89 -13.74 -26.56
C ARG A 189 26.28 -14.94 -25.67
N LYS A 190 27.48 -14.92 -25.06
CA LYS A 190 27.96 -16.05 -24.28
C LYS A 190 27.14 -16.21 -22.99
N VAL A 191 26.73 -15.10 -22.37
CA VAL A 191 25.98 -15.15 -21.13
C VAL A 191 24.69 -15.95 -21.32
N PHE A 192 24.01 -15.77 -22.45
CA PHE A 192 22.68 -16.33 -22.66
C PHE A 192 22.78 -17.78 -23.11
N LYS A 193 23.89 -18.13 -23.75
CA LYS A 193 24.23 -19.51 -24.03
C LYS A 193 24.51 -20.25 -22.71
N LEU A 194 25.20 -19.58 -21.78
CA LEU A 194 25.58 -20.18 -20.52
C LEU A 194 24.34 -20.35 -19.63
N ARG A 195 23.46 -19.35 -19.70
CA ARG A 195 22.19 -19.41 -19.01
C ARG A 195 21.45 -20.67 -19.43
N SER A 196 21.37 -20.94 -20.74
CA SER A 196 20.68 -22.11 -21.27
C SER A 196 21.33 -23.41 -20.78
N ARG A 197 22.65 -23.45 -20.85
CA ARG A 197 23.44 -24.58 -20.40
C ARG A 197 23.16 -24.90 -18.93
N ALA A 198 23.12 -23.87 -18.08
CA ALA A 198 22.99 -24.05 -16.64
C ALA A 198 21.61 -24.61 -16.30
N ILE A 199 20.59 -24.14 -17.00
CA ILE A 199 19.23 -24.55 -16.73
C ILE A 199 19.03 -25.99 -17.22
N LYS A 200 19.57 -26.34 -18.38
CA LYS A 200 19.62 -27.75 -18.77
C LYS A 200 20.21 -28.61 -17.67
N TYR A 201 21.33 -28.18 -17.10
CA TYR A 201 22.01 -28.96 -16.08
C TYR A 201 21.08 -29.17 -14.90
N ILE A 202 20.39 -28.10 -14.48
CA ILE A 202 19.51 -28.13 -13.33
C ILE A 202 18.32 -29.05 -13.59
N ARG A 203 17.64 -28.88 -14.74
CA ARG A 203 16.53 -29.76 -15.07
C ARG A 203 16.99 -31.22 -15.01
N ASN A 204 18.10 -31.51 -15.66
CA ASN A 204 18.60 -32.87 -15.73
C ASN A 204 18.83 -33.45 -14.33
N TYR A 205 19.42 -32.66 -13.41
CA TYR A 205 19.65 -33.11 -12.05
C TYR A 205 18.39 -33.69 -11.41
N PHE A 206 17.31 -32.92 -11.48
CA PHE A 206 16.04 -33.23 -10.85
C PHE A 206 15.28 -34.30 -11.65
N ASP A 207 15.40 -34.27 -12.98
CA ASP A 207 14.81 -35.29 -13.82
C ASP A 207 15.34 -36.68 -13.43
N ARG A 208 16.64 -36.78 -13.15
CA ARG A 208 17.25 -38.07 -12.84
C ARG A 208 16.86 -38.52 -11.44
N LEU A 209 16.33 -37.61 -10.62
CA LEU A 209 15.84 -37.96 -9.30
C LEU A 209 14.37 -38.37 -9.34
N GLY A 210 13.77 -38.40 -10.54
CA GLY A 210 12.37 -38.78 -10.69
C GLY A 210 11.36 -37.65 -10.41
N PHE A 211 11.80 -36.38 -10.48
CA PHE A 211 10.91 -35.25 -10.29
C PHE A 211 10.01 -35.03 -11.51
N LEU A 212 8.88 -34.38 -11.25
CA LEU A 212 7.94 -34.02 -12.30
C LEU A 212 7.85 -32.50 -12.35
N GLU A 213 8.04 -31.96 -13.55
CA GLU A 213 7.93 -30.54 -13.77
C GLU A 213 6.47 -30.16 -13.91
N VAL A 214 6.10 -29.04 -13.30
CA VAL A 214 4.72 -28.60 -13.30
C VAL A 214 4.67 -27.10 -13.54
N GLU A 215 3.48 -26.65 -13.92
CA GLU A 215 3.15 -25.24 -14.07
C GLU A 215 1.93 -24.91 -13.21
N THR A 216 2.16 -23.98 -12.27
CA THR A 216 1.11 -23.46 -11.41
C THR A 216 0.84 -22.03 -11.85
N PRO A 217 -0.32 -21.44 -11.49
CA PRO A 217 -0.76 -20.18 -12.10
C PRO A 217 0.10 -18.99 -11.72
N MET A 218 0.29 -18.11 -12.70
CA MET A 218 0.91 -16.83 -12.47
C MET A 218 -0.13 -15.75 -12.16
N LEU A 219 -1.39 -16.00 -12.52
CA LEU A 219 -2.51 -15.17 -12.09
C LEU A 219 -3.12 -15.80 -10.85
N ASN A 220 -3.14 -15.05 -9.75
CA ASN A 220 -3.51 -15.56 -8.43
C ASN A 220 -4.67 -14.75 -7.90
N MET A 221 -5.62 -15.40 -7.24
CA MET A 221 -6.64 -14.65 -6.54
C MET A 221 -6.12 -14.16 -5.19
N ILE A 222 -5.13 -14.85 -4.65
CA ILE A 222 -4.44 -14.45 -3.43
C ILE A 222 -2.95 -14.67 -3.64
N TYR A 223 -2.15 -13.60 -3.48
CA TYR A 223 -0.71 -13.72 -3.57
C TYR A 223 -0.17 -14.25 -2.25
N GLY A 224 0.96 -14.93 -2.33
CA GLY A 224 1.60 -15.47 -1.14
C GLY A 224 2.87 -16.25 -1.47
N GLY A 225 3.59 -16.65 -0.40
CA GLY A 225 4.78 -17.46 -0.53
C GLY A 225 6.09 -16.67 -0.45
N ALA A 226 6.03 -15.34 -0.26
CA ALA A 226 7.25 -14.56 -0.18
C ALA A 226 6.98 -13.21 0.45
N ALA A 227 8.02 -12.59 0.99
CA ALA A 227 8.01 -11.20 1.43
C ALA A 227 8.22 -10.25 0.24
N ALA A 228 7.13 -9.89 -0.46
CA ALA A 228 7.21 -9.10 -1.66
C ALA A 228 5.90 -8.40 -1.95
N ARG A 229 5.97 -7.20 -2.54
CA ARG A 229 4.77 -6.50 -2.93
C ARG A 229 4.33 -7.01 -4.30
N PRO A 230 3.04 -7.30 -4.52
CA PRO A 230 2.56 -7.82 -5.80
C PRO A 230 2.16 -6.80 -6.87
N PHE A 231 2.25 -7.22 -8.12
CA PHE A 231 1.54 -6.56 -9.19
C PHE A 231 0.06 -6.94 -9.10
N ILE A 232 -0.83 -6.01 -9.48
CA ILE A 232 -2.27 -6.20 -9.42
C ILE A 232 -2.85 -6.04 -10.83
N THR A 233 -3.89 -6.81 -11.13
CA THR A 233 -4.52 -6.74 -12.43
C THR A 233 -5.97 -7.22 -12.28
N TYR A 234 -6.66 -7.38 -13.41
CA TYR A 234 -8.10 -7.58 -13.37
C TYR A 234 -8.53 -8.43 -14.56
N HIS A 235 -9.38 -9.42 -14.29
CA HIS A 235 -9.94 -10.27 -15.33
C HIS A 235 -11.36 -9.77 -15.61
N ASN A 236 -11.55 -9.07 -16.74
CA ASN A 236 -12.78 -8.32 -16.97
C ASN A 236 -14.00 -9.23 -17.10
N GLU A 237 -13.89 -10.31 -17.87
CA GLU A 237 -15.02 -11.19 -18.13
C GLU A 237 -15.49 -11.86 -16.85
N LEU A 238 -14.58 -12.23 -15.94
CA LEU A 238 -14.96 -12.87 -14.70
C LEU A 238 -15.06 -11.86 -13.57
N GLU A 239 -14.93 -10.57 -13.90
CA GLU A 239 -15.10 -9.50 -12.94
C GLU A 239 -14.40 -9.81 -11.62
N THR A 240 -13.14 -10.20 -11.69
CA THR A 240 -12.39 -10.51 -10.49
C THR A 240 -11.01 -9.86 -10.58
N GLN A 241 -10.55 -9.26 -9.49
CA GLN A 241 -9.19 -8.75 -9.48
C GLN A 241 -8.23 -9.90 -9.17
N LEU A 242 -7.01 -9.80 -9.70
CA LEU A 242 -6.01 -10.85 -9.61
C LEU A 242 -4.68 -10.25 -9.22
N TYR A 243 -3.78 -11.06 -8.66
CA TYR A 243 -2.40 -10.65 -8.47
C TYR A 243 -1.51 -11.54 -9.34
N MET A 244 -0.41 -10.97 -9.85
CA MET A 244 0.63 -11.78 -10.44
C MET A 244 1.35 -12.45 -9.27
N ARG A 245 1.81 -13.69 -9.48
CA ARG A 245 2.40 -14.45 -8.39
C ARG A 245 3.71 -13.81 -7.95
N ILE A 246 3.95 -13.83 -6.64
CA ILE A 246 5.26 -13.46 -6.11
C ILE A 246 6.10 -14.72 -5.91
N ALA A 247 5.42 -15.87 -5.86
CA ALA A 247 6.05 -17.18 -5.68
C ALA A 247 4.98 -18.23 -5.96
N PRO A 248 5.36 -19.43 -6.46
CA PRO A 248 4.40 -20.52 -6.69
C PRO A 248 4.12 -21.45 -5.49
N GLU A 249 4.74 -21.13 -4.35
CA GLU A 249 4.88 -22.00 -3.21
C GLU A 249 3.56 -22.59 -2.73
N LEU A 250 2.51 -21.76 -2.63
CA LEU A 250 1.26 -22.19 -2.03
C LEU A 250 0.51 -23.17 -2.94
N TYR A 251 0.71 -23.05 -4.25
CA TYR A 251 0.13 -24.00 -5.19
C TYR A 251 0.92 -25.31 -5.17
N LEU A 252 2.24 -25.20 -5.19
CA LEU A 252 3.11 -26.35 -5.34
C LEU A 252 2.94 -27.31 -4.18
N LYS A 253 2.74 -26.76 -2.97
CA LYS A 253 2.60 -27.59 -1.78
C LYS A 253 1.34 -28.43 -1.91
N GLN A 254 0.33 -27.89 -2.58
CA GLN A 254 -0.92 -28.61 -2.78
C GLN A 254 -0.71 -29.85 -3.66
N LEU A 255 0.30 -29.81 -4.53
CA LEU A 255 0.57 -30.95 -5.40
C LEU A 255 1.14 -32.10 -4.58
N ILE A 256 1.85 -31.75 -3.50
CA ILE A 256 2.40 -32.74 -2.60
C ILE A 256 1.27 -33.35 -1.76
N VAL A 257 0.27 -32.53 -1.39
CA VAL A 257 -0.91 -33.07 -0.76
C VAL A 257 -1.54 -34.09 -1.71
N GLY A 258 -1.52 -33.77 -3.00
CA GLY A 258 -2.15 -34.58 -4.03
C GLY A 258 -1.37 -35.85 -4.34
N GLY A 259 -0.15 -35.97 -3.81
CA GLY A 259 0.60 -37.22 -3.88
C GLY A 259 1.64 -37.28 -4.99
N LEU A 260 1.98 -36.15 -5.63
CA LEU A 260 2.95 -36.19 -6.73
C LEU A 260 4.38 -36.33 -6.21
N ASP A 261 4.60 -36.20 -4.89
CA ASP A 261 5.80 -36.63 -4.18
C ASP A 261 7.03 -35.75 -4.44
N LYS A 262 7.33 -35.48 -5.71
CA LYS A 262 8.48 -34.69 -6.11
C LYS A 262 8.08 -33.83 -7.30
N VAL A 263 7.98 -32.50 -7.08
CA VAL A 263 7.66 -31.57 -8.16
C VAL A 263 8.66 -30.41 -8.16
N TYR A 264 8.94 -29.90 -9.36
CA TYR A 264 9.65 -28.64 -9.52
C TYR A 264 8.94 -27.77 -10.54
N GLU A 265 9.13 -26.45 -10.40
CA GLU A 265 8.67 -25.47 -11.36
C GLU A 265 9.80 -24.49 -11.64
N ILE A 266 10.02 -24.12 -12.91
CA ILE A 266 11.00 -23.11 -13.29
C ILE A 266 10.24 -22.07 -14.12
N GLY A 267 10.27 -20.80 -13.68
CA GLY A 267 9.40 -19.80 -14.30
C GLY A 267 9.44 -18.47 -13.56
N LYS A 268 8.80 -17.46 -14.16
CA LYS A 268 8.90 -16.09 -13.66
C LYS A 268 8.09 -15.92 -12.37
N ASN A 269 8.68 -15.17 -11.45
CA ASN A 269 7.96 -14.50 -10.39
C ASN A 269 7.87 -13.02 -10.73
N PHE A 270 6.90 -12.33 -10.14
CA PHE A 270 6.71 -10.91 -10.37
C PHE A 270 6.71 -10.19 -9.03
N ARG A 271 7.59 -9.23 -8.85
CA ARG A 271 7.68 -8.53 -7.59
C ARG A 271 7.72 -7.03 -7.88
N ASN A 272 6.63 -6.36 -7.43
CA ASN A 272 6.39 -4.96 -7.65
C ASN A 272 7.21 -4.14 -6.67
N GLU A 273 8.51 -4.00 -6.97
CA GLU A 273 9.49 -3.36 -6.11
C GLU A 273 10.56 -2.72 -7.00
N GLY A 274 11.49 -1.97 -6.35
CA GLY A 274 12.47 -1.18 -7.07
C GLY A 274 13.49 -2.05 -7.81
N ILE A 275 14.09 -1.49 -8.87
CA ILE A 275 15.17 -2.13 -9.60
C ILE A 275 16.51 -1.61 -9.10
N ASP A 276 17.51 -2.50 -9.12
CA ASP A 276 18.89 -2.18 -8.80
C ASP A 276 19.74 -3.34 -9.33
N LEU A 277 20.96 -3.48 -8.83
CA LEU A 277 21.92 -4.38 -9.45
C LEU A 277 21.51 -5.83 -9.31
N THR A 278 20.61 -6.12 -8.34
CA THR A 278 20.20 -7.50 -8.05
C THR A 278 18.68 -7.65 -8.04
N HIS A 279 17.93 -6.68 -8.60
CA HIS A 279 16.49 -6.74 -8.58
C HIS A 279 15.92 -6.30 -9.94
N ASN A 280 14.94 -7.06 -10.42
CA ASN A 280 14.19 -6.80 -11.65
C ASN A 280 12.75 -7.20 -11.33
N PRO A 281 11.72 -6.47 -11.82
CA PRO A 281 10.35 -6.74 -11.41
C PRO A 281 9.84 -8.12 -11.84
N GLU A 282 10.52 -8.73 -12.82
CA GLU A 282 10.29 -10.14 -13.08
C GLU A 282 11.62 -10.83 -13.14
N PHE A 283 11.66 -12.05 -12.64
CA PHE A 283 12.85 -12.87 -12.73
C PHE A 283 12.46 -14.33 -12.73
N THR A 284 13.43 -15.18 -13.08
CA THR A 284 13.25 -16.62 -13.22
C THR A 284 13.65 -17.30 -11.90
N ALA A 285 12.68 -17.98 -11.30
CA ALA A 285 12.87 -18.76 -10.10
C ALA A 285 12.64 -20.24 -10.40
N MET A 286 13.32 -21.06 -9.61
CA MET A 286 12.96 -22.47 -9.52
C MET A 286 12.55 -22.77 -8.09
N GLU A 287 11.42 -23.44 -7.93
CA GLU A 287 11.05 -24.05 -6.66
C GLU A 287 10.91 -25.56 -6.89
N PHE A 288 11.22 -26.34 -5.86
CA PHE A 288 10.91 -27.76 -5.85
C PHE A 288 10.39 -28.13 -4.46
N TYR A 289 9.47 -29.11 -4.45
CA TYR A 289 8.98 -29.69 -3.22
C TYR A 289 9.20 -31.20 -3.28
N MET A 290 9.83 -31.72 -2.24
CA MET A 290 10.20 -33.12 -2.12
C MET A 290 9.60 -33.69 -0.84
N ALA A 291 8.64 -34.61 -0.98
CA ALA A 291 8.04 -35.26 0.18
C ALA A 291 9.08 -36.10 0.93
N TYR A 292 9.01 -36.05 2.25
CA TYR A 292 9.77 -36.85 3.18
C TYR A 292 11.18 -36.26 3.39
N ALA A 293 11.48 -35.11 2.77
CA ALA A 293 12.76 -34.45 2.99
C ALA A 293 12.60 -33.43 4.12
N ASP A 294 13.69 -33.08 4.78
CA ASP A 294 13.71 -31.97 5.71
C ASP A 294 14.80 -31.01 5.26
N TYR A 295 14.99 -29.93 6.01
CA TYR A 295 15.91 -28.87 5.59
C TYR A 295 17.35 -29.37 5.61
N TYR A 296 17.66 -30.35 6.48
CA TYR A 296 18.98 -30.98 6.47
C TYR A 296 19.25 -31.65 5.12
N ASP A 297 18.29 -32.44 4.63
CA ASP A 297 18.39 -33.09 3.34
C ASP A 297 18.54 -32.08 2.22
N LEU A 298 17.87 -30.94 2.35
CA LEU A 298 17.88 -29.92 1.31
C LEU A 298 19.21 -29.16 1.27
N MET A 299 19.87 -29.02 2.42
CA MET A 299 21.18 -28.38 2.43
C MET A 299 22.16 -29.25 1.64
N ASP A 300 22.11 -30.58 1.86
CA ASP A 300 22.99 -31.49 1.16
C ASP A 300 22.71 -31.41 -0.33
N LEU A 301 21.44 -31.38 -0.70
CA LEU A 301 21.06 -31.35 -2.11
C LEU A 301 21.56 -30.07 -2.76
N THR A 302 21.39 -28.94 -2.05
CA THR A 302 21.81 -27.65 -2.58
C THR A 302 23.31 -27.65 -2.88
N GLU A 303 24.11 -28.18 -1.95
CA GLU A 303 25.55 -28.29 -2.11
C GLU A 303 25.90 -29.14 -3.33
N GLU A 304 25.26 -30.29 -3.47
CA GLU A 304 25.56 -31.21 -4.56
C GLU A 304 25.20 -30.58 -5.90
N LEU A 305 24.01 -29.98 -5.97
CA LEU A 305 23.51 -29.42 -7.22
C LEU A 305 24.36 -28.25 -7.66
N ILE A 306 24.62 -27.33 -6.74
CA ILE A 306 25.31 -26.10 -7.11
C ILE A 306 26.79 -26.35 -7.34
N SER A 307 27.44 -27.10 -6.45
CA SER A 307 28.84 -27.44 -6.64
C SER A 307 29.03 -28.22 -7.93
N GLY A 308 28.12 -29.14 -8.23
CA GLY A 308 28.15 -29.87 -9.49
C GLY A 308 28.13 -28.93 -10.69
N LEU A 309 27.22 -27.94 -10.65
CA LEU A 309 27.02 -27.04 -11.77
C LEU A 309 28.24 -26.15 -11.93
N VAL A 310 28.75 -25.63 -10.81
CA VAL A 310 29.94 -24.81 -10.85
C VAL A 310 31.04 -25.60 -11.51
N LEU A 311 31.19 -26.87 -11.11
CA LEU A 311 32.26 -27.72 -11.63
C LEU A 311 32.05 -27.95 -13.12
N GLU A 312 30.81 -28.20 -13.54
CA GLU A 312 30.50 -28.43 -14.92
C GLU A 312 30.93 -27.22 -15.77
N ILE A 313 30.65 -26.01 -15.27
CA ILE A 313 30.89 -24.80 -16.03
C ILE A 313 32.37 -24.41 -15.98
N HIS A 314 32.98 -24.46 -14.79
CA HIS A 314 34.31 -23.87 -14.57
C HIS A 314 35.43 -24.91 -14.48
N GLY A 315 35.12 -26.20 -14.34
CA GLY A 315 36.15 -27.23 -14.22
C GLY A 315 36.79 -27.23 -12.84
N SER A 316 36.23 -26.46 -11.90
CA SER A 316 36.82 -26.26 -10.59
C SER A 316 35.77 -25.61 -9.69
N LEU A 317 35.93 -25.75 -8.36
CA LEU A 317 34.94 -25.16 -7.45
C LEU A 317 35.38 -23.76 -6.99
N LYS A 318 36.58 -23.34 -7.39
CA LYS A 318 37.06 -22.00 -7.07
C LYS A 318 36.94 -21.17 -8.33
N ILE A 319 36.17 -20.08 -8.26
CA ILE A 319 35.86 -19.34 -9.47
C ILE A 319 36.07 -17.84 -9.24
N PRO A 320 36.41 -17.10 -10.31
CA PRO A 320 36.64 -15.66 -10.22
C PRO A 320 35.34 -14.85 -10.20
N TYR A 321 35.35 -13.76 -9.42
CA TYR A 321 34.29 -12.77 -9.45
C TYR A 321 34.91 -11.37 -9.31
N HIS A 322 34.37 -10.46 -10.13
CA HIS A 322 34.84 -9.10 -10.20
C HIS A 322 33.74 -8.17 -9.72
N PRO A 323 33.63 -7.87 -8.41
CA PRO A 323 32.50 -7.07 -7.90
C PRO A 323 32.40 -5.66 -8.49
N ASP A 324 33.53 -5.11 -8.95
CA ASP A 324 33.61 -3.72 -9.40
C ASP A 324 33.99 -3.69 -10.88
N GLY A 325 33.68 -4.76 -11.64
CA GLY A 325 33.87 -4.73 -13.08
C GLY A 325 35.20 -5.30 -13.51
N PRO A 326 35.40 -5.59 -14.81
CA PRO A 326 36.36 -6.61 -15.24
C PRO A 326 37.82 -6.23 -15.11
N GLU A 327 38.10 -4.91 -15.02
CA GLU A 327 39.47 -4.41 -14.88
C GLU A 327 39.73 -3.99 -13.44
N GLY A 328 38.72 -4.14 -12.56
CA GLY A 328 38.89 -3.96 -11.12
C GLY A 328 39.41 -5.22 -10.42
N LYS A 329 39.31 -5.25 -9.09
CA LYS A 329 39.82 -6.36 -8.29
C LYS A 329 39.07 -7.66 -8.64
N CYS A 330 39.75 -8.77 -8.40
CA CYS A 330 39.16 -10.08 -8.61
C CYS A 330 39.21 -10.84 -7.28
N ILE A 331 38.07 -11.34 -6.82
CA ILE A 331 38.09 -12.23 -5.67
C ILE A 331 37.84 -13.64 -6.18
N GLU A 332 38.05 -14.59 -5.28
CA GLU A 332 37.79 -15.98 -5.55
C GLU A 332 36.64 -16.44 -4.66
N ILE A 333 35.65 -17.10 -5.26
CA ILE A 333 34.55 -17.70 -4.53
C ILE A 333 34.77 -19.20 -4.52
N ASP A 334 34.76 -19.79 -3.31
CA ASP A 334 35.10 -21.19 -3.09
C ASP A 334 33.82 -21.97 -2.78
N PHE A 335 33.39 -22.80 -3.75
CA PHE A 335 32.17 -23.60 -3.61
C PHE A 335 32.47 -24.99 -3.05
N THR A 336 33.65 -25.20 -2.46
CA THR A 336 34.00 -26.47 -1.84
C THR A 336 33.00 -26.75 -0.72
N THR A 337 32.42 -27.96 -0.73
CA THR A 337 31.46 -28.40 0.25
C THR A 337 32.17 -29.13 1.40
N PRO A 338 31.61 -29.20 2.62
CA PRO A 338 30.40 -28.48 2.99
C PRO A 338 30.58 -27.00 3.28
N TRP A 339 29.50 -26.23 3.13
CA TRP A 339 29.52 -24.79 3.27
C TRP A 339 29.33 -24.38 4.72
N LYS A 340 29.84 -23.19 5.06
CA LYS A 340 29.69 -22.63 6.40
C LYS A 340 28.20 -22.52 6.74
N ARG A 341 27.87 -22.81 8.00
CA ARG A 341 26.56 -22.53 8.56
C ARG A 341 26.68 -21.37 9.54
N PHE A 342 25.79 -20.39 9.40
CA PHE A 342 25.61 -19.34 10.40
C PHE A 342 24.21 -19.45 10.99
N SER A 343 24.14 -19.65 12.31
CA SER A 343 22.87 -19.67 13.01
C SER A 343 22.37 -18.23 13.21
N PHE A 344 21.15 -17.95 12.74
CA PHE A 344 20.65 -16.59 12.54
C PHE A 344 20.79 -15.76 13.83
N VAL A 345 20.13 -16.20 14.90
CA VAL A 345 20.08 -15.41 16.09
C VAL A 345 21.46 -15.32 16.75
N GLU A 346 22.17 -16.45 16.87
CA GLU A 346 23.46 -16.48 17.56
C GLU A 346 24.45 -15.53 16.89
N GLU A 347 24.46 -15.48 15.55
CA GLU A 347 25.39 -14.62 14.84
C GLU A 347 25.04 -13.15 15.06
N ILE A 348 23.73 -12.84 15.12
CA ILE A 348 23.30 -11.49 15.45
C ILE A 348 23.78 -11.14 16.87
N GLU A 349 23.64 -12.07 17.81
CA GLU A 349 24.02 -11.85 19.20
C GLU A 349 25.54 -11.72 19.34
N SER A 350 26.33 -12.38 18.49
CA SER A 350 27.77 -12.20 18.44
C SER A 350 28.14 -10.77 18.02
N GLY A 351 27.47 -10.27 16.99
CA GLY A 351 27.66 -8.89 16.56
C GLY A 351 27.29 -7.87 17.65
N LEU A 352 26.21 -8.14 18.38
CA LEU A 352 25.68 -7.21 19.37
C LEU A 352 26.53 -7.22 20.64
N GLY A 353 27.15 -8.37 20.94
CA GLY A 353 27.79 -8.57 22.23
C GLY A 353 26.79 -8.75 23.36
N GLU A 354 25.53 -9.10 23.04
CA GLU A 354 24.57 -9.49 24.06
C GLU A 354 23.36 -10.18 23.42
N LYS A 355 22.53 -10.80 24.26
CA LYS A 355 21.41 -11.61 23.81
C LYS A 355 20.18 -10.77 23.48
N LEU A 356 19.46 -11.17 22.43
CA LEU A 356 18.12 -10.67 22.17
C LEU A 356 17.20 -11.13 23.31
N LYS A 357 16.11 -10.39 23.52
CA LYS A 357 15.18 -10.69 24.58
C LYS A 357 14.16 -11.70 24.07
N ARG A 358 13.56 -12.43 25.01
CA ARG A 358 12.67 -13.52 24.67
C ARG A 358 11.32 -13.29 25.35
N PRO A 359 10.17 -13.58 24.70
CA PRO A 359 10.13 -14.04 23.32
C PRO A 359 10.62 -13.00 22.31
N LEU A 360 11.06 -13.46 21.13
CA LEU A 360 11.63 -12.60 20.10
C LEU A 360 10.61 -11.60 19.57
N ASP A 361 9.32 -11.94 19.61
CA ASP A 361 8.28 -11.05 19.09
C ASP A 361 7.62 -10.26 20.22
N SER A 362 8.18 -10.34 21.44
CA SER A 362 7.71 -9.54 22.56
C SER A 362 7.96 -8.06 22.30
N GLN A 363 7.20 -7.22 23.02
CA GLN A 363 7.39 -5.79 22.99
C GLN A 363 8.78 -5.48 23.51
N GLU A 364 9.21 -6.21 24.55
CA GLU A 364 10.52 -6.01 25.14
C GLU A 364 11.59 -6.13 24.06
N ASN A 365 11.48 -7.16 23.21
CA ASN A 365 12.52 -7.41 22.21
C ASN A 365 12.40 -6.44 21.03
N ILE A 366 11.18 -6.10 20.64
CA ILE A 366 11.00 -5.09 19.61
C ILE A 366 11.75 -3.82 20.03
N ASP A 367 11.51 -3.35 21.26
CA ASP A 367 12.17 -2.17 21.79
C ASP A 367 13.69 -2.33 21.79
N PHE A 368 14.16 -3.45 22.36
CA PHE A 368 15.58 -3.74 22.40
C PHE A 368 16.20 -3.65 21.00
N MET A 369 15.51 -4.22 19.99
CA MET A 369 16.05 -4.33 18.65
C MET A 369 16.08 -2.95 18.00
N VAL A 370 15.09 -2.12 18.32
CA VAL A 370 15.09 -0.74 17.88
C VAL A 370 16.29 -0.02 18.48
N GLU A 371 16.50 -0.17 19.81
CA GLU A 371 17.63 0.40 20.51
C GLU A 371 18.94 0.01 19.82
N MET A 372 19.11 -1.30 19.50
CA MET A 372 20.34 -1.79 18.90
C MET A 372 20.52 -1.23 17.50
N CYS A 373 19.43 -1.10 16.74
CA CYS A 373 19.53 -0.51 15.40
C CYS A 373 20.06 0.92 15.48
N GLU A 374 19.64 1.70 16.48
CA GLU A 374 20.07 3.08 16.62
C GLU A 374 21.54 3.10 17.01
N LYS A 375 21.91 2.21 17.94
CA LYS A 375 23.26 2.12 18.46
C LYS A 375 24.28 1.74 17.38
N HIS A 376 23.93 0.83 16.46
CA HIS A 376 24.87 0.36 15.45
C HIS A 376 24.57 1.05 14.12
N GLU A 377 23.76 2.11 14.16
CA GLU A 377 23.47 2.96 13.02
C GLU A 377 22.89 2.14 11.86
N ILE A 378 21.88 1.32 12.17
CA ILE A 378 21.18 0.54 11.16
C ILE A 378 19.85 1.24 10.86
N GLU A 379 19.59 1.45 9.58
CA GLU A 379 18.37 2.11 9.17
C GLU A 379 17.20 1.25 9.63
N LEU A 380 16.24 1.87 10.35
CA LEU A 380 15.10 1.16 10.88
C LEU A 380 14.16 0.81 9.74
N PRO A 381 13.34 -0.26 9.88
CA PRO A 381 12.29 -0.58 8.93
C PRO A 381 10.97 0.07 9.32
N HIS A 382 10.04 0.04 8.37
CA HIS A 382 8.68 0.44 8.67
C HIS A 382 7.70 -0.50 7.99
N PRO A 383 6.71 -1.08 8.73
CA PRO A 383 6.61 -0.88 10.19
C PRO A 383 7.69 -1.60 10.98
N ARG A 384 7.67 -1.36 12.30
CA ARG A 384 8.70 -1.90 13.18
C ARG A 384 8.26 -3.22 13.81
N THR A 385 7.97 -4.21 12.95
CA THR A 385 7.63 -5.56 13.37
C THR A 385 8.91 -6.24 13.79
N ALA A 386 8.78 -7.27 14.64
CA ALA A 386 9.94 -8.03 15.08
C ALA A 386 10.64 -8.66 13.86
N ALA A 387 9.85 -9.18 12.93
CA ALA A 387 10.33 -9.83 11.72
C ALA A 387 11.29 -8.93 10.94
N LYS A 388 10.91 -7.67 10.76
CA LYS A 388 11.63 -6.76 9.88
C LYS A 388 12.83 -6.19 10.62
N LEU A 389 12.74 -6.05 11.96
CA LEU A 389 13.87 -5.66 12.79
C LEU A 389 14.93 -6.78 12.75
N LEU A 390 14.48 -8.03 12.91
CA LEU A 390 15.37 -9.18 12.83
C LEU A 390 16.08 -9.21 11.48
N ASP A 391 15.34 -8.93 10.41
CA ASP A 391 15.89 -8.92 9.06
C ASP A 391 16.99 -7.87 8.92
N LYS A 392 16.74 -6.65 9.41
CA LYS A 392 17.74 -5.59 9.32
C LYS A 392 19.02 -5.98 10.05
N LEU A 393 18.87 -6.62 11.21
CA LEU A 393 20.00 -7.00 12.05
C LEU A 393 20.80 -8.08 11.34
N ALA A 394 20.11 -9.08 10.77
CA ALA A 394 20.74 -10.15 10.02
C ALA A 394 21.48 -9.59 8.80
N GLY A 395 20.90 -8.56 8.17
CA GLY A 395 21.54 -7.92 7.02
C GLY A 395 22.85 -7.22 7.39
N HIS A 396 22.91 -6.66 8.59
CA HIS A 396 24.07 -5.93 9.07
C HIS A 396 25.15 -6.89 9.57
N PHE A 397 24.78 -7.87 10.42
CA PHE A 397 25.76 -8.64 11.16
C PHE A 397 26.07 -9.99 10.51
N VAL A 398 25.19 -10.55 9.65
CA VAL A 398 25.33 -11.94 9.26
C VAL A 398 25.52 -12.07 7.74
N GLU A 399 24.68 -11.39 6.96
CA GLU A 399 24.74 -11.49 5.52
C GLU A 399 26.10 -11.01 4.99
N THR A 400 26.67 -10.04 5.72
CA THR A 400 27.94 -9.43 5.36
C THR A 400 29.11 -10.38 5.60
N LYS A 401 28.92 -11.47 6.36
CA LYS A 401 29.98 -12.44 6.59
C LYS A 401 29.96 -13.52 5.50
N CYS A 402 29.01 -13.46 4.56
CA CYS A 402 28.80 -14.55 3.62
C CYS A 402 29.49 -14.24 2.29
N THR A 403 30.80 -14.49 2.23
CA THR A 403 31.50 -14.27 0.96
C THR A 403 31.38 -15.55 0.14
N ASN A 404 32.07 -16.59 0.59
CA ASN A 404 31.86 -17.91 0.01
C ASN A 404 30.44 -18.36 0.31
N PRO A 405 29.84 -19.24 -0.53
CA PRO A 405 28.50 -19.76 -0.28
C PRO A 405 28.39 -20.17 1.18
N SER A 406 27.41 -19.58 1.86
CA SER A 406 27.15 -19.79 3.27
C SER A 406 25.64 -19.94 3.48
N PHE A 407 25.26 -20.82 4.41
CA PHE A 407 23.88 -20.99 4.83
C PHE A 407 23.68 -20.16 6.10
N ILE A 408 22.68 -19.26 6.05
CA ILE A 408 22.08 -18.74 7.27
C ILE A 408 20.90 -19.65 7.62
N ILE A 409 20.82 -20.09 8.87
CA ILE A 409 19.89 -21.15 9.26
C ILE A 409 19.13 -20.75 10.52
N ASP A 410 18.00 -21.44 10.71
CA ASP A 410 17.28 -21.52 11.96
C ASP A 410 16.60 -20.18 12.28
N HIS A 411 16.05 -19.56 11.21
CA HIS A 411 15.35 -18.29 11.31
C HIS A 411 14.20 -18.35 12.29
N PRO A 412 13.99 -17.30 13.10
CA PRO A 412 12.78 -17.17 13.92
C PRO A 412 11.47 -17.38 13.17
N GLN A 413 10.50 -17.98 13.88
CA GLN A 413 9.18 -18.25 13.36
C GLN A 413 8.48 -16.96 12.95
N THR A 414 8.72 -15.89 13.71
CA THR A 414 8.02 -14.65 13.54
C THR A 414 8.27 -14.09 12.15
N MET A 415 9.37 -14.46 11.49
CA MET A 415 9.67 -13.96 10.15
C MET A 415 9.57 -15.09 9.12
N SER A 416 9.02 -16.25 9.54
CA SER A 416 9.05 -17.47 8.74
C SER A 416 7.69 -18.15 8.82
N PRO A 417 6.65 -17.50 8.28
CA PRO A 417 5.29 -17.96 8.50
C PRO A 417 4.89 -19.30 7.88
N LEU A 418 5.70 -19.82 6.93
CA LEU A 418 5.38 -21.06 6.25
C LEU A 418 6.40 -22.14 6.57
N ALA A 419 7.32 -21.86 7.51
CA ALA A 419 8.37 -22.81 7.87
C ALA A 419 8.01 -23.53 9.17
N LYS A 420 8.32 -24.83 9.22
CA LYS A 420 7.95 -25.62 10.36
C LYS A 420 8.88 -25.32 11.53
N TRP A 421 8.30 -25.31 12.74
CA TRP A 421 9.03 -25.02 13.95
C TRP A 421 10.24 -25.93 14.07
N HIS A 422 11.34 -25.40 14.65
CA HIS A 422 12.56 -26.17 14.80
C HIS A 422 12.29 -27.28 15.82
N ARG A 423 12.84 -28.46 15.58
CA ARG A 423 12.57 -29.61 16.43
C ARG A 423 13.34 -29.51 17.75
N GLU A 424 14.36 -28.65 17.80
CA GLU A 424 15.20 -28.50 18.98
C GLU A 424 15.14 -27.10 19.58
N LYS A 425 15.05 -26.07 18.73
CA LYS A 425 15.22 -24.70 19.16
C LYS A 425 13.88 -24.00 19.29
N PRO A 426 13.49 -23.55 20.51
CA PRO A 426 12.29 -22.75 20.69
C PRO A 426 12.33 -21.46 19.87
N GLU A 427 11.17 -21.15 19.26
CA GLU A 427 10.90 -19.89 18.57
C GLU A 427 11.50 -19.88 17.17
N MET A 428 12.27 -20.91 16.81
CA MET A 428 12.97 -20.93 15.55
C MET A 428 12.24 -21.88 14.60
N THR A 429 12.69 -21.86 13.34
CA THR A 429 12.14 -22.75 12.32
C THR A 429 13.27 -23.50 11.61
N GLU A 430 12.87 -24.51 10.84
CA GLU A 430 13.81 -25.34 10.09
C GLU A 430 13.97 -24.74 8.70
N ARG A 431 14.73 -23.65 8.66
CA ARG A 431 14.86 -22.84 7.47
C ARG A 431 16.33 -22.59 7.20
N PHE A 432 16.66 -22.44 5.93
CA PHE A 432 17.94 -21.85 5.55
C PHE A 432 17.76 -20.94 4.35
N GLU A 433 18.64 -19.95 4.27
CA GLU A 433 18.90 -19.17 3.07
C GLU A 433 20.34 -19.41 2.67
N LEU A 434 20.59 -19.43 1.35
CA LEU A 434 21.96 -19.51 0.85
C LEU A 434 22.39 -18.13 0.38
N PHE A 435 23.50 -17.63 0.92
CA PHE A 435 24.09 -16.38 0.46
C PHE A 435 25.45 -16.62 -0.21
N VAL A 436 25.65 -15.91 -1.33
CA VAL A 436 26.96 -15.82 -1.95
C VAL A 436 27.28 -14.33 -2.10
N LEU A 437 28.42 -13.91 -1.54
CA LEU A 437 28.85 -12.53 -1.59
C LEU A 437 27.78 -11.57 -1.08
N GLY A 438 27.12 -11.94 0.02
CA GLY A 438 26.12 -11.09 0.66
C GLY A 438 24.80 -10.99 -0.11
N LYS A 439 24.60 -11.81 -1.16
CA LYS A 439 23.36 -11.82 -1.90
C LYS A 439 22.66 -13.17 -1.76
N GLU A 440 21.35 -13.13 -1.54
CA GLU A 440 20.56 -14.33 -1.35
C GLU A 440 20.37 -15.05 -2.69
N LEU A 441 20.57 -16.40 -2.68
CA LEU A 441 20.39 -17.26 -3.85
C LEU A 441 19.24 -18.23 -3.63
N CYS A 442 19.18 -18.84 -2.45
CA CYS A 442 18.17 -19.85 -2.16
C CYS A 442 17.47 -19.55 -0.84
N ASN A 443 16.27 -20.11 -0.71
CA ASN A 443 15.47 -20.00 0.50
C ASN A 443 14.63 -21.28 0.59
N ALA A 444 14.76 -21.97 1.73
CA ALA A 444 14.26 -23.32 1.85
C ALA A 444 13.87 -23.60 3.28
N TYR A 445 12.97 -24.56 3.47
CA TYR A 445 12.65 -25.01 4.82
C TYR A 445 11.92 -26.35 4.80
N THR A 446 12.03 -27.06 5.94
CA THR A 446 11.03 -28.05 6.31
C THR A 446 9.70 -27.34 6.33
N GLU A 447 8.74 -27.84 5.54
CA GLU A 447 7.50 -27.14 5.29
C GLU A 447 6.56 -27.31 6.49
N LEU A 448 5.90 -26.22 6.89
CA LEU A 448 4.89 -26.29 7.93
C LEU A 448 3.65 -27.02 7.39
N ASN A 449 3.24 -28.08 8.08
CA ASN A 449 2.13 -28.93 7.64
C ASN A 449 1.08 -29.06 8.75
N GLU A 450 1.15 -28.20 9.78
CA GLU A 450 0.17 -28.19 10.86
C GLU A 450 -0.76 -26.99 10.67
N PRO A 451 -2.06 -27.19 10.35
CA PRO A 451 -2.91 -26.10 9.86
C PRO A 451 -3.39 -25.11 10.91
N LEU A 452 -3.35 -25.49 12.19
CA LEU A 452 -3.78 -24.60 13.22
C LEU A 452 -2.78 -23.44 13.34
N GLN A 453 -1.51 -23.77 13.49
CA GLN A 453 -0.44 -22.80 13.53
C GLN A 453 -0.35 -22.01 12.23
N GLN A 454 -0.52 -22.70 11.09
CA GLN A 454 -0.41 -22.06 9.81
C GLN A 454 -1.46 -20.94 9.73
N ARG A 455 -2.70 -21.23 10.18
CA ARG A 455 -3.76 -20.22 10.15
C ARG A 455 -3.33 -19.06 11.04
N LYS A 456 -2.72 -19.36 12.19
CA LYS A 456 -2.33 -18.33 13.13
C LYS A 456 -1.27 -17.41 12.53
N PHE A 457 -0.29 -17.99 11.84
CA PHE A 457 0.82 -17.20 11.30
C PHE A 457 0.33 -16.34 10.14
N PHE A 458 -0.65 -16.84 9.38
CA PHE A 458 -1.26 -16.09 8.29
C PHE A 458 -2.03 -14.88 8.83
N GLU A 459 -2.65 -15.03 9.99
CA GLU A 459 -3.35 -13.95 10.68
C GLU A 459 -2.34 -12.88 11.12
N GLN A 460 -1.19 -13.31 11.66
CA GLN A 460 -0.16 -12.37 12.09
C GLN A 460 0.35 -11.59 10.88
N GLN A 461 0.42 -12.26 9.73
CA GLN A 461 0.87 -11.66 8.48
C GLN A 461 -0.13 -10.62 7.99
N ALA A 462 -1.42 -10.95 8.07
CA ALA A 462 -2.46 -10.05 7.61
C ALA A 462 -2.49 -8.80 8.51
N ASP A 463 -2.19 -9.00 9.80
CA ASP A 463 -2.11 -7.93 10.79
C ASP A 463 -0.94 -7.01 10.42
N ALA A 464 0.17 -7.62 10.02
CA ALA A 464 1.34 -6.85 9.61
C ALA A 464 1.01 -6.04 8.36
N LYS A 465 0.24 -6.64 7.45
CA LYS A 465 -0.11 -6.00 6.20
C LYS A 465 -0.97 -4.77 6.50
N ALA A 466 -1.96 -4.93 7.39
CA ALA A 466 -2.85 -3.84 7.75
C ALA A 466 -2.08 -2.71 8.45
N SER A 467 -0.96 -3.05 9.09
CA SER A 467 -0.12 -2.08 9.81
C SER A 467 0.88 -1.41 8.87
N GLY A 468 0.80 -1.71 7.57
CA GLY A 468 1.54 -0.99 6.55
C GLY A 468 2.73 -1.76 5.98
N ASP A 469 2.90 -3.05 6.32
CA ASP A 469 3.96 -3.88 5.73
C ASP A 469 3.51 -4.31 4.33
N VAL A 470 4.15 -3.73 3.30
CA VAL A 470 3.70 -3.95 1.92
C VAL A 470 4.17 -5.32 1.42
N GLU A 471 5.03 -5.98 2.20
CA GLU A 471 5.61 -7.26 1.85
C GLU A 471 4.96 -8.41 2.64
N ALA A 472 4.00 -8.10 3.52
CA ALA A 472 3.23 -9.14 4.20
C ALA A 472 2.03 -9.54 3.36
N CYS A 473 1.67 -10.84 3.45
CA CYS A 473 0.69 -11.47 2.58
C CYS A 473 -0.62 -11.70 3.31
N PRO A 474 -1.77 -11.66 2.59
CA PRO A 474 -3.06 -11.91 3.20
C PRO A 474 -3.27 -13.39 3.50
N ILE A 475 -4.33 -13.69 4.25
CA ILE A 475 -4.69 -15.06 4.60
C ILE A 475 -5.15 -15.76 3.32
N ASP A 476 -4.66 -17.00 3.10
CA ASP A 476 -5.14 -17.86 2.02
C ASP A 476 -5.88 -19.06 2.61
N GLU A 477 -7.22 -18.97 2.64
CA GLU A 477 -8.08 -19.98 3.22
C GLU A 477 -8.01 -21.26 2.38
N THR A 478 -7.86 -21.14 1.06
CA THR A 478 -7.83 -22.32 0.21
C THR A 478 -6.58 -23.16 0.54
N PHE A 479 -5.46 -22.49 0.86
CA PHE A 479 -4.24 -23.16 1.26
C PHE A 479 -4.40 -23.86 2.60
N CYS A 480 -5.07 -23.20 3.55
CA CYS A 480 -5.32 -23.79 4.84
C CYS A 480 -6.18 -25.04 4.70
N LEU A 481 -7.19 -24.98 3.83
CA LEU A 481 -8.05 -26.11 3.56
C LEU A 481 -7.24 -27.27 2.98
N ALA A 482 -6.28 -26.95 2.09
CA ALA A 482 -5.46 -27.98 1.52
C ALA A 482 -4.63 -28.68 2.59
N LEU A 483 -4.10 -27.92 3.56
CA LEU A 483 -3.31 -28.50 4.65
C LEU A 483 -4.17 -29.41 5.51
N GLU A 484 -5.46 -29.09 5.58
CA GLU A 484 -6.40 -29.91 6.34
C GLU A 484 -6.61 -31.25 5.66
N HIS A 485 -6.14 -31.41 4.41
CA HIS A 485 -6.25 -32.70 3.73
C HIS A 485 -5.00 -33.55 3.91
N GLY A 486 -3.98 -32.99 4.59
CA GLY A 486 -2.81 -33.74 5.03
C GLY A 486 -1.65 -33.56 4.03
N LEU A 487 -0.76 -32.60 4.33
CA LEU A 487 0.48 -32.45 3.62
C LEU A 487 1.51 -33.35 4.29
N PRO A 488 2.12 -34.31 3.56
CA PRO A 488 3.15 -35.15 4.15
C PRO A 488 4.29 -34.27 4.68
N PRO A 489 5.08 -34.76 5.64
CA PRO A 489 6.33 -34.08 5.96
C PRO A 489 7.06 -33.87 4.64
N THR A 490 7.51 -32.64 4.40
CA THR A 490 7.96 -32.20 3.09
C THR A 490 9.04 -31.15 3.26
N GLY A 491 9.95 -31.08 2.29
CA GLY A 491 10.95 -30.03 2.21
C GLY A 491 10.83 -29.24 0.91
N GLY A 492 10.86 -27.92 1.03
CA GLY A 492 10.69 -27.03 -0.11
C GLY A 492 11.86 -26.06 -0.23
N TRP A 493 11.97 -25.46 -1.41
CA TRP A 493 13.21 -24.83 -1.80
C TRP A 493 12.98 -23.96 -3.04
N GLY A 494 13.63 -22.81 -3.02
CA GLY A 494 13.59 -21.92 -4.16
C GLY A 494 14.97 -21.36 -4.44
N LEU A 495 15.21 -21.05 -5.72
CA LEU A 495 16.48 -20.53 -6.21
C LEU A 495 16.22 -19.41 -7.20
N GLY A 496 16.96 -18.31 -7.05
CA GLY A 496 16.98 -17.26 -8.07
C GLY A 496 17.96 -17.63 -9.17
N ILE A 497 17.46 -18.14 -10.30
CA ILE A 497 18.32 -18.56 -11.39
C ILE A 497 19.22 -17.40 -11.85
N ASP A 498 18.68 -16.19 -11.92
CA ASP A 498 19.37 -15.09 -12.57
C ASP A 498 20.59 -14.67 -11.75
N ARG A 499 20.42 -14.60 -10.43
CA ARG A 499 21.52 -14.24 -9.54
C ARG A 499 22.57 -15.34 -9.60
N LEU A 500 22.13 -16.61 -9.76
CA LEU A 500 23.08 -17.70 -9.94
C LEU A 500 23.90 -17.47 -11.21
N ILE A 501 23.25 -17.01 -12.29
CA ILE A 501 23.95 -16.80 -13.55
C ILE A 501 24.95 -15.66 -13.37
N MET A 502 24.60 -14.65 -12.56
CA MET A 502 25.52 -13.54 -12.30
C MET A 502 26.84 -14.07 -11.74
N PHE A 503 26.78 -15.04 -10.83
CA PHE A 503 27.98 -15.58 -10.24
C PHE A 503 28.73 -16.48 -11.24
N LEU A 504 28.01 -17.33 -11.95
CA LEU A 504 28.65 -18.27 -12.86
C LEU A 504 29.31 -17.53 -14.01
N ALA A 505 28.67 -16.45 -14.49
CA ALA A 505 29.15 -15.76 -15.67
C ALA A 505 30.00 -14.55 -15.28
N ASP A 506 30.11 -14.29 -13.97
CA ASP A 506 30.88 -13.18 -13.40
C ASP A 506 30.36 -11.84 -13.89
N LYS A 507 29.14 -11.49 -13.46
CA LYS A 507 28.55 -10.19 -13.73
C LYS A 507 28.04 -9.59 -12.44
N ASN A 508 28.13 -8.27 -12.32
CA ASN A 508 27.75 -7.59 -11.09
C ASN A 508 26.44 -6.82 -11.30
N ASN A 509 25.84 -6.92 -12.50
CA ASN A 509 24.59 -6.26 -12.83
C ASN A 509 23.58 -7.27 -13.41
N ILE A 510 22.39 -7.34 -12.80
CA ILE A 510 21.32 -8.21 -13.27
C ILE A 510 21.00 -7.97 -14.74
N LYS A 511 21.21 -6.76 -15.22
CA LYS A 511 20.84 -6.43 -16.60
C LYS A 511 21.70 -7.21 -17.58
N GLU A 512 22.81 -7.77 -17.11
CA GLU A 512 23.71 -8.52 -17.97
C GLU A 512 23.12 -9.89 -18.28
N VAL A 513 22.26 -10.43 -17.38
CA VAL A 513 21.86 -11.83 -17.48
C VAL A 513 20.38 -11.97 -17.86
N ILE A 514 19.71 -10.84 -18.10
CA ILE A 514 18.34 -10.86 -18.60
C ILE A 514 18.35 -10.14 -19.95
N LEU A 515 17.70 -10.75 -20.94
CA LEU A 515 17.77 -10.25 -22.31
C LEU A 515 17.19 -8.84 -22.42
N PHE A 516 16.01 -8.64 -21.87
CA PHE A 516 15.34 -7.36 -21.95
C PHE A 516 15.00 -6.90 -20.55
N PRO A 517 15.98 -6.39 -19.76
CA PRO A 517 15.70 -5.98 -18.39
C PRO A 517 14.90 -4.69 -18.33
N ALA A 518 14.25 -4.46 -17.19
CA ALA A 518 13.51 -3.23 -16.95
C ALA A 518 14.49 -2.06 -16.77
N MET A 519 14.05 -0.90 -17.25
CA MET A 519 14.81 0.34 -17.29
C MET A 519 13.93 1.51 -16.82
N ARG A 520 14.53 2.56 -16.25
CA ARG A 520 13.80 3.82 -16.01
C ARG A 520 13.49 4.52 -17.33
N ASN A 521 12.30 5.15 -17.45
CA ASN A 521 11.86 5.76 -18.71
C ASN A 521 11.98 7.29 -18.60
N SER B 21 -31.68 -11.25 13.73
CA SER B 21 -33.06 -10.92 14.17
C SER B 21 -33.95 -10.79 12.93
N HIS B 22 -35.13 -11.40 13.01
CA HIS B 22 -36.09 -11.37 11.92
C HIS B 22 -36.52 -9.93 11.70
N TYR B 23 -36.59 -9.12 12.79
CA TYR B 23 -37.05 -7.74 12.78
C TYR B 23 -36.35 -6.91 11.72
N THR B 24 -35.02 -7.02 11.68
CA THR B 24 -34.18 -6.24 10.77
C THR B 24 -34.44 -6.67 9.33
N ASP B 25 -34.57 -7.97 9.06
CA ASP B 25 -34.83 -8.45 7.70
C ASP B 25 -36.17 -7.92 7.20
N ASN B 26 -37.18 -7.96 8.08
CA ASN B 26 -38.54 -7.59 7.71
C ASN B 26 -38.65 -6.11 7.45
N ARG B 27 -37.82 -5.31 8.14
CA ARG B 27 -37.84 -3.88 7.94
C ARG B 27 -37.23 -3.55 6.58
N TYR B 28 -36.14 -4.22 6.22
CA TYR B 28 -35.59 -4.07 4.88
C TYR B 28 -36.64 -4.47 3.83
N LYS B 29 -37.42 -5.52 4.15
CA LYS B 29 -38.44 -6.00 3.24
C LYS B 29 -39.55 -4.96 3.09
N MET B 30 -39.95 -4.36 4.22
CA MET B 30 -41.00 -3.34 4.19
C MET B 30 -40.53 -2.18 3.32
N MET B 31 -39.26 -1.77 3.48
CA MET B 31 -38.77 -0.58 2.82
C MET B 31 -38.69 -0.82 1.31
N GLU B 32 -38.42 -2.06 0.91
CA GLU B 32 -38.43 -2.43 -0.50
C GLU B 32 -39.85 -2.35 -1.04
N CYS B 33 -40.82 -2.87 -0.29
CA CYS B 33 -42.23 -2.82 -0.67
C CYS B 33 -42.66 -1.37 -0.87
N ILE B 34 -42.26 -0.51 0.08
CA ILE B 34 -42.59 0.91 0.02
C ILE B 34 -42.04 1.51 -1.28
N LYS B 35 -40.79 1.17 -1.63
CA LYS B 35 -40.14 1.75 -2.80
C LYS B 35 -40.81 1.27 -4.08
N ASP B 36 -41.09 -0.04 -4.16
CA ASP B 36 -41.72 -0.63 -5.34
C ASP B 36 -43.13 -0.07 -5.52
N ALA B 37 -43.78 0.28 -4.41
CA ALA B 37 -45.15 0.80 -4.43
C ALA B 37 -45.19 2.30 -4.71
N GLY B 38 -44.02 2.93 -4.92
CA GLY B 38 -43.94 4.37 -5.18
C GLY B 38 -44.35 5.24 -3.98
N ARG B 39 -44.34 4.68 -2.77
CA ARG B 39 -44.64 5.45 -1.57
C ARG B 39 -43.36 6.15 -1.13
N PRO B 40 -43.42 7.17 -0.25
CA PRO B 40 -42.23 7.92 0.15
C PRO B 40 -41.08 7.06 0.68
N PHE B 41 -39.92 7.17 0.01
CA PHE B 41 -38.75 6.37 0.32
C PHE B 41 -37.55 7.28 0.59
N TYR B 42 -37.24 7.50 1.89
CA TYR B 42 -36.15 8.33 2.35
C TYR B 42 -36.19 9.67 1.63
N PRO B 43 -37.18 10.52 1.92
CA PRO B 43 -37.25 11.85 1.31
C PRO B 43 -36.02 12.70 1.64
N HIS B 44 -35.62 13.52 0.66
CA HIS B 44 -34.40 14.32 0.78
C HIS B 44 -34.60 15.44 1.79
N LYS B 45 -35.75 16.12 1.68
CA LYS B 45 -35.98 17.35 2.44
C LYS B 45 -37.33 17.34 3.14
N PHE B 46 -37.33 17.62 4.44
CA PHE B 46 -38.56 17.85 5.19
C PHE B 46 -38.48 19.23 5.84
N LYS B 47 -39.41 20.12 5.47
CA LYS B 47 -39.40 21.49 5.94
C LYS B 47 -40.28 21.58 7.18
N ILE B 48 -39.65 21.67 8.36
CA ILE B 48 -40.36 21.85 9.61
C ILE B 48 -40.82 23.31 9.71
N SER B 49 -41.98 23.53 10.36
CA SER B 49 -42.46 24.88 10.61
C SER B 49 -41.65 25.53 11.73
N MET B 50 -41.27 24.73 12.73
CA MET B 50 -40.44 25.22 13.82
C MET B 50 -39.89 24.00 14.57
N SER B 51 -38.92 24.26 15.45
CA SER B 51 -38.36 23.23 16.30
C SER B 51 -39.41 22.81 17.34
N LEU B 52 -39.19 21.65 17.96
CA LEU B 52 -40.08 21.18 19.01
C LEU B 52 -39.95 22.10 20.23
N PRO B 53 -38.75 22.55 20.66
CA PRO B 53 -38.64 23.51 21.75
C PRO B 53 -39.43 24.79 21.47
N ALA B 54 -39.37 25.25 20.22
CA ALA B 54 -40.05 26.47 19.83
C ALA B 54 -41.56 26.23 19.82
N TYR B 55 -41.95 25.00 19.53
CA TYR B 55 -43.35 24.63 19.53
C TYR B 55 -43.89 24.62 20.97
N ALA B 56 -43.09 24.08 21.89
CA ALA B 56 -43.45 24.01 23.30
C ALA B 56 -43.53 25.42 23.90
N LEU B 57 -42.65 26.31 23.42
CA LEU B 57 -42.61 27.68 23.89
C LEU B 57 -43.85 28.42 23.40
N LYS B 58 -44.32 28.11 22.20
CA LYS B 58 -45.44 28.85 21.63
C LYS B 58 -46.77 28.33 22.16
N TYR B 59 -46.94 27.01 22.29
CA TYR B 59 -48.25 26.45 22.55
C TYR B 59 -48.34 25.78 23.93
N GLY B 60 -47.29 25.91 24.74
CA GLY B 60 -47.22 25.25 26.03
C GLY B 60 -48.23 25.78 27.06
N ASN B 61 -48.72 27.01 26.90
CA ASN B 61 -49.59 27.61 27.90
C ASN B 61 -51.00 27.84 27.36
N VAL B 62 -51.41 27.15 26.28
CA VAL B 62 -52.79 27.24 25.87
C VAL B 62 -53.65 26.46 26.86
N GLU B 63 -54.95 26.69 26.81
CA GLU B 63 -55.89 26.02 27.70
C GLU B 63 -56.03 24.57 27.25
N ASN B 64 -56.35 23.68 28.19
CA ASN B 64 -56.62 22.29 27.87
C ASN B 64 -57.70 22.22 26.79
N GLY B 65 -57.53 21.32 25.82
CA GLY B 65 -58.52 21.11 24.77
C GLY B 65 -58.40 22.09 23.61
N TYR B 66 -57.44 23.03 23.68
CA TYR B 66 -57.31 24.04 22.63
C TYR B 66 -56.87 23.40 21.32
N ILE B 67 -57.44 23.89 20.21
CA ILE B 67 -56.99 23.46 18.89
C ILE B 67 -57.25 24.58 17.89
N ASP B 68 -56.25 24.90 17.06
CA ASP B 68 -56.35 25.93 16.04
C ASP B 68 -56.31 25.23 14.68
N LYS B 69 -57.49 24.99 14.11
CA LYS B 69 -57.62 24.33 12.82
C LYS B 69 -57.23 25.25 11.68
N ASP B 70 -56.93 26.53 11.96
CA ASP B 70 -56.56 27.49 10.92
C ASP B 70 -55.06 27.52 10.66
N THR B 71 -54.29 26.78 11.48
CA THR B 71 -52.84 26.77 11.38
C THR B 71 -52.36 25.34 11.17
N THR B 72 -51.69 25.09 10.04
CA THR B 72 -51.13 23.79 9.72
C THR B 72 -49.61 23.85 9.92
N LEU B 73 -49.07 22.96 10.75
CA LEU B 73 -47.64 22.97 11.06
C LEU B 73 -47.02 21.61 10.71
N SER B 74 -45.76 21.66 10.29
CA SER B 74 -44.94 20.46 10.13
C SER B 74 -43.93 20.36 11.28
N LEU B 75 -43.96 19.20 11.96
CA LEU B 75 -43.00 18.89 13.02
C LEU B 75 -42.32 17.57 12.68
N SER B 76 -41.14 17.36 13.25
CA SER B 76 -40.42 16.11 13.05
C SER B 76 -39.61 15.77 14.29
N GLY B 77 -39.42 14.47 14.49
CA GLY B 77 -38.58 13.95 15.56
C GLY B 77 -38.43 12.44 15.46
N ARG B 78 -37.80 11.84 16.47
CA ARG B 78 -37.73 10.39 16.57
C ARG B 78 -38.90 9.91 17.42
N VAL B 79 -39.58 8.85 16.97
CA VAL B 79 -40.70 8.26 17.68
C VAL B 79 -40.18 7.52 18.92
N THR B 80 -40.71 7.90 20.09
CA THR B 80 -40.33 7.26 21.35
C THR B 80 -41.49 6.45 21.93
N SER B 81 -42.68 6.56 21.33
CA SER B 81 -43.87 5.87 21.81
C SER B 81 -44.96 5.80 20.74
N ILE B 82 -45.63 4.66 20.65
CA ILE B 82 -46.80 4.45 19.82
C ILE B 82 -47.82 3.68 20.66
N ARG B 83 -48.96 4.32 20.95
CA ARG B 83 -50.13 3.65 21.49
C ARG B 83 -51.29 3.83 20.51
N SER B 84 -51.73 2.73 19.89
CA SER B 84 -53.02 2.73 19.23
C SER B 84 -54.09 2.40 20.27
N SER B 85 -54.91 3.42 20.54
CA SER B 85 -55.96 3.36 21.55
C SER B 85 -57.23 2.76 20.96
N SER B 86 -57.39 2.83 19.63
CA SER B 86 -58.44 2.13 18.91
C SER B 86 -58.03 2.00 17.44
N SER B 87 -58.92 1.45 16.62
CA SER B 87 -58.67 1.31 15.19
C SER B 87 -58.57 2.67 14.51
N LYS B 88 -59.03 3.73 15.18
CA LYS B 88 -59.22 5.03 14.55
C LYS B 88 -58.33 6.12 15.16
N LEU B 89 -57.60 5.79 16.24
CA LEU B 89 -56.90 6.81 16.99
C LEU B 89 -55.55 6.28 17.46
N ILE B 90 -54.47 6.97 17.02
CA ILE B 90 -53.13 6.58 17.41
C ILE B 90 -52.45 7.77 18.10
N PHE B 91 -51.77 7.50 19.21
CA PHE B 91 -50.95 8.46 19.94
C PHE B 91 -49.48 8.14 19.75
N TYR B 92 -48.71 9.10 19.19
CA TYR B 92 -47.28 9.03 19.15
C TYR B 92 -46.67 10.00 20.15
N ASP B 93 -45.48 9.66 20.67
CA ASP B 93 -44.55 10.66 21.16
C ASP B 93 -43.38 10.82 20.18
N ILE B 94 -43.05 12.06 19.81
CA ILE B 94 -41.80 12.34 19.11
C ILE B 94 -40.90 13.20 20.00
N PHE B 95 -39.59 13.07 19.75
CA PHE B 95 -38.57 13.72 20.55
C PHE B 95 -37.50 14.32 19.63
N CYS B 96 -37.10 15.55 19.93
CA CYS B 96 -36.10 16.26 19.14
C CYS B 96 -35.62 17.50 19.91
N GLU B 97 -34.32 17.74 19.88
CA GLU B 97 -33.69 18.89 20.56
C GLU B 97 -34.19 19.00 22.00
N GLU B 98 -34.20 17.87 22.71
CA GLU B 98 -34.47 17.82 24.14
C GLU B 98 -35.94 18.13 24.50
N GLN B 99 -36.86 17.98 23.53
CA GLN B 99 -38.26 18.32 23.76
C GLN B 99 -39.13 17.17 23.21
N LYS B 100 -40.05 16.70 24.07
CA LYS B 100 -41.05 15.72 23.70
C LYS B 100 -42.32 16.44 23.26
N VAL B 101 -43.01 15.89 22.26
CA VAL B 101 -44.29 16.40 21.81
C VAL B 101 -45.18 15.23 21.44
N GLN B 102 -46.45 15.29 21.85
CA GLN B 102 -47.41 14.23 21.55
C GLN B 102 -48.10 14.51 20.22
N ILE B 103 -48.23 13.45 19.41
CA ILE B 103 -48.99 13.52 18.18
C ILE B 103 -50.24 12.67 18.36
N ILE B 104 -51.38 13.21 17.92
CA ILE B 104 -52.67 12.53 18.01
C ILE B 104 -53.19 12.35 16.58
N ALA B 105 -53.11 11.11 16.07
CA ALA B 105 -53.48 10.81 14.70
C ALA B 105 -54.89 10.19 14.67
N ASN B 106 -55.86 10.99 14.26
CA ASN B 106 -57.25 10.59 14.16
C ASN B 106 -57.55 10.28 12.71
N ILE B 107 -58.21 9.14 12.46
CA ILE B 107 -58.59 8.78 11.10
C ILE B 107 -59.46 9.87 10.48
N MET B 108 -60.23 10.59 11.32
CA MET B 108 -61.15 11.60 10.83
C MET B 108 -60.37 12.71 10.13
N GLU B 109 -59.09 12.94 10.52
CA GLU B 109 -58.33 14.08 10.03
C GLU B 109 -57.38 13.66 8.91
N HIS B 110 -57.29 12.36 8.64
CA HIS B 110 -56.22 11.85 7.78
C HIS B 110 -56.40 12.34 6.34
N ASP B 111 -55.32 12.86 5.77
CA ASP B 111 -55.24 13.24 4.38
C ASP B 111 -55.02 11.99 3.54
N ILE B 112 -56.11 11.56 2.88
CA ILE B 112 -56.14 10.29 2.15
C ILE B 112 -55.23 10.32 0.94
N SER B 113 -54.81 11.51 0.48
CA SER B 113 -53.89 11.59 -0.65
C SER B 113 -52.52 11.00 -0.31
N THR B 114 -52.21 10.84 0.99
CA THR B 114 -50.95 10.25 1.41
C THR B 114 -51.09 8.74 1.62
N GLY B 115 -52.30 8.21 1.36
CA GLY B 115 -52.61 6.79 1.50
C GLY B 115 -53.68 6.53 2.56
N GLU B 116 -54.17 5.29 2.62
CA GLU B 116 -55.15 4.90 3.62
C GLU B 116 -54.51 5.03 5.01
N PHE B 117 -55.29 5.55 5.97
CA PHE B 117 -54.86 5.72 7.34
C PHE B 117 -54.07 4.51 7.84
N SER B 118 -54.63 3.31 7.72
CA SER B 118 -54.01 2.11 8.27
C SER B 118 -52.67 1.84 7.60
N VAL B 119 -52.59 2.09 6.29
CA VAL B 119 -51.37 1.83 5.51
C VAL B 119 -50.26 2.80 5.95
N SER B 120 -50.60 4.09 6.02
CA SER B 120 -49.66 5.14 6.41
C SER B 120 -49.03 4.86 7.76
N HIS B 121 -49.84 4.41 8.75
CA HIS B 121 -49.37 4.27 10.11
C HIS B 121 -48.78 2.87 10.34
N SER B 122 -49.03 1.92 9.42
CA SER B 122 -48.44 0.59 9.52
C SER B 122 -46.94 0.65 9.20
N GLU B 123 -46.54 1.69 8.46
CA GLU B 123 -45.14 1.88 8.08
C GLU B 123 -44.31 2.49 9.20
N ILE B 124 -44.93 2.90 10.31
CA ILE B 124 -44.20 3.60 11.36
C ILE B 124 -43.94 2.65 12.53
N ARG B 125 -42.74 2.75 13.10
CA ARG B 125 -42.32 1.94 14.23
C ARG B 125 -41.61 2.81 15.24
N ARG B 126 -41.48 2.31 16.47
CA ARG B 126 -40.72 3.01 17.48
C ARG B 126 -39.28 3.11 17.00
N GLY B 127 -38.64 4.27 17.26
CA GLY B 127 -37.28 4.50 16.82
C GLY B 127 -37.22 5.23 15.49
N ASP B 128 -38.31 5.24 14.72
CA ASP B 128 -38.33 5.87 13.41
C ASP B 128 -38.21 7.39 13.54
N VAL B 129 -37.51 7.97 12.55
CA VAL B 129 -37.52 9.40 12.38
C VAL B 129 -38.62 9.74 11.38
N VAL B 130 -39.56 10.57 11.84
CA VAL B 130 -40.79 10.77 11.09
C VAL B 130 -41.14 12.24 11.14
N GLY B 131 -41.91 12.63 10.13
CA GLY B 131 -42.51 13.96 10.08
C GLY B 131 -44.02 13.86 10.13
N PHE B 132 -44.65 14.88 10.70
CA PHE B 132 -46.09 14.97 10.85
C PHE B 132 -46.53 16.37 10.40
N THR B 133 -47.71 16.42 9.80
CA THR B 133 -48.39 17.68 9.51
C THR B 133 -49.67 17.73 10.31
N GLY B 134 -50.01 18.89 10.86
CA GLY B 134 -51.33 19.05 11.48
C GLY B 134 -51.53 20.35 12.25
N PHE B 135 -52.45 20.28 13.22
CA PHE B 135 -53.00 21.46 13.88
C PHE B 135 -52.48 21.54 15.31
N PRO B 136 -51.99 22.71 15.76
CA PRO B 136 -51.41 22.84 17.09
C PRO B 136 -52.47 22.90 18.17
N GLY B 137 -52.09 22.50 19.40
CA GLY B 137 -52.91 22.72 20.56
C GLY B 137 -52.58 21.76 21.70
N LYS B 138 -53.65 21.31 22.38
CA LYS B 138 -53.52 20.58 23.64
C LYS B 138 -54.69 19.62 23.77
N SER B 139 -54.42 18.43 24.31
CA SER B 139 -55.46 17.44 24.54
C SER B 139 -56.34 17.89 25.71
N LYS B 140 -57.54 17.31 25.81
CA LYS B 140 -58.43 17.59 26.94
C LYS B 140 -57.70 17.30 28.26
N ARG B 141 -56.81 16.30 28.27
CA ARG B 141 -56.06 15.90 29.47
C ARG B 141 -54.92 16.89 29.74
N GLY B 142 -54.60 17.78 28.80
CA GLY B 142 -53.65 18.87 29.04
C GLY B 142 -52.25 18.60 28.51
N GLU B 143 -52.10 17.66 27.57
CA GLU B 143 -50.81 17.29 27.00
C GLU B 143 -50.60 18.11 25.73
N LEU B 144 -49.43 18.74 25.63
CA LEU B 144 -49.07 19.48 24.43
C LEU B 144 -49.04 18.52 23.23
N SER B 145 -49.79 18.85 22.17
CA SER B 145 -50.04 17.88 21.13
C SER B 145 -50.07 18.53 19.75
N LEU B 146 -49.89 17.71 18.72
CA LEU B 146 -50.23 18.09 17.36
C LEU B 146 -51.30 17.12 16.86
N PHE B 147 -52.40 17.70 16.36
CA PHE B 147 -53.51 16.91 15.82
C PHE B 147 -53.22 16.67 14.35
N SER B 148 -52.70 15.49 14.04
CA SER B 148 -52.02 15.27 12.77
C SER B 148 -53.01 14.94 11.65
N LYS B 149 -52.65 15.32 10.44
CA LYS B 149 -53.37 15.00 9.22
C LYS B 149 -52.56 14.08 8.31
N SER B 150 -51.24 13.99 8.54
CA SER B 150 -50.37 13.16 7.73
C SER B 150 -49.17 12.73 8.57
N VAL B 151 -48.50 11.68 8.08
CA VAL B 151 -47.23 11.21 8.64
C VAL B 151 -46.30 10.84 7.49
N VAL B 152 -45.00 11.16 7.64
CA VAL B 152 -44.01 10.76 6.66
C VAL B 152 -42.87 10.02 7.33
N LEU B 153 -42.51 8.87 6.76
CA LEU B 153 -41.37 8.11 7.23
C LEU B 153 -40.14 8.71 6.56
N LEU B 154 -39.26 9.32 7.38
CA LEU B 154 -38.08 9.99 6.88
C LEU B 154 -36.87 9.05 6.90
N SER B 155 -36.73 8.30 8.00
CA SER B 155 -35.55 7.47 8.17
C SER B 155 -35.84 6.38 9.20
N PRO B 156 -36.23 5.16 8.77
CA PRO B 156 -36.63 4.13 9.73
C PRO B 156 -35.46 3.59 10.56
N CYS B 157 -35.82 3.02 11.70
CA CYS B 157 -34.89 2.30 12.54
C CYS B 157 -35.12 0.81 12.34
N TYR B 158 -34.08 0.08 11.96
CA TYR B 158 -34.18 -1.32 11.58
C TYR B 158 -33.93 -2.25 12.77
N HIS B 159 -33.93 -1.74 14.00
CA HIS B 159 -33.61 -2.52 15.17
C HIS B 159 -34.61 -2.19 16.27
N MET B 160 -34.94 -3.17 17.09
CA MET B 160 -35.77 -2.94 18.25
C MET B 160 -34.92 -2.26 19.31
N LEU B 161 -35.34 -1.06 19.73
CA LEU B 161 -34.59 -0.31 20.74
C LEU B 161 -35.14 -0.66 22.11
N PRO B 162 -34.37 -0.56 23.19
CA PRO B 162 -34.95 -0.57 24.53
C PRO B 162 -35.50 0.81 24.85
N THR B 163 -36.18 0.92 25.98
CA THR B 163 -36.78 2.16 26.42
C THR B 163 -35.80 2.97 27.29
N ALA B 164 -34.75 2.31 27.82
CA ALA B 164 -33.69 2.98 28.54
C ALA B 164 -32.39 2.19 28.35
N ILE B 165 -31.27 2.74 28.84
CA ILE B 165 -29.95 2.17 28.66
C ILE B 165 -29.80 0.87 29.43
N SER B 166 -30.59 0.67 30.50
CA SER B 166 -30.50 -0.56 31.29
C SER B 166 -31.05 -1.75 30.51
N GLY B 167 -31.74 -1.50 29.39
CA GLY B 167 -32.27 -2.53 28.51
C GLY B 167 -31.32 -2.94 27.38
N LEU B 168 -30.04 -2.59 27.50
CA LEU B 168 -29.04 -2.97 26.52
C LEU B 168 -28.36 -4.25 27.01
N LYS B 169 -27.89 -5.08 26.08
CA LYS B 169 -27.21 -6.33 26.41
C LYS B 169 -26.28 -6.10 27.60
N ASP B 170 -25.33 -5.17 27.44
CA ASP B 170 -24.43 -4.74 28.51
C ASP B 170 -24.16 -3.25 28.38
N GLN B 171 -23.49 -2.65 29.39
CA GLN B 171 -23.37 -1.19 29.47
C GLN B 171 -22.21 -0.68 28.62
N GLU B 172 -21.40 -1.58 28.06
CA GLU B 172 -20.33 -1.24 27.13
C GLU B 172 -20.90 -0.91 25.75
N VAL B 173 -22.14 -1.31 25.47
CA VAL B 173 -22.82 -0.92 24.24
C VAL B 173 -22.92 0.61 24.17
N ARG B 174 -23.03 1.26 25.33
CA ARG B 174 -23.13 2.70 25.39
C ARG B 174 -21.91 3.36 24.73
N TYR B 175 -20.78 2.65 24.72
CA TYR B 175 -19.53 3.19 24.23
C TYR B 175 -19.22 2.69 22.82
N ARG B 176 -19.57 1.44 22.51
CA ARG B 176 -19.32 0.88 21.19
C ARG B 176 -20.29 1.48 20.20
N GLN B 177 -21.46 1.89 20.71
CA GLN B 177 -22.52 2.46 19.90
C GLN B 177 -23.07 3.70 20.61
N ARG B 178 -22.30 4.79 20.59
CA ARG B 178 -22.62 5.97 21.37
C ARG B 178 -23.97 6.56 20.93
N TYR B 179 -24.35 6.38 19.65
CA TYR B 179 -25.64 6.87 19.17
C TYR B 179 -26.78 6.35 20.04
N LEU B 180 -26.72 5.09 20.47
CA LEU B 180 -27.78 4.53 21.29
C LEU B 180 -27.83 5.26 22.63
N ASP B 181 -26.67 5.42 23.27
CA ASP B 181 -26.58 6.11 24.53
C ASP B 181 -27.16 7.52 24.40
N LEU B 182 -26.76 8.24 23.35
CA LEU B 182 -27.20 9.62 23.17
C LEU B 182 -28.70 9.67 22.89
N MET B 183 -29.20 8.71 22.12
CA MET B 183 -30.62 8.53 21.87
C MET B 183 -31.42 8.39 23.15
N LEU B 184 -30.95 7.56 24.10
CA LEU B 184 -31.79 7.05 25.17
C LEU B 184 -31.50 7.70 26.52
N ASN B 185 -30.36 8.39 26.68
CA ASN B 185 -29.88 8.78 27.99
C ASN B 185 -29.57 10.28 28.00
N GLU B 186 -30.43 11.06 28.65
CA GLU B 186 -30.25 12.49 28.79
C GLU B 186 -28.96 12.83 29.54
N GLU B 187 -28.59 12.01 30.52
CA GLU B 187 -27.42 12.25 31.35
C GLU B 187 -26.16 12.23 30.48
N SER B 188 -26.19 11.45 29.41
CA SER B 188 -25.07 11.34 28.48
C SER B 188 -24.95 12.62 27.65
N ARG B 189 -26.07 13.02 27.05
CA ARG B 189 -26.17 14.29 26.35
C ARG B 189 -25.68 15.45 27.21
N LYS B 190 -25.95 15.44 28.52
CA LYS B 190 -25.59 16.55 29.39
C LYS B 190 -24.08 16.67 29.58
N VAL B 191 -23.37 15.55 29.65
CA VAL B 191 -21.93 15.55 29.84
C VAL B 191 -21.25 16.33 28.71
N PHE B 192 -21.70 16.14 27.47
CA PHE B 192 -21.01 16.67 26.31
C PHE B 192 -21.40 18.12 26.09
N LYS B 193 -22.59 18.50 26.55
CA LYS B 193 -22.98 19.92 26.62
C LYS B 193 -22.10 20.63 27.65
N LEU B 194 -21.82 19.97 28.78
CA LEU B 194 -21.07 20.58 29.85
C LEU B 194 -19.61 20.69 29.43
N ARG B 195 -19.12 19.67 28.73
CA ARG B 195 -17.78 19.68 28.16
C ARG B 195 -17.61 20.92 27.31
N SER B 196 -18.56 21.20 26.41
CA SER B 196 -18.50 22.38 25.54
C SER B 196 -18.50 23.67 26.36
N ARG B 197 -19.41 23.76 27.33
CA ARG B 197 -19.53 24.91 28.19
C ARG B 197 -18.22 25.19 28.93
N ALA B 198 -17.56 24.14 29.46
CA ALA B 198 -16.37 24.32 30.27
C ALA B 198 -15.20 24.84 29.42
N ILE B 199 -15.13 24.36 28.16
CA ILE B 199 -14.04 24.76 27.28
C ILE B 199 -14.27 26.20 26.82
N LYS B 200 -15.52 26.56 26.51
CA LYS B 200 -15.83 27.97 26.30
C LYS B 200 -15.33 28.83 27.46
N TYR B 201 -15.59 28.40 28.71
CA TYR B 201 -15.23 29.16 29.89
C TYR B 201 -13.74 29.37 29.92
N ILE B 202 -13.00 28.28 29.64
CA ILE B 202 -11.54 28.30 29.67
C ILE B 202 -11.00 29.22 28.58
N ARG B 203 -11.46 29.06 27.34
CA ARG B 203 -10.98 29.92 26.25
C ARG B 203 -11.21 31.37 26.62
N ASN B 204 -12.42 31.68 27.09
CA ASN B 204 -12.76 33.04 27.45
C ASN B 204 -11.79 33.60 28.49
N TYR B 205 -11.46 32.80 29.52
CA TYR B 205 -10.54 33.22 30.58
C TYR B 205 -9.25 33.79 29.98
N PHE B 206 -8.64 33.00 29.10
CA PHE B 206 -7.36 33.31 28.50
C PHE B 206 -7.49 34.39 27.43
N ASP B 207 -8.57 34.37 26.65
CA ASP B 207 -8.82 35.40 25.66
C ASP B 207 -8.88 36.79 26.32
N ARG B 208 -9.49 36.89 27.52
CA ARG B 208 -9.61 38.19 28.19
C ARG B 208 -8.26 38.63 28.76
N LEU B 209 -7.30 37.70 28.88
CA LEU B 209 -5.96 38.05 29.31
C LEU B 209 -5.07 38.40 28.10
N GLY B 210 -5.64 38.42 26.89
CA GLY B 210 -4.90 38.78 25.70
C GLY B 210 -4.08 37.64 25.08
N PHE B 211 -4.44 36.38 25.38
CA PHE B 211 -3.74 35.24 24.80
C PHE B 211 -4.12 35.02 23.33
N LEU B 212 -3.22 34.37 22.60
CA LEU B 212 -3.44 33.99 21.22
C LEU B 212 -3.42 32.48 21.12
N GLU B 213 -4.49 31.94 20.54
CA GLU B 213 -4.59 30.51 20.33
C GLU B 213 -3.81 30.11 19.08
N VAL B 214 -3.08 28.99 19.19
CA VAL B 214 -2.22 28.54 18.13
C VAL B 214 -2.37 27.04 17.95
N GLU B 215 -1.86 26.57 16.80
CA GLU B 215 -1.87 25.18 16.41
C GLU B 215 -0.46 24.78 15.99
N THR B 216 0.10 23.81 16.74
CA THR B 216 1.43 23.28 16.49
C THR B 216 1.26 21.85 16.02
N PRO B 217 2.25 21.25 15.33
CA PRO B 217 2.06 19.97 14.65
C PRO B 217 1.81 18.79 15.57
N MET B 218 0.91 17.91 15.12
CA MET B 218 0.70 16.64 15.77
C MET B 218 1.57 15.54 15.14
N LEU B 219 2.08 15.76 13.91
CA LEU B 219 3.09 14.91 13.31
C LEU B 219 4.46 15.50 13.59
N ASN B 220 5.33 14.72 14.26
CA ASN B 220 6.59 15.19 14.79
C ASN B 220 7.69 14.29 14.21
N MET B 221 8.84 14.85 13.84
CA MET B 221 9.99 14.04 13.51
C MET B 221 10.72 13.62 14.79
N ILE B 222 10.52 14.38 15.86
CA ILE B 222 11.07 14.05 17.17
C ILE B 222 9.97 14.31 18.20
N TYR B 223 9.60 13.26 18.95
CA TYR B 223 8.63 13.45 20.01
C TYR B 223 9.32 14.00 21.26
N GLY B 224 8.56 14.74 22.07
CA GLY B 224 9.08 15.29 23.31
C GLY B 224 8.01 15.94 24.17
N GLY B 225 8.36 16.24 25.42
CA GLY B 225 7.58 17.15 26.24
C GLY B 225 6.77 16.45 27.32
N ALA B 226 6.92 15.12 27.44
CA ALA B 226 6.25 14.36 28.48
C ALA B 226 6.93 13.00 28.65
N ALA B 227 6.64 12.34 29.78
CA ALA B 227 7.05 10.97 30.01
C ALA B 227 6.00 10.02 29.44
N ALA B 228 6.13 9.66 28.15
CA ALA B 228 5.10 8.89 27.48
C ALA B 228 5.70 8.15 26.29
N ARG B 229 5.17 6.97 26.03
CA ARG B 229 5.54 6.23 24.84
C ARG B 229 4.73 6.76 23.65
N PRO B 230 5.37 7.01 22.49
CA PRO B 230 4.67 7.55 21.33
C PRO B 230 4.09 6.55 20.36
N PHE B 231 3.04 7.00 19.65
CA PHE B 231 2.63 6.33 18.44
C PHE B 231 3.60 6.67 17.32
N ILE B 232 3.76 5.73 16.40
CA ILE B 232 4.68 5.81 15.28
C ILE B 232 3.89 5.69 13.98
N THR B 233 4.35 6.40 12.96
CA THR B 233 3.71 6.35 11.65
C THR B 233 4.74 6.75 10.59
N TYR B 234 4.28 6.86 9.35
CA TYR B 234 5.19 6.99 8.24
C TYR B 234 4.56 7.82 7.13
N HIS B 235 5.35 8.79 6.62
CA HIS B 235 4.93 9.64 5.52
C HIS B 235 5.58 9.10 4.25
N ASN B 236 4.79 8.45 3.41
CA ASN B 236 5.29 7.68 2.28
C ASN B 236 6.03 8.55 1.24
N GLU B 237 5.44 9.67 0.86
CA GLU B 237 6.00 10.50 -0.22
C GLU B 237 7.34 11.11 0.22
N LEU B 238 7.48 11.46 1.50
CA LEU B 238 8.71 12.05 2.00
C LEU B 238 9.61 10.98 2.62
N GLU B 239 9.19 9.71 2.50
CA GLU B 239 10.00 8.58 2.96
C GLU B 239 10.57 8.85 4.35
N THR B 240 9.75 9.30 5.30
CA THR B 240 10.26 9.58 6.63
C THR B 240 9.30 9.04 7.67
N GLN B 241 9.82 8.43 8.73
CA GLN B 241 8.99 7.99 9.82
C GLN B 241 8.72 9.19 10.74
N LEU B 242 7.57 9.18 11.41
CA LEU B 242 7.10 10.29 12.21
C LEU B 242 6.53 9.75 13.52
N TYR B 243 6.45 10.62 14.52
CA TYR B 243 5.72 10.29 15.74
C TYR B 243 4.51 11.21 15.87
N MET B 244 3.40 10.69 16.40
CA MET B 244 2.33 11.56 16.85
C MET B 244 2.81 12.22 18.12
N ARG B 245 2.44 13.48 18.34
CA ARG B 245 2.96 14.24 19.47
C ARG B 245 2.44 13.64 20.77
N ILE B 246 3.31 13.64 21.79
CA ILE B 246 2.91 13.30 23.12
C ILE B 246 2.54 14.57 23.89
N ALA B 247 3.02 15.71 23.39
CA ALA B 247 2.80 17.02 23.97
C ALA B 247 3.27 18.07 22.96
N PRO B 248 2.64 19.28 22.92
CA PRO B 248 3.07 20.36 22.03
C PRO B 248 4.18 21.29 22.55
N GLU B 249 4.70 20.97 23.75
CA GLU B 249 5.50 21.86 24.59
C GLU B 249 6.70 22.46 23.84
N LEU B 250 7.43 21.63 23.10
CA LEU B 250 8.67 22.06 22.49
C LEU B 250 8.42 23.02 21.34
N TYR B 251 7.29 22.87 20.63
CA TYR B 251 6.89 23.82 19.61
C TYR B 251 6.41 25.14 20.23
N LEU B 252 5.58 25.03 21.27
CA LEU B 252 4.92 26.21 21.83
C LEU B 252 5.95 27.16 22.41
N LYS B 253 7.01 26.62 23.02
CA LYS B 253 8.02 27.46 23.65
C LYS B 253 8.73 28.27 22.56
N GLN B 254 8.83 27.72 21.35
CA GLN B 254 9.48 28.42 20.25
C GLN B 254 8.68 29.65 19.85
N LEU B 255 7.37 29.63 20.10
CA LEU B 255 6.54 30.77 19.75
C LEU B 255 6.82 31.92 20.73
N ILE B 256 7.25 31.58 21.96
CA ILE B 256 7.63 32.57 22.95
C ILE B 256 8.99 33.16 22.58
N VAL B 257 9.87 32.34 22.02
CA VAL B 257 11.12 32.86 21.48
C VAL B 257 10.79 33.87 20.39
N GLY B 258 9.76 33.55 19.59
CA GLY B 258 9.38 34.38 18.45
C GLY B 258 8.63 35.65 18.85
N GLY B 259 8.24 35.75 20.13
CA GLY B 259 7.72 37.00 20.67
C GLY B 259 6.20 37.08 20.77
N LEU B 260 5.49 35.96 20.62
CA LEU B 260 4.03 35.97 20.71
C LEU B 260 3.55 36.11 22.16
N ASP B 261 4.45 36.00 23.15
CA ASP B 261 4.28 36.47 24.52
C ASP B 261 3.30 35.64 25.36
N LYS B 262 2.11 35.35 24.81
CA LYS B 262 1.06 34.62 25.50
C LYS B 262 0.35 33.76 24.47
N VAL B 263 0.55 32.44 24.54
CA VAL B 263 -0.07 31.51 23.62
C VAL B 263 -0.71 30.36 24.40
N TYR B 264 -1.79 29.83 23.85
CA TYR B 264 -2.35 28.57 24.33
C TYR B 264 -2.71 27.72 23.12
N GLU B 265 -2.74 26.41 23.36
CA GLU B 265 -3.23 25.44 22.40
C GLU B 265 -4.13 24.46 23.13
N ILE B 266 -5.26 24.08 22.53
CA ILE B 266 -6.17 23.10 23.05
C ILE B 266 -6.35 22.05 21.95
N GLY B 267 -5.91 20.83 22.23
CA GLY B 267 -5.87 19.81 21.19
C GLY B 267 -5.37 18.47 21.72
N LYS B 268 -5.49 17.44 20.87
CA LYS B 268 -5.20 16.07 21.25
C LYS B 268 -3.70 15.86 21.42
N ASN B 269 -3.37 15.11 22.45
CA ASN B 269 -2.10 14.42 22.57
C ASN B 269 -2.36 12.95 22.30
N PHE B 270 -1.30 12.24 21.91
CA PHE B 270 -1.38 10.81 21.64
C PHE B 270 -0.35 10.09 22.49
N ARG B 271 -0.81 9.14 23.30
CA ARG B 271 0.07 8.43 24.20
C ARG B 271 -0.21 6.94 24.06
N ASN B 272 0.79 6.24 23.54
CA ASN B 272 0.74 4.84 23.19
C ASN B 272 0.95 4.02 24.44
N GLU B 273 -0.10 3.95 25.25
CA GLU B 273 -0.07 3.32 26.57
C GLU B 273 -1.43 2.69 26.81
N GLY B 274 -1.47 1.85 27.84
CA GLY B 274 -2.67 1.11 28.21
C GLY B 274 -3.80 2.02 28.68
N ILE B 275 -5.04 1.52 28.53
CA ILE B 275 -6.22 2.25 28.91
C ILE B 275 -6.66 1.77 30.29
N ASP B 276 -7.35 2.65 31.01
CA ASP B 276 -7.97 2.34 32.28
C ASP B 276 -8.91 3.51 32.59
N LEU B 277 -9.33 3.66 33.86
CA LEU B 277 -10.40 4.59 34.17
C LEU B 277 -10.00 6.05 33.89
N THR B 278 -8.69 6.33 33.79
CA THR B 278 -8.18 7.69 33.64
C THR B 278 -7.19 7.80 32.47
N HIS B 279 -7.19 6.81 31.56
CA HIS B 279 -6.26 6.82 30.44
C HIS B 279 -6.97 6.41 29.16
N ASN B 280 -6.71 7.18 28.10
CA ASN B 280 -7.17 6.91 26.75
C ASN B 280 -6.01 7.25 25.82
N PRO B 281 -5.77 6.51 24.73
CA PRO B 281 -4.61 6.76 23.88
C PRO B 281 -4.57 8.14 23.24
N GLU B 282 -5.72 8.79 23.16
CA GLU B 282 -5.74 10.20 22.78
C GLU B 282 -6.63 10.91 23.79
N PHE B 283 -6.23 12.14 24.11
CA PHE B 283 -7.04 12.95 24.98
C PHE B 283 -6.76 14.41 24.66
N THR B 284 -7.63 15.28 25.22
CA THR B 284 -7.60 16.70 24.95
C THR B 284 -6.81 17.38 26.05
N ALA B 285 -5.71 18.03 25.65
CA ALA B 285 -4.89 18.80 26.57
C ALA B 285 -4.92 20.26 26.16
N MET B 286 -4.76 21.11 27.16
CA MET B 286 -4.47 22.51 26.93
C MET B 286 -3.09 22.79 27.51
N GLU B 287 -2.22 23.41 26.70
CA GLU B 287 -1.02 24.03 27.21
C GLU B 287 -1.11 25.52 26.96
N PHE B 288 -0.49 26.30 27.85
CA PHE B 288 -0.31 27.72 27.63
C PHE B 288 1.09 28.10 28.08
N TYR B 289 1.68 29.08 27.37
CA TYR B 289 2.95 29.65 27.74
C TYR B 289 2.77 31.16 27.87
N MET B 290 3.21 31.69 29.00
CA MET B 290 3.06 33.09 29.35
C MET B 290 4.44 33.64 29.68
N ALA B 291 4.95 34.55 28.83
CA ALA B 291 6.23 35.18 29.09
C ALA B 291 6.15 36.02 30.36
N TYR B 292 7.25 35.96 31.15
CA TYR B 292 7.51 36.78 32.33
C TYR B 292 6.74 36.25 33.55
N ALA B 293 5.97 35.13 33.41
CA ALA B 293 5.43 34.42 34.55
C ALA B 293 6.44 33.42 35.13
N ASP B 294 6.25 33.08 36.40
CA ASP B 294 6.93 31.95 37.00
C ASP B 294 5.89 31.00 37.57
N TYR B 295 6.36 29.93 38.22
CA TYR B 295 5.45 28.87 38.66
C TYR B 295 4.58 29.39 39.80
N TYR B 296 5.06 30.37 40.57
CA TYR B 296 4.24 31.00 41.61
C TYR B 296 3.01 31.68 40.97
N ASP B 297 3.24 32.45 39.90
CA ASP B 297 2.17 33.13 39.20
C ASP B 297 1.17 32.12 38.65
N LEU B 298 1.67 30.97 38.21
CA LEU B 298 0.87 29.95 37.56
C LEU B 298 0.00 29.22 38.58
N MET B 299 0.49 29.08 39.82
CA MET B 299 -0.33 28.48 40.85
C MET B 299 -1.55 29.35 41.11
N ASP B 300 -1.34 30.66 41.21
CA ASP B 300 -2.45 31.60 41.46
C ASP B 300 -3.44 31.52 40.31
N LEU B 301 -2.93 31.46 39.08
CA LEU B 301 -3.80 31.44 37.91
C LEU B 301 -4.62 30.16 37.89
N THR B 302 -3.99 29.03 38.22
CA THR B 302 -4.66 27.74 38.25
C THR B 302 -5.82 27.77 39.24
N GLU B 303 -5.58 28.31 40.44
CA GLU B 303 -6.61 28.43 41.47
C GLU B 303 -7.77 29.27 40.95
N GLU B 304 -7.47 30.44 40.37
CA GLU B 304 -8.51 31.36 39.92
C GLU B 304 -9.35 30.72 38.82
N LEU B 305 -8.68 30.11 37.84
CA LEU B 305 -9.33 29.58 36.66
C LEU B 305 -10.23 28.42 37.06
N ILE B 306 -9.66 27.47 37.81
CA ILE B 306 -10.39 26.24 38.08
C ILE B 306 -11.49 26.48 39.12
N SER B 307 -11.19 27.23 40.19
CA SER B 307 -12.21 27.54 41.19
C SER B 307 -13.33 28.35 40.55
N GLY B 308 -13.00 29.28 39.66
CA GLY B 308 -14.00 30.02 38.90
C GLY B 308 -14.93 29.10 38.13
N LEU B 309 -14.36 28.11 37.43
CA LEU B 309 -15.11 27.23 36.56
C LEU B 309 -16.02 26.34 37.40
N VAL B 310 -15.46 25.80 38.49
CA VAL B 310 -16.24 24.99 39.38
C VAL B 310 -17.45 25.79 39.86
N LEU B 311 -17.19 27.04 40.25
CA LEU B 311 -18.26 27.89 40.76
C LEU B 311 -19.28 28.17 39.65
N GLU B 312 -18.83 28.40 38.44
CA GLU B 312 -19.72 28.69 37.31
C GLU B 312 -20.66 27.51 37.08
N ILE B 313 -20.14 26.28 37.17
CA ILE B 313 -20.91 25.10 36.84
C ILE B 313 -21.81 24.72 38.03
N HIS B 314 -21.26 24.74 39.25
CA HIS B 314 -21.95 24.15 40.40
C HIS B 314 -22.60 25.20 41.32
N GLY B 315 -22.24 26.48 41.21
CA GLY B 315 -22.72 27.51 42.12
C GLY B 315 -22.08 27.39 43.51
N SER B 316 -21.03 26.58 43.61
CA SER B 316 -20.36 26.32 44.88
C SER B 316 -19.00 25.68 44.61
N LEU B 317 -18.07 25.83 45.53
CA LEU B 317 -16.74 25.25 45.40
C LEU B 317 -16.67 23.86 46.01
N LYS B 318 -17.72 23.44 46.73
CA LYS B 318 -17.78 22.07 47.23
C LYS B 318 -18.70 21.27 46.31
N ILE B 319 -18.20 20.19 45.73
CA ILE B 319 -18.96 19.47 44.73
C ILE B 319 -18.95 17.98 45.03
N PRO B 320 -20.01 17.26 44.59
CA PRO B 320 -20.11 15.81 44.80
C PRO B 320 -19.28 15.02 43.81
N TYR B 321 -18.71 13.90 44.30
CA TYR B 321 -18.03 12.92 43.44
C TYR B 321 -18.34 11.51 43.93
N HIS B 322 -18.57 10.60 42.98
CA HIS B 322 -18.84 9.21 43.24
C HIS B 322 -17.67 8.34 42.76
N PRO B 323 -16.61 8.09 43.57
CA PRO B 323 -15.42 7.40 43.10
C PRO B 323 -15.65 5.98 42.60
N ASP B 324 -16.74 5.35 43.05
CA ASP B 324 -17.03 3.95 42.80
C ASP B 324 -18.30 3.82 41.94
N GLY B 325 -18.67 4.88 41.21
CA GLY B 325 -19.82 4.82 40.33
C GLY B 325 -21.08 5.30 41.05
N PRO B 326 -22.23 5.39 40.34
CA PRO B 326 -23.43 6.00 40.91
C PRO B 326 -24.11 5.17 42.00
N GLU B 327 -23.70 3.91 42.15
CA GLU B 327 -24.24 3.03 43.19
C GLU B 327 -23.32 2.98 44.40
N GLY B 328 -22.15 3.62 44.30
CA GLY B 328 -21.20 3.71 45.39
C GLY B 328 -21.41 4.94 46.26
N LYS B 329 -20.45 5.15 47.18
CA LYS B 329 -20.44 6.28 48.10
C LYS B 329 -20.37 7.59 47.33
N CYS B 330 -20.78 8.68 48.00
CA CYS B 330 -20.58 10.02 47.48
C CYS B 330 -19.68 10.81 48.44
N ILE B 331 -18.58 11.35 47.91
CA ILE B 331 -17.68 12.17 48.72
C ILE B 331 -17.81 13.61 48.25
N GLU B 332 -17.12 14.51 48.96
CA GLU B 332 -17.12 15.92 48.60
C GLU B 332 -15.70 16.33 48.22
N ILE B 333 -15.55 17.05 47.10
CA ILE B 333 -14.29 17.69 46.75
C ILE B 333 -14.43 19.19 46.98
N ASP B 334 -13.49 19.76 47.76
CA ASP B 334 -13.53 21.16 48.15
C ASP B 334 -12.48 21.97 47.39
N PHE B 335 -12.93 22.82 46.46
CA PHE B 335 -12.04 23.65 45.64
C PHE B 335 -11.84 25.04 46.26
N THR B 336 -12.15 25.19 47.55
CA THR B 336 -11.90 26.43 48.27
C THR B 336 -10.40 26.72 48.24
N THR B 337 -10.05 27.96 47.89
CA THR B 337 -8.67 28.43 47.81
C THR B 337 -8.25 29.04 49.15
N PRO B 338 -6.93 29.08 49.51
CA PRO B 338 -5.87 28.46 48.68
C PRO B 338 -5.76 26.96 48.90
N TRP B 339 -5.15 26.29 47.91
CA TRP B 339 -5.04 24.84 47.95
C TRP B 339 -3.78 24.43 48.72
N LYS B 340 -3.82 23.22 49.25
CA LYS B 340 -2.70 22.62 49.94
C LYS B 340 -1.49 22.57 48.99
N ARG B 341 -0.31 22.84 49.55
CA ARG B 341 0.96 22.59 48.90
C ARG B 341 1.64 21.42 49.59
N PHE B 342 2.15 20.47 48.81
CA PHE B 342 3.04 19.42 49.29
C PHE B 342 4.38 19.57 48.55
N SER B 343 5.47 19.74 49.30
CA SER B 343 6.80 19.71 48.74
C SER B 343 7.22 18.26 48.46
N PHE B 344 7.63 17.99 47.21
CA PHE B 344 7.82 16.64 46.69
C PHE B 344 8.71 15.81 47.62
N VAL B 345 9.96 16.24 47.78
CA VAL B 345 10.93 15.44 48.49
C VAL B 345 10.56 15.36 49.98
N GLU B 346 10.21 16.49 50.60
CA GLU B 346 9.90 16.53 52.02
C GLU B 346 8.77 15.58 52.38
N GLU B 347 7.73 15.53 51.54
CA GLU B 347 6.59 14.66 51.83
C GLU B 347 6.98 13.20 51.70
N ILE B 348 7.82 12.88 50.72
CA ILE B 348 8.36 11.54 50.59
C ILE B 348 9.14 11.18 51.86
N GLU B 349 9.98 12.10 52.34
CA GLU B 349 10.82 11.87 53.49
C GLU B 349 10.00 11.75 54.78
N SER B 350 8.85 12.43 54.87
CA SER B 350 7.92 12.26 55.98
C SER B 350 7.35 10.84 56.00
N GLY B 351 6.95 10.34 54.83
CA GLY B 351 6.45 8.98 54.71
C GLY B 351 7.50 7.95 55.10
N LEU B 352 8.75 8.18 54.68
CA LEU B 352 9.82 7.23 54.88
C LEU B 352 10.30 7.22 56.34
N GLY B 353 10.19 8.36 57.01
CA GLY B 353 10.82 8.56 58.29
C GLY B 353 12.33 8.73 58.21
N GLU B 354 12.85 9.06 57.02
CA GLU B 354 14.25 9.37 56.86
C GLU B 354 14.52 10.05 55.52
N LYS B 355 15.70 10.65 55.41
CA LYS B 355 16.08 11.47 54.27
C LYS B 355 16.57 10.63 53.10
N LEU B 356 16.23 11.06 51.88
CA LEU B 356 16.86 10.55 50.67
C LEU B 356 18.33 10.97 50.67
N LYS B 357 19.14 10.20 49.94
CA LYS B 357 20.57 10.47 49.86
C LYS B 357 20.84 11.47 48.76
N ARG B 358 21.96 12.19 48.87
CA ARG B 358 22.29 13.28 47.97
C ARG B 358 23.64 13.02 47.34
N PRO B 359 23.86 13.28 46.04
CA PRO B 359 22.81 13.78 45.14
C PRO B 359 21.69 12.77 44.91
N LEU B 360 20.51 13.27 44.51
CA LEU B 360 19.33 12.46 44.32
C LEU B 360 19.51 11.48 43.17
N ASP B 361 20.36 11.79 42.19
CA ASP B 361 20.56 10.92 41.05
C ASP B 361 21.80 10.04 41.23
N SER B 362 22.43 10.10 42.41
CA SER B 362 23.58 9.26 42.72
C SER B 362 23.17 7.79 42.75
N GLN B 363 24.16 6.91 42.55
CA GLN B 363 23.95 5.48 42.68
C GLN B 363 23.54 5.16 44.11
N GLU B 364 24.13 5.88 45.07
CA GLU B 364 23.79 5.72 46.48
C GLU B 364 22.28 5.86 46.66
N ASN B 365 21.70 6.91 46.07
CA ASN B 365 20.28 7.21 46.29
C ASN B 365 19.41 6.27 45.46
N ILE B 366 19.82 5.91 44.25
CA ILE B 366 19.11 4.92 43.48
C ILE B 366 18.95 3.65 44.32
N ASP B 367 20.06 3.14 44.88
CA ASP B 367 20.04 1.94 45.71
C ASP B 367 19.12 2.14 46.92
N PHE B 368 19.31 3.25 47.64
CA PHE B 368 18.48 3.55 48.79
C PHE B 368 17.00 3.52 48.43
N MET B 369 16.65 4.09 47.27
CA MET B 369 15.26 4.22 46.86
C MET B 369 14.69 2.85 46.48
N VAL B 370 15.53 2.00 45.89
CA VAL B 370 15.16 0.63 45.63
C VAL B 370 14.89 -0.08 46.97
N GLU B 371 15.79 0.07 47.93
CA GLU B 371 15.63 -0.49 49.28
C GLU B 371 14.27 -0.06 49.88
N MET B 372 13.95 1.24 49.81
CA MET B 372 12.72 1.76 50.39
C MET B 372 11.49 1.21 49.66
N CYS B 373 11.59 1.07 48.33
CA CYS B 373 10.49 0.50 47.57
C CYS B 373 10.17 -0.92 48.04
N GLU B 374 11.21 -1.72 48.33
CA GLU B 374 11.04 -3.10 48.77
C GLU B 374 10.40 -3.09 50.16
N LYS B 375 10.91 -2.20 51.02
CA LYS B 375 10.45 -2.10 52.40
C LYS B 375 8.97 -1.72 52.51
N HIS B 376 8.49 -0.80 51.66
CA HIS B 376 7.12 -0.31 51.73
C HIS B 376 6.26 -0.98 50.66
N GLU B 377 6.80 -2.05 50.06
CA GLU B 377 6.08 -2.90 49.11
C GLU B 377 5.56 -2.08 47.93
N ILE B 378 6.45 -1.26 47.35
CA ILE B 378 6.13 -0.47 46.17
C ILE B 378 6.72 -1.17 44.95
N GLU B 379 5.86 -1.36 43.93
CA GLU B 379 6.27 -2.03 42.72
C GLU B 379 7.40 -1.20 42.11
N LEU B 380 8.52 -1.85 41.79
CA LEU B 380 9.68 -1.18 41.25
C LEU B 380 9.41 -0.83 39.79
N PRO B 381 10.05 0.24 39.26
CA PRO B 381 9.98 0.56 37.84
C PRO B 381 11.09 -0.10 37.05
N HIS B 382 10.94 -0.06 35.72
CA HIS B 382 12.01 -0.50 34.84
C HIS B 382 12.19 0.49 33.68
N PRO B 383 13.43 0.97 33.41
CA PRO B 383 14.58 0.71 34.29
C PRO B 383 14.49 1.47 35.61
N ARG B 384 15.44 1.23 36.50
CA ARG B 384 15.43 1.81 37.84
C ARG B 384 16.25 3.11 37.86
N THR B 385 15.77 4.10 37.09
CA THR B 385 16.37 5.42 37.08
C THR B 385 15.93 6.14 38.35
N ALA B 386 16.68 7.16 38.75
CA ALA B 386 16.33 7.95 39.91
C ALA B 386 14.97 8.59 39.71
N ALA B 387 14.76 9.12 38.48
CA ALA B 387 13.51 9.77 38.12
C ALA B 387 12.29 8.89 38.38
N LYS B 388 12.37 7.61 37.97
CA LYS B 388 11.22 6.72 37.99
C LYS B 388 11.02 6.17 39.40
N LEU B 389 12.11 6.03 40.16
CA LEU B 389 12.04 5.64 41.57
C LEU B 389 11.39 6.77 42.36
N LEU B 390 11.81 8.00 42.11
CA LEU B 390 11.22 9.17 42.76
C LEU B 390 9.72 9.22 42.47
N ASP B 391 9.35 8.95 41.22
CA ASP B 391 7.95 8.94 40.81
C ASP B 391 7.14 7.91 41.60
N LYS B 392 7.66 6.69 41.71
CA LYS B 392 6.94 5.65 42.43
C LYS B 392 6.73 6.03 43.89
N LEU B 393 7.75 6.65 44.51
CA LEU B 393 7.69 7.04 45.90
C LEU B 393 6.66 8.14 46.08
N ALA B 394 6.68 9.14 45.19
CA ALA B 394 5.69 10.22 45.23
C ALA B 394 4.29 9.66 45.05
N GLY B 395 4.14 8.63 44.20
CA GLY B 395 2.85 8.00 43.97
C GLY B 395 2.30 7.32 45.24
N HIS B 396 3.20 6.75 46.04
CA HIS B 396 2.84 6.04 47.25
C HIS B 396 2.58 7.02 48.39
N PHE B 397 3.49 7.99 48.62
CA PHE B 397 3.48 8.78 49.84
C PHE B 397 2.80 10.13 49.69
N VAL B 398 2.67 10.66 48.46
CA VAL B 398 2.27 12.05 48.32
C VAL B 398 0.97 12.19 47.53
N GLU B 399 0.88 11.52 46.38
CA GLU B 399 -0.30 11.61 45.52
C GLU B 399 -1.53 11.11 46.27
N THR B 400 -1.33 10.15 47.16
CA THR B 400 -2.38 9.52 47.94
C THR B 400 -2.94 10.47 49.00
N LYS B 401 -2.24 11.56 49.34
CA LYS B 401 -2.74 12.51 50.30
C LYS B 401 -3.57 13.59 49.60
N CYS B 402 -3.69 13.53 48.27
CA CYS B 402 -4.29 14.62 47.51
C CYS B 402 -5.75 14.32 47.18
N THR B 403 -6.63 14.55 48.15
CA THR B 403 -8.05 14.37 47.91
C THR B 403 -8.59 15.65 47.30
N ASN B 404 -8.60 16.70 48.12
CA ASN B 404 -8.96 18.01 47.60
C ASN B 404 -7.85 18.45 46.66
N PRO B 405 -8.14 19.36 45.69
CA PRO B 405 -7.10 19.89 44.81
C PRO B 405 -5.88 20.29 45.64
N SER B 406 -4.74 19.68 45.30
CA SER B 406 -3.48 19.88 45.99
C SER B 406 -2.36 20.04 44.95
N PHE B 407 -1.42 20.94 45.23
CA PHE B 407 -0.22 21.13 44.44
C PHE B 407 0.92 20.31 45.08
N ILE B 408 1.52 19.41 44.27
CA ILE B 408 2.81 18.87 44.58
C ILE B 408 3.84 19.74 43.86
N ILE B 409 4.88 20.17 44.58
CA ILE B 409 5.77 21.22 44.11
C ILE B 409 7.24 20.82 44.31
N ASP B 410 8.10 21.49 43.54
CA ASP B 410 9.53 21.55 43.76
C ASP B 410 10.18 20.20 43.43
N HIS B 411 9.68 19.56 42.38
CA HIS B 411 10.19 18.29 41.88
C HIS B 411 11.69 18.34 41.60
N PRO B 412 12.44 17.28 41.95
CA PRO B 412 13.81 17.13 41.48
C PRO B 412 14.04 17.35 39.99
N GLN B 413 15.20 17.93 39.68
CA GLN B 413 15.64 18.20 38.33
C GLN B 413 15.72 16.90 37.52
N THR B 414 16.14 15.82 38.20
CA THR B 414 16.48 14.60 37.52
C THR B 414 15.23 14.02 36.85
N MET B 415 14.02 14.41 37.33
CA MET B 415 12.78 13.91 36.72
C MET B 415 12.05 15.03 35.97
N SER B 416 12.71 16.19 35.81
CA SER B 416 12.06 17.41 35.33
C SER B 416 12.99 18.07 34.32
N PRO B 417 13.21 17.41 33.15
CA PRO B 417 14.25 17.83 32.24
C PRO B 417 14.04 19.16 31.49
N LEU B 418 12.83 19.71 31.56
CA LEU B 418 12.50 20.95 30.87
C LEU B 418 12.16 22.05 31.86
N ALA B 419 12.33 21.78 33.16
CA ALA B 419 11.93 22.72 34.21
C ALA B 419 13.15 23.43 34.76
N LYS B 420 13.02 24.73 35.01
CA LYS B 420 14.16 25.53 35.44
C LYS B 420 14.49 25.23 36.92
N TRP B 421 15.78 25.19 37.21
CA TRP B 421 16.26 24.95 38.57
C TRP B 421 15.58 25.88 39.58
N HIS B 422 15.35 25.37 40.79
CA HIS B 422 14.73 26.15 41.85
C HIS B 422 15.70 27.25 42.26
N ARG B 423 15.18 28.44 42.53
CA ARG B 423 16.03 29.58 42.81
C ARG B 423 16.59 29.51 44.23
N GLU B 424 16.00 28.66 45.09
CA GLU B 424 16.45 28.51 46.47
C GLU B 424 16.95 27.09 46.77
N LYS B 425 16.31 26.06 46.21
CA LYS B 425 16.50 24.68 46.64
C LYS B 425 17.41 23.92 45.69
N PRO B 426 18.60 23.46 46.15
CA PRO B 426 19.48 22.67 45.30
C PRO B 426 18.83 21.36 44.85
N GLU B 427 19.05 21.02 43.57
CA GLU B 427 18.65 19.78 42.93
C GLU B 427 17.17 19.78 42.55
N MET B 428 16.44 20.84 42.92
CA MET B 428 15.00 20.90 42.67
C MET B 428 14.72 21.85 41.51
N THR B 429 13.47 21.84 41.05
CA THR B 429 13.02 22.71 39.97
C THR B 429 11.78 23.46 40.41
N GLU B 430 11.45 24.49 39.62
CA GLU B 430 10.28 25.31 39.84
C GLU B 430 9.09 24.69 39.08
N ARG B 431 8.56 23.61 39.64
CA ARG B 431 7.52 22.83 39.01
C ARG B 431 6.40 22.58 40.01
N PHE B 432 5.17 22.45 39.49
CA PHE B 432 4.10 21.88 40.26
C PHE B 432 3.25 20.98 39.38
N GLU B 433 2.61 20.01 40.04
CA GLU B 433 1.51 19.24 39.49
C GLU B 433 0.29 19.51 40.36
N LEU B 434 -0.89 19.56 39.74
CA LEU B 434 -2.13 19.61 40.47
C LEU B 434 -2.77 18.23 40.49
N PHE B 435 -3.09 17.76 41.69
CA PHE B 435 -3.78 16.49 41.85
C PHE B 435 -5.14 16.71 42.50
N VAL B 436 -6.14 15.99 41.97
CA VAL B 436 -7.45 15.90 42.59
C VAL B 436 -7.77 14.42 42.70
N LEU B 437 -8.07 14.00 43.94
CA LEU B 437 -8.39 12.62 44.25
C LEU B 437 -7.32 11.65 43.74
N GLY B 438 -6.06 12.00 43.95
CA GLY B 438 -4.94 11.15 43.58
C GLY B 438 -4.65 11.10 42.07
N LYS B 439 -5.34 11.90 41.25
CA LYS B 439 -5.12 11.92 39.81
C LYS B 439 -4.59 13.28 39.36
N GLU B 440 -3.61 13.26 38.47
CA GLU B 440 -2.97 14.47 37.97
C GLU B 440 -3.89 15.18 36.98
N LEU B 441 -4.02 16.51 37.15
CA LEU B 441 -4.82 17.39 36.30
C LEU B 441 -3.92 18.34 35.52
N CYS B 442 -2.92 18.94 36.21
CA CYS B 442 -2.07 19.94 35.62
C CYS B 442 -0.61 19.61 35.91
N ASN B 443 0.26 20.14 35.04
CA ASN B 443 1.70 20.03 35.15
C ASN B 443 2.31 21.30 34.57
N ALA B 444 3.14 21.97 35.36
CA ALA B 444 3.51 23.34 35.06
C ALA B 444 4.87 23.63 35.67
N TYR B 445 5.62 24.57 35.06
CA TYR B 445 6.86 25.01 35.65
C TYR B 445 7.33 26.35 35.08
N THR B 446 8.17 27.04 35.87
CA THR B 446 9.07 28.02 35.31
C THR B 446 9.91 27.30 34.28
N GLU B 447 9.89 27.78 33.04
CA GLU B 447 10.49 27.07 31.92
C GLU B 447 12.00 27.22 31.92
N LEU B 448 12.72 26.12 31.66
CA LEU B 448 14.16 26.19 31.52
C LEU B 448 14.52 26.92 30.23
N ASN B 449 15.32 27.99 30.38
CA ASN B 449 15.68 28.83 29.24
C ASN B 449 17.20 28.95 29.07
N GLU B 450 17.95 28.08 29.76
CA GLU B 450 19.41 28.07 29.69
C GLU B 450 19.84 26.87 28.84
N PRO B 451 20.42 27.07 27.64
CA PRO B 451 20.58 25.98 26.67
C PRO B 451 21.66 24.96 26.97
N LEU B 452 22.61 25.32 27.82
CA LEU B 452 23.69 24.41 28.15
C LEU B 452 23.13 23.27 28.99
N GLN B 453 22.42 23.62 30.07
CA GLN B 453 21.75 22.65 30.92
C GLN B 453 20.70 21.87 30.17
N GLN B 454 19.95 22.58 29.31
CA GLN B 454 18.89 21.93 28.57
C GLN B 454 19.49 20.81 27.72
N ARG B 455 20.62 21.10 27.05
CA ARG B 455 21.27 20.09 26.22
C ARG B 455 21.69 18.93 27.11
N LYS B 456 22.20 19.23 28.31
CA LYS B 456 22.67 18.19 29.21
C LYS B 456 21.51 17.27 29.63
N PHE B 457 20.37 17.85 29.97
CA PHE B 457 19.26 17.06 30.49
C PHE B 457 18.67 16.19 29.38
N PHE B 458 18.69 16.69 28.14
CA PHE B 458 18.23 15.94 26.98
C PHE B 458 19.13 14.73 26.73
N GLU B 459 20.43 14.91 26.97
CA GLU B 459 21.41 13.83 26.84
C GLU B 459 21.12 12.76 27.89
N GLN B 460 20.82 13.17 29.14
CA GLN B 460 20.51 12.23 30.20
C GLN B 460 19.28 11.42 29.84
N GLN B 461 18.32 12.10 29.18
CA GLN B 461 17.07 11.49 28.77
C GLN B 461 17.31 10.46 27.66
N ALA B 462 18.17 10.81 26.69
CA ALA B 462 18.46 9.92 25.57
C ALA B 462 19.21 8.69 26.08
N ASP B 463 20.04 8.88 27.12
CA ASP B 463 20.77 7.80 27.78
C ASP B 463 19.78 6.87 28.47
N ALA B 464 18.77 7.46 29.11
CA ALA B 464 17.75 6.66 29.76
C ALA B 464 16.98 5.86 28.72
N LYS B 465 16.73 6.47 27.56
CA LYS B 465 15.98 5.83 26.49
C LYS B 465 16.78 4.61 25.98
N ALA B 466 18.08 4.81 25.78
CA ALA B 466 18.95 3.75 25.28
C ALA B 466 19.07 2.62 26.31
N SER B 467 18.83 2.91 27.60
CA SER B 467 18.87 1.91 28.67
C SER B 467 17.53 1.19 28.81
N GLY B 468 16.57 1.47 27.93
CA GLY B 468 15.28 0.79 27.92
C GLY B 468 14.11 1.55 28.57
N ASP B 469 14.26 2.84 28.92
CA ASP B 469 13.12 3.65 29.37
C ASP B 469 12.29 4.10 28.15
N VAL B 470 11.13 3.50 27.96
CA VAL B 470 10.31 3.75 26.77
C VAL B 470 9.53 5.05 26.90
N GLU B 471 9.61 5.70 28.08
CA GLU B 471 8.94 6.98 28.32
C GLU B 471 9.94 8.14 28.31
N ALA B 472 11.22 7.85 28.08
CA ALA B 472 12.23 8.90 27.94
C ALA B 472 12.31 9.34 26.47
N CYS B 473 12.59 10.64 26.27
CA CYS B 473 12.51 11.27 24.96
C CYS B 473 13.91 11.50 24.38
N PRO B 474 14.04 11.43 23.04
CA PRO B 474 15.30 11.69 22.36
C PRO B 474 15.68 13.17 22.36
N ILE B 475 16.92 13.47 22.01
CA ILE B 475 17.41 14.84 21.98
C ILE B 475 16.71 15.57 20.82
N ASP B 476 16.21 16.80 21.07
CA ASP B 476 15.74 17.69 20.01
C ASP B 476 16.70 18.88 19.84
N GLU B 477 17.58 18.77 18.83
CA GLU B 477 18.60 19.78 18.58
C GLU B 477 17.93 21.07 18.09
N THR B 478 16.82 20.97 17.35
CA THR B 478 16.18 22.16 16.83
C THR B 478 15.62 23.00 18.00
N PHE B 479 15.12 22.33 19.05
CA PHE B 479 14.67 23.02 20.26
C PHE B 479 15.83 23.70 21.00
N CYS B 480 16.98 23.03 21.09
CA CYS B 480 18.14 23.61 21.74
C CYS B 480 18.61 24.85 20.98
N LEU B 481 18.56 24.77 19.64
CA LEU B 481 18.94 25.89 18.80
C LEU B 481 17.99 27.06 19.03
N ALA B 482 16.71 26.76 19.22
CA ALA B 482 15.73 27.81 19.50
C ALA B 482 16.07 28.51 20.82
N LEU B 483 16.51 27.75 21.82
CA LEU B 483 16.84 28.32 23.12
C LEU B 483 18.04 29.24 22.99
N GLU B 484 18.92 28.90 22.04
CA GLU B 484 20.11 29.70 21.77
C GLU B 484 19.71 31.06 21.17
N HIS B 485 18.47 31.23 20.72
CA HIS B 485 18.01 32.51 20.21
C HIS B 485 17.33 33.36 21.29
N GLY B 486 17.20 32.82 22.50
CA GLY B 486 16.80 33.60 23.66
C GLY B 486 15.32 33.45 23.97
N LEU B 487 15.03 32.52 24.88
CA LEU B 487 13.66 32.35 25.38
C LEU B 487 13.53 33.24 26.60
N PRO B 488 12.60 34.22 26.58
CA PRO B 488 12.38 35.05 27.76
C PRO B 488 12.07 34.18 28.97
N PRO B 489 12.32 34.69 30.21
CA PRO B 489 11.74 34.08 31.40
C PRO B 489 10.29 33.79 31.10
N THR B 490 9.84 32.54 31.30
CA THR B 490 8.53 32.11 30.85
C THR B 490 7.96 31.10 31.83
N GLY B 491 6.63 31.07 31.93
CA GLY B 491 5.94 30.03 32.68
C GLY B 491 5.01 29.23 31.78
N GLY B 492 5.07 27.89 31.90
CA GLY B 492 4.28 27.01 31.06
C GLY B 492 3.44 26.06 31.89
N TRP B 493 2.43 25.46 31.23
CA TRP B 493 1.35 24.84 31.95
C TRP B 493 0.53 23.97 31.01
N GLY B 494 0.13 22.81 31.53
CA GLY B 494 -0.73 21.90 30.80
C GLY B 494 -1.83 21.36 31.71
N LEU B 495 -2.99 21.09 31.08
CA LEU B 495 -4.18 20.61 31.76
C LEU B 495 -4.81 19.51 30.94
N GLY B 496 -5.17 18.41 31.62
CA GLY B 496 -5.99 17.39 31.01
C GLY B 496 -7.46 17.78 31.08
N ILE B 497 -8.02 18.26 29.96
CA ILE B 497 -9.41 18.71 29.95
C ILE B 497 -10.33 17.58 30.38
N ASP B 498 -10.08 16.35 29.92
CA ASP B 498 -11.06 15.30 30.06
C ASP B 498 -11.15 14.87 31.53
N ARG B 499 -10.01 14.81 32.22
CA ARG B 499 -10.01 14.48 33.63
C ARG B 499 -10.72 15.57 34.41
N LEU B 500 -10.55 16.82 33.96
CA LEU B 500 -11.27 17.93 34.58
C LEU B 500 -12.77 17.72 34.41
N ILE B 501 -13.20 17.27 33.22
CA ILE B 501 -14.62 17.07 32.97
C ILE B 501 -15.13 15.94 33.86
N MET B 502 -14.31 14.92 34.11
CA MET B 502 -14.69 13.82 34.99
C MET B 502 -15.11 14.37 36.36
N PHE B 503 -14.35 15.32 36.89
CA PHE B 503 -14.65 15.87 38.20
C PHE B 503 -15.88 16.78 38.11
N LEU B 504 -15.95 17.64 37.10
CA LEU B 504 -17.05 18.59 37.01
C LEU B 504 -18.38 17.86 36.78
N ALA B 505 -18.35 16.79 35.98
CA ALA B 505 -19.58 16.12 35.60
C ALA B 505 -19.85 14.92 36.52
N ASP B 506 -18.92 14.64 37.45
CA ASP B 506 -18.99 13.53 38.39
C ASP B 506 -19.05 12.20 37.65
N LYS B 507 -17.96 11.84 36.97
CA LYS B 507 -17.82 10.53 36.34
C LYS B 507 -16.50 9.91 36.77
N ASN B 508 -16.50 8.59 37.02
CA ASN B 508 -15.29 7.96 37.50
C ASN B 508 -14.58 7.21 36.37
N ASN B 509 -15.15 7.27 35.17
CA ASN B 509 -14.66 6.58 34.00
C ASN B 509 -14.48 7.57 32.85
N ILE B 510 -13.25 7.60 32.30
CA ILE B 510 -12.92 8.44 31.17
C ILE B 510 -13.89 8.21 30.01
N LYS B 511 -14.42 6.99 29.88
CA LYS B 511 -15.26 6.65 28.76
C LYS B 511 -16.54 7.48 28.78
N GLU B 512 -16.87 8.03 29.95
CA GLU B 512 -18.11 8.80 30.06
C GLU B 512 -17.96 10.17 29.43
N VAL B 513 -16.73 10.70 29.33
CA VAL B 513 -16.52 12.09 28.94
C VAL B 513 -15.87 12.20 27.56
N ILE B 514 -15.64 11.07 26.88
CA ILE B 514 -15.17 11.07 25.51
C ILE B 514 -16.21 10.37 24.65
N LEU B 515 -16.59 10.97 23.53
CA LEU B 515 -17.71 10.48 22.73
C LEU B 515 -17.43 9.06 22.24
N PHE B 516 -16.24 8.85 21.65
CA PHE B 516 -15.90 7.57 21.10
C PHE B 516 -14.60 7.06 21.73
N PRO B 517 -14.61 6.60 22.98
CA PRO B 517 -13.39 6.17 23.67
C PRO B 517 -12.86 4.84 23.12
N ALA B 518 -11.59 4.59 23.41
CA ALA B 518 -10.96 3.35 23.02
C ALA B 518 -11.46 2.21 23.90
N MET B 519 -11.55 1.02 23.28
CA MET B 519 -12.14 -0.18 23.85
C MET B 519 -11.23 -1.38 23.55
N ARG B 520 -11.29 -2.43 24.38
CA ARG B 520 -10.65 -3.71 24.10
C ARG B 520 -11.28 -4.38 22.87
N ASN B 521 -10.44 -5.05 22.05
CA ASN B 521 -10.86 -5.68 20.80
C ASN B 521 -10.92 -7.19 21.01
N SER C 21 30.57 29.34 14.22
CA SER C 21 30.68 30.81 14.33
C SER C 21 31.38 31.13 15.66
N HIS C 22 32.35 32.05 15.59
CA HIS C 22 33.10 32.48 16.76
C HIS C 22 32.11 33.12 17.75
N TYR C 23 31.12 33.84 17.21
CA TYR C 23 30.17 34.65 17.96
C TYR C 23 29.48 33.83 19.05
N THR C 24 29.02 32.63 18.67
CA THR C 24 28.28 31.75 19.54
C THR C 24 29.18 31.25 20.67
N ASP C 25 30.43 30.88 20.36
CA ASP C 25 31.37 30.39 21.36
C ASP C 25 31.65 31.50 22.38
N ASN C 26 31.86 32.73 21.88
CA ASN C 26 32.24 33.85 22.73
C ASN C 26 31.11 34.23 23.66
N ARG C 27 29.87 34.02 23.21
CA ARG C 27 28.73 34.35 24.03
C ARG C 27 28.62 33.35 25.18
N TYR C 28 28.82 32.07 24.89
CA TYR C 28 28.87 31.05 25.94
C TYR C 28 29.99 31.41 26.93
N LYS C 29 31.11 31.91 26.41
CA LYS C 29 32.25 32.30 27.24
C LYS C 29 31.87 33.48 28.13
N MET C 30 31.18 34.46 27.55
CA MET C 30 30.75 35.63 28.31
C MET C 30 29.83 35.17 29.45
N MET C 31 28.92 34.25 29.16
CA MET C 31 27.91 33.86 30.13
C MET C 31 28.57 33.12 31.29
N GLU C 32 29.64 32.38 30.99
CA GLU C 32 30.42 31.72 32.02
C GLU C 32 31.12 32.77 32.89
N CYS C 33 31.73 33.78 32.25
CA CYS C 33 32.37 34.87 32.97
C CYS C 33 31.39 35.57 33.90
N ILE C 34 30.18 35.83 33.39
CA ILE C 34 29.14 36.47 34.17
C ILE C 34 28.82 35.62 35.40
N LYS C 35 28.71 34.30 35.22
CA LYS C 35 28.34 33.41 36.32
C LYS C 35 29.45 33.36 37.37
N ASP C 36 30.69 33.24 36.92
CA ASP C 36 31.85 33.16 37.80
C ASP C 36 32.00 34.48 38.57
N ALA C 37 31.59 35.59 37.96
CA ALA C 37 31.70 36.91 38.56
C ALA C 37 30.52 37.21 39.51
N GLY C 38 29.60 36.23 39.68
CA GLY C 38 28.43 36.40 40.54
C GLY C 38 27.39 37.37 39.99
N ARG C 39 27.49 37.76 38.73
CA ARG C 39 26.58 38.74 38.14
C ARG C 39 25.30 38.02 37.68
N PRO C 40 24.20 38.76 37.40
CA PRO C 40 22.93 38.14 37.00
C PRO C 40 23.02 37.16 35.84
N PHE C 41 22.61 35.92 36.10
CA PHE C 41 22.70 34.81 35.17
C PHE C 41 21.32 34.16 35.04
N TYR C 42 20.59 34.47 33.96
CA TYR C 42 19.26 33.94 33.68
C TYR C 42 18.37 34.03 34.92
N PRO C 43 17.97 35.26 35.35
CA PRO C 43 17.06 35.40 36.48
C PRO C 43 15.71 34.70 36.25
N HIS C 44 15.15 34.19 37.35
CA HIS C 44 13.91 33.43 37.32
C HIS C 44 12.73 34.35 37.02
N LYS C 45 12.69 35.53 37.66
CA LYS C 45 11.50 36.36 37.63
C LYS C 45 11.86 37.82 37.46
N PHE C 46 11.27 38.49 36.47
CA PHE C 46 11.36 39.93 36.29
C PHE C 46 9.97 40.52 36.30
N LYS C 47 9.71 41.43 37.26
CA LYS C 47 8.37 41.97 37.46
C LYS C 47 8.28 43.28 36.68
N ILE C 48 7.58 43.25 35.54
CA ILE C 48 7.34 44.45 34.75
C ILE C 48 6.28 45.31 35.44
N SER C 49 6.40 46.62 35.31
CA SER C 49 5.39 47.55 35.79
C SER C 49 4.16 47.53 34.89
N MET C 50 4.37 47.39 33.59
CA MET C 50 3.30 47.32 32.62
C MET C 50 3.89 46.81 31.31
N SER C 51 3.00 46.42 30.38
CA SER C 51 3.39 46.01 29.07
C SER C 51 3.90 47.22 28.30
N LEU C 52 4.63 46.97 27.20
CA LEU C 52 5.07 48.06 26.34
C LEU C 52 3.87 48.72 25.67
N PRO C 53 2.85 47.98 25.15
CA PRO C 53 1.66 48.64 24.60
C PRO C 53 1.00 49.56 25.62
N ALA C 54 0.95 49.10 26.87
CA ALA C 54 0.31 49.87 27.93
C ALA C 54 1.15 51.10 28.26
N TYR C 55 2.46 50.96 28.08
CA TYR C 55 3.37 52.06 28.30
C TYR C 55 3.20 53.12 27.21
N ALA C 56 3.05 52.67 25.98
CA ALA C 56 2.86 53.57 24.83
C ALA C 56 1.51 54.26 24.92
N LEU C 57 0.52 53.58 25.46
CA LEU C 57 -0.82 54.13 25.65
C LEU C 57 -0.76 55.22 26.70
N LYS C 58 0.04 55.04 27.73
CA LYS C 58 0.06 55.98 28.82
C LYS C 58 0.95 57.18 28.51
N TYR C 59 2.11 56.97 27.89
CA TYR C 59 3.11 58.02 27.80
C TYR C 59 3.39 58.42 26.36
N GLY C 60 2.68 57.85 25.41
CA GLY C 60 3.04 58.03 24.01
C GLY C 60 2.72 59.45 23.49
N ASN C 61 1.80 60.17 24.16
CA ASN C 61 1.34 61.46 23.70
C ASN C 61 1.75 62.57 24.65
N VAL C 62 2.78 62.37 25.48
CA VAL C 62 3.31 63.46 26.27
C VAL C 62 4.07 64.40 25.34
N GLU C 63 4.39 65.60 25.83
CA GLU C 63 5.12 66.56 25.03
C GLU C 63 6.59 66.13 24.95
N ASN C 64 7.26 66.53 23.87
CA ASN C 64 8.67 66.29 23.70
C ASN C 64 9.44 66.79 24.94
N GLY C 65 10.42 65.99 25.38
CA GLY C 65 11.28 66.34 26.50
C GLY C 65 10.65 66.03 27.86
N TYR C 66 9.43 65.46 27.89
CA TYR C 66 8.77 65.19 29.15
C TYR C 66 9.49 64.09 29.92
N ILE C 67 9.60 64.24 31.25
CA ILE C 67 10.15 63.20 32.08
C ILE C 67 9.56 63.32 33.49
N ASP C 68 9.14 62.19 34.06
CA ASP C 68 8.63 62.12 35.42
C ASP C 68 9.64 61.32 36.26
N LYS C 69 10.53 62.05 36.95
CA LYS C 69 11.54 61.45 37.80
C LYS C 69 10.94 60.86 39.08
N ASP C 70 9.64 61.07 39.33
CA ASP C 70 9.01 60.57 40.55
C ASP C 70 8.40 59.18 40.35
N THR C 71 8.47 58.65 39.13
CA THR C 71 7.91 57.35 38.79
C THR C 71 9.01 56.45 38.23
N THR C 72 9.28 55.33 38.90
CA THR C 72 10.25 54.35 38.47
C THR C 72 9.49 53.14 37.93
N LEU C 73 9.78 52.76 36.66
CA LEU C 73 9.08 51.68 36.02
C LEU C 73 10.06 50.61 35.54
N SER C 74 9.61 49.35 35.55
CA SER C 74 10.35 48.24 34.97
C SER C 74 9.68 47.81 33.66
N LEU C 75 10.47 47.80 32.57
CA LEU C 75 10.01 47.34 31.28
C LEU C 75 10.95 46.25 30.78
N SER C 76 10.42 45.40 29.88
CA SER C 76 11.23 44.37 29.29
C SER C 76 10.82 44.13 27.85
N GLY C 77 11.80 43.67 27.07
CA GLY C 77 11.58 43.26 25.69
C GLY C 77 12.83 42.64 25.08
N ARG C 78 12.80 42.40 23.77
CA ARG C 78 13.99 41.99 23.03
C ARG C 78 14.64 43.23 22.44
N VAL C 79 15.97 43.30 22.55
CA VAL C 79 16.74 44.40 21.98
C VAL C 79 16.79 44.28 20.45
N THR C 80 16.36 45.35 19.77
CA THR C 80 16.37 45.40 18.31
C THR C 80 17.40 46.39 17.80
N SER C 81 18.00 47.19 18.72
CA SER C 81 18.96 48.22 18.33
C SER C 81 19.80 48.65 19.53
N ILE C 82 21.10 48.88 19.27
CA ILE C 82 22.02 49.48 20.22
C ILE C 82 22.87 50.50 19.47
N ARG C 83 22.73 51.78 19.86
CA ARG C 83 23.68 52.81 19.49
C ARG C 83 24.29 53.39 20.75
N SER C 84 25.60 53.18 20.96
CA SER C 84 26.36 54.00 21.89
C SER C 84 26.80 55.27 21.18
N SER C 85 26.19 56.37 21.58
CA SER C 85 26.39 57.67 20.98
C SER C 85 27.63 58.35 21.58
N SER C 86 27.98 57.98 22.81
CA SER C 86 29.24 58.40 23.42
C SER C 86 29.60 57.40 24.51
N SER C 87 30.68 57.67 25.22
CA SER C 87 31.13 56.86 26.35
C SER C 87 30.10 56.89 27.48
N LYS C 88 29.18 57.86 27.46
CA LYS C 88 28.31 58.14 28.59
C LYS C 88 26.83 57.91 28.27
N LEU C 89 26.49 57.63 27.01
CA LEU C 89 25.10 57.61 26.60
C LEU C 89 24.85 56.47 25.62
N ILE C 90 23.94 55.57 25.97
CA ILE C 90 23.57 54.47 25.09
C ILE C 90 22.07 54.50 24.83
N PHE C 91 21.71 54.32 23.55
CA PHE C 91 20.33 54.19 23.12
C PHE C 91 20.03 52.75 22.71
N TYR C 92 19.03 52.16 23.39
CA TYR C 92 18.48 50.88 22.96
C TYR C 92 17.11 51.05 22.35
N ASP C 93 16.75 50.16 21.43
CA ASP C 93 15.34 49.88 21.19
C ASP C 93 15.00 48.50 21.74
N ILE C 94 13.90 48.41 22.51
CA ILE C 94 13.33 47.11 22.87
C ILE C 94 11.96 46.97 22.22
N PHE C 95 11.58 45.72 21.97
CA PHE C 95 10.34 45.39 21.29
C PHE C 95 9.67 44.23 22.02
N CYS C 96 8.35 44.36 22.21
CA CYS C 96 7.54 43.34 22.90
C CYS C 96 6.07 43.60 22.62
N GLU C 97 5.31 42.51 22.38
CA GLU C 97 3.88 42.60 22.14
C GLU C 97 3.57 43.70 21.13
N GLU C 98 4.30 43.74 20.02
CA GLU C 98 4.01 44.62 18.89
C GLU C 98 4.29 46.10 19.16
N GLN C 99 5.10 46.40 20.17
CA GLN C 99 5.37 47.78 20.54
C GLN C 99 6.87 47.97 20.74
N LYS C 100 7.41 48.99 20.05
CA LYS C 100 8.80 49.41 20.22
C LYS C 100 8.87 50.52 21.26
N VAL C 101 9.93 50.51 22.07
CA VAL C 101 10.15 51.58 23.03
C VAL C 101 11.66 51.83 23.10
N GLN C 102 12.05 53.12 23.10
CA GLN C 102 13.45 53.48 23.19
C GLN C 102 13.87 53.58 24.66
N ILE C 103 15.05 53.03 24.96
CA ILE C 103 15.66 53.17 26.25
C ILE C 103 16.88 54.09 26.10
N ILE C 104 17.00 55.06 27.01
CA ILE C 104 18.11 56.00 27.01
C ILE C 104 18.90 55.82 28.30
N ALA C 105 20.07 55.19 28.20
CA ALA C 105 20.91 54.89 29.35
C ALA C 105 22.03 55.94 29.46
N ASN C 106 21.86 56.87 30.41
CA ASN C 106 22.88 57.87 30.74
C ASN C 106 23.68 57.39 31.93
N ILE C 107 25.01 57.51 31.84
CA ILE C 107 25.88 57.12 32.95
C ILE C 107 25.51 57.89 34.22
N MET C 108 24.98 59.11 34.06
CA MET C 108 24.66 59.94 35.21
C MET C 108 23.57 59.28 36.05
N GLU C 109 22.71 58.45 35.43
CA GLU C 109 21.55 57.88 36.11
C GLU C 109 21.82 56.45 36.57
N HIS C 110 22.97 55.90 36.19
CA HIS C 110 23.22 54.48 36.41
C HIS C 110 23.34 54.16 37.90
N ASP C 111 22.62 53.12 38.31
CA ASP C 111 22.71 52.57 39.65
C ASP C 111 23.97 51.71 39.76
N ILE C 112 25.00 52.25 40.41
CA ILE C 112 26.32 51.63 40.47
C ILE C 112 26.29 50.32 41.25
N SER C 113 25.26 50.10 42.08
CA SER C 113 25.15 48.85 42.82
C SER C 113 24.94 47.64 41.89
N THR C 114 24.52 47.89 40.64
CA THR C 114 24.33 46.83 39.67
C THR C 114 25.60 46.62 38.83
N GLY C 115 26.66 47.37 39.13
CA GLY C 115 27.94 47.28 38.44
C GLY C 115 28.31 48.59 37.74
N GLU C 116 29.58 48.71 37.31
CA GLU C 116 30.01 49.86 36.53
C GLU C 116 29.20 49.95 35.25
N PHE C 117 28.84 51.19 34.88
CA PHE C 117 28.06 51.47 33.69
C PHE C 117 28.57 50.66 32.50
N SER C 118 29.87 50.76 32.22
CA SER C 118 30.43 50.13 31.03
C SER C 118 30.29 48.61 31.12
N VAL C 119 30.44 48.05 32.33
CA VAL C 119 30.39 46.61 32.54
C VAL C 119 28.96 46.11 32.27
N SER C 120 27.99 46.78 32.88
CA SER C 120 26.58 46.45 32.76
C SER C 120 26.16 46.39 31.30
N HIS C 121 26.58 47.38 30.50
CA HIS C 121 26.10 47.51 29.13
C HIS C 121 26.96 46.69 28.14
N SER C 122 28.15 46.26 28.58
CA SER C 122 29.00 45.42 27.76
C SER C 122 28.42 44.01 27.66
N GLU C 123 27.57 43.63 28.62
CA GLU C 123 26.94 42.33 28.63
C GLU C 123 25.75 42.23 27.68
N ILE C 124 25.33 43.37 27.08
CA ILE C 124 24.10 43.39 26.31
C ILE C 124 24.43 43.39 24.83
N ARG C 125 23.66 42.62 24.06
CA ARG C 125 23.85 42.51 22.63
C ARG C 125 22.50 42.59 21.95
N ARG C 126 22.51 42.90 20.65
CA ARG C 126 21.29 42.87 19.87
C ARG C 126 20.73 41.45 19.89
N GLY C 127 19.41 41.34 19.98
CA GLY C 127 18.76 40.04 20.08
C GLY C 127 18.50 39.63 21.53
N ASP C 128 19.18 40.26 22.49
CA ASP C 128 19.01 39.89 23.89
C ASP C 128 17.62 40.25 24.41
N VAL C 129 17.12 39.40 25.30
CA VAL C 129 15.95 39.72 26.10
C VAL C 129 16.44 40.34 27.41
N VAL C 130 15.99 41.57 27.67
CA VAL C 130 16.56 42.37 28.73
C VAL C 130 15.44 43.10 29.45
N GLY C 131 15.74 43.44 30.70
CA GLY C 131 14.88 44.29 31.50
C GLY C 131 15.60 45.59 31.83
N PHE C 132 14.82 46.66 31.99
CA PHE C 132 15.32 47.98 32.31
C PHE C 132 14.45 48.57 33.40
N THR C 133 15.07 49.37 34.26
CA THR C 133 14.35 50.16 35.25
C THR C 133 14.62 51.63 34.94
N GLY C 134 13.60 52.49 35.07
CA GLY C 134 13.85 53.92 34.97
C GLY C 134 12.60 54.80 34.94
N PHE C 135 12.75 55.98 34.34
CA PHE C 135 11.78 57.07 34.43
C PHE C 135 11.06 57.24 33.10
N PRO C 136 9.73 57.37 33.09
CA PRO C 136 8.97 57.48 31.84
C PRO C 136 9.05 58.86 31.22
N GLY C 137 8.91 58.92 29.88
CA GLY C 137 8.69 60.17 29.18
C GLY C 137 9.08 60.09 27.71
N LYS C 138 9.72 61.16 27.22
CA LYS C 138 9.97 61.36 25.81
C LYS C 138 11.24 62.19 25.63
N SER C 139 12.03 61.85 24.60
CA SER C 139 13.25 62.56 24.29
C SER C 139 12.91 63.93 23.73
N LYS C 140 13.89 64.85 23.75
CA LYS C 140 13.72 66.16 23.13
C LYS C 140 13.37 65.99 21.65
N ARG C 141 13.89 64.94 21.00
CA ARG C 141 13.64 64.66 19.59
C ARG C 141 12.24 64.06 19.39
N GLY C 142 11.56 63.65 20.46
CA GLY C 142 10.15 63.26 20.38
C GLY C 142 9.91 61.75 20.35
N GLU C 143 10.91 60.95 20.78
CA GLU C 143 10.80 59.51 20.77
C GLU C 143 10.34 59.05 22.15
N LEU C 144 9.32 58.19 22.18
CA LEU C 144 8.85 57.58 23.40
C LEU C 144 9.99 56.79 24.03
N SER C 145 10.29 57.06 25.29
CA SER C 145 11.53 56.58 25.88
C SER C 145 11.35 56.20 27.34
N LEU C 146 12.27 55.35 27.81
CA LEU C 146 12.49 55.19 29.24
C LEU C 146 13.90 55.63 29.56
N PHE C 147 14.01 56.54 30.54
CA PHE C 147 15.30 57.05 30.98
C PHE C 147 15.84 56.11 32.05
N SER C 148 16.72 55.19 31.65
CA SER C 148 17.00 54.01 32.47
C SER C 148 18.03 54.31 33.56
N LYS C 149 17.92 53.57 34.66
CA LYS C 149 18.88 53.57 35.75
C LYS C 149 19.63 52.24 35.85
N SER C 150 19.12 51.20 35.17
CA SER C 150 19.67 49.85 35.29
C SER C 150 19.23 49.04 34.08
N VAL C 151 19.96 47.92 33.86
CA VAL C 151 19.65 46.96 32.83
C VAL C 151 19.91 45.56 33.38
N VAL C 152 19.07 44.59 33.00
CA VAL C 152 19.27 43.21 33.38
C VAL C 152 19.23 42.32 32.14
N LEU C 153 20.22 41.44 32.04
CA LEU C 153 20.23 40.43 31.00
C LEU C 153 19.38 39.26 31.49
N LEU C 154 18.25 39.05 30.79
CA LEU C 154 17.30 38.01 31.17
C LEU C 154 17.55 36.73 30.39
N SER C 155 17.81 36.85 29.09
CA SER C 155 18.01 35.70 28.24
C SER C 155 18.79 36.12 26.99
N PRO C 156 20.11 35.85 26.93
CA PRO C 156 20.90 36.29 25.77
C PRO C 156 20.60 35.50 24.50
N CYS C 157 20.90 36.16 23.38
CA CYS C 157 20.86 35.53 22.07
C CYS C 157 22.29 35.21 21.66
N TYR C 158 22.55 33.94 21.37
CA TYR C 158 23.91 33.47 21.09
C TYR C 158 24.21 33.47 19.60
N HIS C 159 23.39 34.13 18.79
CA HIS C 159 23.54 34.12 17.35
C HIS C 159 23.39 35.56 16.84
N MET C 160 24.12 35.87 15.79
CA MET C 160 23.95 37.14 15.10
C MET C 160 22.66 37.06 14.29
N LEU C 161 21.73 37.97 14.57
CA LEU C 161 20.47 38.05 13.86
C LEU C 161 20.65 39.04 12.71
N PRO C 162 19.89 38.93 11.61
CA PRO C 162 19.75 40.04 10.68
C PRO C 162 18.74 41.04 11.23
N THR C 163 18.57 42.19 10.55
CA THR C 163 17.59 43.18 10.98
C THR C 163 16.25 42.96 10.27
N ALA C 164 16.27 42.20 9.17
CA ALA C 164 15.05 41.85 8.45
C ALA C 164 15.19 40.45 7.87
N ILE C 165 14.08 39.88 7.40
CA ILE C 165 14.02 38.48 6.96
C ILE C 165 14.84 38.28 5.68
N SER C 166 15.04 39.34 4.90
CA SER C 166 15.79 39.24 3.65
C SER C 166 17.28 39.00 3.94
N GLY C 167 17.71 39.20 5.20
CA GLY C 167 19.08 38.95 5.62
C GLY C 167 19.33 37.54 6.16
N LEU C 168 18.42 36.61 5.87
CA LEU C 168 18.59 35.22 6.27
C LEU C 168 19.24 34.45 5.12
N LYS C 169 20.00 33.40 5.47
CA LYS C 169 20.70 32.57 4.51
C LYS C 169 19.78 32.31 3.31
N ASP C 170 18.61 31.73 3.57
CA ASP C 170 17.58 31.49 2.57
C ASP C 170 16.20 31.70 3.21
N GLN C 171 15.14 31.76 2.39
CA GLN C 171 13.82 32.13 2.88
C GLN C 171 13.07 30.94 3.50
N GLU C 172 13.62 29.72 3.35
CA GLU C 172 13.09 28.53 4.00
C GLU C 172 13.43 28.53 5.49
N VAL C 173 14.43 29.34 5.92
CA VAL C 173 14.74 29.51 7.33
C VAL C 173 13.50 29.99 8.08
N ARG C 174 12.66 30.78 7.39
CA ARG C 174 11.47 31.34 8.01
C ARG C 174 10.56 30.22 8.51
N TYR C 175 10.64 29.05 7.90
CA TYR C 175 9.75 27.94 8.19
C TYR C 175 10.44 26.89 9.05
N ARG C 176 11.74 26.66 8.84
CA ARG C 176 12.47 25.68 9.64
C ARG C 176 12.72 26.24 11.02
N GLN C 177 12.80 27.57 11.12
CA GLN C 177 13.00 28.26 12.38
C GLN C 177 11.99 29.42 12.48
N ARG C 178 10.73 29.08 12.76
CA ARG C 178 9.67 30.06 12.70
C ARG C 178 9.88 31.17 13.73
N TYR C 179 10.58 30.87 14.84
CA TYR C 179 10.84 31.86 15.86
C TYR C 179 11.54 33.08 15.24
N LEU C 180 12.47 32.84 14.30
CA LEU C 180 13.18 33.93 13.66
C LEU C 180 12.21 34.81 12.88
N ASP C 181 11.36 34.16 12.06
CA ASP C 181 10.38 34.87 11.27
C ASP C 181 9.49 35.71 12.18
N LEU C 182 8.99 35.12 13.29
CA LEU C 182 8.07 35.81 14.16
C LEU C 182 8.77 36.98 14.86
N MET C 183 10.03 36.76 15.23
CA MET C 183 10.88 37.79 15.79
C MET C 183 10.99 39.02 14.86
N LEU C 184 11.21 38.78 13.56
CA LEU C 184 11.71 39.82 12.67
C LEU C 184 10.65 40.36 11.72
N ASN C 185 9.51 39.66 11.55
CA ASN C 185 8.58 39.95 10.47
C ASN C 185 7.16 40.14 11.02
N GLU C 186 6.71 41.41 11.05
CA GLU C 186 5.38 41.76 11.50
C GLU C 186 4.30 41.08 10.67
N GLU C 187 4.54 40.96 9.35
CA GLU C 187 3.57 40.42 8.42
C GLU C 187 3.26 38.96 8.77
N SER C 188 4.25 38.27 9.35
CA SER C 188 4.11 36.90 9.75
C SER C 188 3.22 36.80 10.99
N ARG C 189 3.57 37.60 12.00
CA ARG C 189 2.76 37.71 13.20
C ARG C 189 1.30 38.06 12.89
N LYS C 190 1.05 38.86 11.85
CA LYS C 190 -0.31 39.27 11.53
C LYS C 190 -1.16 38.11 11.03
N VAL C 191 -0.54 37.21 10.24
CA VAL C 191 -1.26 36.08 9.67
C VAL C 191 -1.89 35.23 10.79
N PHE C 192 -1.16 35.01 11.88
CA PHE C 192 -1.57 34.05 12.90
C PHE C 192 -2.57 34.70 13.86
N LYS C 193 -2.48 36.03 14.00
CA LYS C 193 -3.50 36.80 14.69
C LYS C 193 -4.81 36.74 13.87
N LEU C 194 -4.70 36.82 12.55
CA LEU C 194 -5.88 36.86 11.69
C LEU C 194 -6.53 35.48 11.66
N ARG C 195 -5.69 34.44 11.67
CA ARG C 195 -6.14 33.07 11.75
C ARG C 195 -7.02 32.92 12.99
N SER C 196 -6.56 33.41 14.15
CA SER C 196 -7.31 33.31 15.40
C SER C 196 -8.64 34.06 15.30
N ARG C 197 -8.57 35.28 14.79
CA ARG C 197 -9.75 36.13 14.61
C ARG C 197 -10.81 35.43 13.75
N ALA C 198 -10.39 34.79 12.64
CA ALA C 198 -11.33 34.20 11.71
C ALA C 198 -12.02 32.98 12.32
N ILE C 199 -11.29 32.23 13.14
CA ILE C 199 -11.84 31.03 13.73
C ILE C 199 -12.81 31.43 14.84
N LYS C 200 -12.47 32.45 15.64
CA LYS C 200 -13.46 33.02 16.56
C LYS C 200 -14.74 33.37 15.82
N TYR C 201 -14.62 34.03 14.65
CA TYR C 201 -15.79 34.46 13.89
C TYR C 201 -16.65 33.25 13.53
N ILE C 202 -15.98 32.19 13.06
CA ILE C 202 -16.64 30.99 12.60
C ILE C 202 -17.34 30.27 13.76
N ARG C 203 -16.64 30.07 14.87
CA ARG C 203 -17.26 29.44 16.03
C ARG C 203 -18.50 30.22 16.43
N ASN C 204 -18.35 31.54 16.54
CA ASN C 204 -19.46 32.39 16.94
C ASN C 204 -20.66 32.21 16.00
N TYR C 205 -20.44 32.15 14.69
CA TYR C 205 -21.51 31.98 13.72
C TYR C 205 -22.40 30.79 14.09
N PHE C 206 -21.75 29.65 14.30
CA PHE C 206 -22.42 28.39 14.57
C PHE C 206 -22.94 28.33 16.00
N ASP C 207 -22.22 28.91 16.96
CA ASP C 207 -22.68 29.02 18.33
C ASP C 207 -24.03 29.74 18.39
N ARG C 208 -24.21 30.81 17.60
CA ARG C 208 -25.44 31.60 17.65
C ARG C 208 -26.58 30.84 16.99
N LEU C 209 -26.26 29.81 16.19
CA LEU C 209 -27.29 28.96 15.59
C LEU C 209 -27.65 27.79 16.50
N GLY C 210 -27.05 27.71 17.70
CA GLY C 210 -27.36 26.67 18.66
C GLY C 210 -26.59 25.37 18.42
N PHE C 211 -25.46 25.41 17.70
CA PHE C 211 -24.65 24.22 17.44
C PHE C 211 -23.86 23.81 18.70
N LEU C 212 -23.49 22.53 18.74
CA LEU C 212 -22.68 21.99 19.82
C LEU C 212 -21.38 21.50 19.23
N GLU C 213 -20.28 22.01 19.78
CA GLU C 213 -18.96 21.62 19.37
C GLU C 213 -18.58 20.30 20.04
N VAL C 214 -17.96 19.42 19.26
CA VAL C 214 -17.64 18.08 19.73
C VAL C 214 -16.24 17.69 19.26
N GLU C 215 -15.72 16.61 19.88
CA GLU C 215 -14.44 16.04 19.55
C GLU C 215 -14.60 14.54 19.30
N THR C 216 -14.26 14.13 18.08
CA THR C 216 -14.37 12.74 17.66
C THR C 216 -12.95 12.25 17.46
N PRO C 217 -12.70 10.92 17.47
CA PRO C 217 -11.34 10.39 17.53
C PRO C 217 -10.48 10.71 16.33
N MET C 218 -9.21 10.99 16.59
CA MET C 218 -8.22 11.12 15.54
C MET C 218 -7.51 9.78 15.28
N LEU C 219 -7.59 8.86 16.25
CA LEU C 219 -7.17 7.47 16.04
C LEU C 219 -8.40 6.67 15.65
N ASN C 220 -8.36 6.05 14.47
CA ASN C 220 -9.51 5.37 13.88
C ASN C 220 -9.15 3.92 13.62
N MET C 221 -10.06 3.00 13.88
CA MET C 221 -9.83 1.62 13.50
C MET C 221 -10.10 1.43 12.01
N ILE C 222 -10.97 2.30 11.46
CA ILE C 222 -11.25 2.34 10.04
C ILE C 222 -11.29 3.82 9.63
N TYR C 223 -10.46 4.16 8.63
CA TYR C 223 -10.48 5.51 8.12
C TYR C 223 -11.62 5.64 7.12
N GLY C 224 -12.11 6.87 6.97
CA GLY C 224 -13.17 7.14 6.03
C GLY C 224 -13.46 8.63 5.92
N GLY C 225 -14.21 9.00 4.89
CA GLY C 225 -14.80 10.33 4.84
C GLY C 225 -14.13 11.23 3.84
N ALA C 226 -13.19 10.71 3.05
CA ALA C 226 -12.52 11.52 2.03
C ALA C 226 -11.74 10.60 1.08
N ALA C 227 -11.41 11.11 -0.11
CA ALA C 227 -10.43 10.49 -1.00
C ALA C 227 -9.01 10.92 -0.61
N ALA C 228 -8.40 10.17 0.32
CA ALA C 228 -7.11 10.53 0.88
C ALA C 228 -6.43 9.29 1.42
N ARG C 229 -5.11 9.23 1.24
CA ARG C 229 -4.35 8.11 1.77
C ARG C 229 -4.06 8.37 3.25
N PRO C 230 -4.24 7.37 4.14
CA PRO C 230 -4.05 7.58 5.57
C PRO C 230 -2.63 7.32 6.09
N PHE C 231 -2.32 7.98 7.19
CA PHE C 231 -1.22 7.56 8.02
C PHE C 231 -1.67 6.33 8.82
N ILE C 232 -0.73 5.41 9.08
CA ILE C 232 -1.00 4.16 9.76
C ILE C 232 -0.14 4.11 11.03
N THR C 233 -0.72 3.53 12.08
CA THR C 233 -0.03 3.44 13.36
C THR C 233 -0.60 2.26 14.12
N TYR C 234 -0.21 2.13 15.38
CA TYR C 234 -0.46 0.89 16.11
C TYR C 234 -0.52 1.18 17.59
N HIS C 235 -1.57 0.64 18.24
CA HIS C 235 -1.74 0.75 19.68
C HIS C 235 -1.25 -0.56 20.29
N ASN C 236 -0.05 -0.52 20.88
CA ASN C 236 0.71 -1.71 21.23
C ASN C 236 0.00 -2.53 22.30
N GLU C 237 -0.48 -1.87 23.38
CA GLU C 237 -1.03 -2.55 24.52
C GLU C 237 -2.31 -3.27 24.14
N LEU C 238 -3.13 -2.67 23.25
CA LEU C 238 -4.38 -3.25 22.84
C LEU C 238 -4.22 -4.01 21.52
N GLU C 239 -2.97 -4.15 21.05
CA GLU C 239 -2.66 -4.95 19.86
C GLU C 239 -3.65 -4.67 18.73
N THR C 240 -3.84 -3.40 18.41
CA THR C 240 -4.76 -3.05 17.34
C THR C 240 -4.08 -2.02 16.44
N GLN C 241 -4.21 -2.21 15.14
CA GLN C 241 -3.68 -1.26 14.19
C GLN C 241 -4.70 -0.14 14.02
N LEU C 242 -4.21 1.07 13.73
CA LEU C 242 -5.05 2.25 13.72
C LEU C 242 -4.68 3.09 12.51
N TYR C 243 -5.59 3.95 12.08
CA TYR C 243 -5.26 4.99 11.12
C TYR C 243 -5.48 6.33 11.81
N MET C 244 -4.68 7.34 11.45
CA MET C 244 -5.03 8.70 11.78
C MET C 244 -6.18 9.09 10.87
N ARG C 245 -7.11 9.90 11.39
CA ARG C 245 -8.31 10.24 10.65
C ARG C 245 -7.97 11.07 9.42
N ILE C 246 -8.67 10.78 8.32
CA ILE C 246 -8.58 11.62 7.14
C ILE C 246 -9.69 12.65 7.17
N ALA C 247 -10.73 12.36 7.96
CA ALA C 247 -11.89 13.20 8.17
C ALA C 247 -12.64 12.64 9.37
N PRO C 248 -13.38 13.50 10.12
CA PRO C 248 -14.27 13.04 11.21
C PRO C 248 -15.69 12.59 10.81
N GLU C 249 -15.96 12.60 9.50
CA GLU C 249 -17.30 12.54 8.94
C GLU C 249 -18.14 11.36 9.46
N LEU C 250 -17.54 10.17 9.52
CA LEU C 250 -18.28 8.96 9.85
C LEU C 250 -18.67 8.96 11.34
N TYR C 251 -17.87 9.58 12.19
CA TYR C 251 -18.21 9.72 13.59
C TYR C 251 -19.29 10.78 13.79
N LEU C 252 -19.13 11.92 13.12
CA LEU C 252 -20.01 13.06 13.35
C LEU C 252 -21.44 12.73 12.95
N LYS C 253 -21.61 11.95 11.89
CA LYS C 253 -22.93 11.57 11.44
C LYS C 253 -23.63 10.72 12.49
N GLN C 254 -22.87 9.95 13.25
CA GLN C 254 -23.41 9.10 14.30
C GLN C 254 -23.99 9.96 15.44
N LEU C 255 -23.49 11.17 15.60
CA LEU C 255 -24.00 12.06 16.64
C LEU C 255 -25.38 12.56 16.26
N ILE C 256 -25.62 12.66 14.95
CA ILE C 256 -26.93 13.08 14.45
C ILE C 256 -27.90 11.91 14.61
N VAL C 257 -27.43 10.68 14.45
CA VAL C 257 -28.25 9.52 14.79
C VAL C 257 -28.63 9.61 16.26
N GLY C 258 -27.69 10.05 17.09
CA GLY C 258 -27.87 10.13 18.52
C GLY C 258 -28.77 11.29 18.96
N GLY C 259 -29.11 12.19 18.04
CA GLY C 259 -30.10 13.22 18.29
C GLY C 259 -29.52 14.59 18.69
N LEU C 260 -28.21 14.82 18.47
CA LEU C 260 -27.62 16.10 18.85
C LEU C 260 -27.96 17.20 17.84
N ASP C 261 -28.54 16.83 16.69
CA ASP C 261 -29.24 17.73 15.77
C ASP C 261 -28.32 18.70 15.00
N LYS C 262 -27.39 19.36 15.70
CA LYS C 262 -26.49 20.34 15.11
C LYS C 262 -25.15 20.21 15.82
N VAL C 263 -24.12 19.69 15.11
CA VAL C 263 -22.80 19.53 15.68
C VAL C 263 -21.75 20.10 14.71
N TYR C 264 -20.67 20.64 15.28
CA TYR C 264 -19.50 20.98 14.49
C TYR C 264 -18.26 20.49 15.25
N GLU C 265 -17.20 20.21 14.46
CA GLU C 265 -15.88 19.92 14.99
C GLU C 265 -14.86 20.76 14.22
N ILE C 266 -13.84 21.29 14.91
CA ILE C 266 -12.73 22.04 14.33
C ILE C 266 -11.45 21.37 14.84
N GLY C 267 -10.57 20.94 13.92
CA GLY C 267 -9.44 20.13 14.32
C GLY C 267 -8.71 19.48 13.15
N LYS C 268 -7.54 18.90 13.43
CA LYS C 268 -6.64 18.42 12.41
C LYS C 268 -7.18 17.17 11.72
N ASN C 269 -7.01 17.14 10.40
CA ASN C 269 -7.04 15.94 9.63
C ASN C 269 -5.63 15.57 9.24
N PHE C 270 -5.40 14.30 8.93
CA PHE C 270 -4.08 13.81 8.55
C PHE C 270 -4.20 13.10 7.20
N ARG C 271 -3.41 13.56 6.24
CA ARG C 271 -3.49 12.98 4.90
C ARG C 271 -2.07 12.73 4.42
N ASN C 272 -1.78 11.43 4.25
CA ASN C 272 -0.47 10.91 3.89
C ASN C 272 -0.28 11.08 2.39
N GLU C 273 0.06 12.31 1.99
CA GLU C 273 0.17 12.69 0.59
C GLU C 273 1.23 13.78 0.47
N GLY C 274 1.62 14.05 -0.78
CA GLY C 274 2.72 14.94 -1.08
C GLY C 274 2.39 16.38 -0.70
N ILE C 275 3.44 17.16 -0.38
CA ILE C 275 3.29 18.55 0.01
C ILE C 275 3.53 19.44 -1.21
N ASP C 276 2.85 20.59 -1.23
CA ASP C 276 3.00 21.61 -2.25
C ASP C 276 2.32 22.88 -1.72
N LEU C 277 1.99 23.82 -2.61
CA LEU C 277 1.58 25.14 -2.18
C LEU C 277 0.25 25.10 -1.42
N THR C 278 -0.52 24.02 -1.60
CA THR C 278 -1.85 23.91 -1.02
C THR C 278 -2.04 22.59 -0.26
N HIS C 279 -0.96 21.86 0.04
CA HIS C 279 -1.05 20.59 0.75
C HIS C 279 0.00 20.51 1.84
N ASN C 280 -0.46 20.07 3.03
CA ASN C 280 0.38 19.77 4.19
C ASN C 280 -0.19 18.49 4.79
N PRO C 281 0.65 17.55 5.29
CA PRO C 281 0.16 16.26 5.75
C PRO C 281 -0.77 16.36 6.96
N GLU C 282 -0.76 17.49 7.67
CA GLU C 282 -1.84 17.78 8.60
C GLU C 282 -2.35 19.18 8.35
N PHE C 283 -3.65 19.38 8.52
CA PHE C 283 -4.23 20.71 8.40
C PHE C 283 -5.50 20.76 9.25
N THR C 284 -6.02 21.97 9.45
CA THR C 284 -7.18 22.24 10.28
C THR C 284 -8.43 22.29 9.42
N ALA C 285 -9.36 21.36 9.70
CA ALA C 285 -10.66 21.31 9.05
C ALA C 285 -11.76 21.61 10.06
N MET C 286 -12.87 22.14 9.53
CA MET C 286 -14.11 22.19 10.25
C MET C 286 -15.13 21.37 9.47
N GLU C 287 -15.83 20.48 10.18
CA GLU C 287 -17.04 19.86 9.65
C GLU C 287 -18.21 20.25 10.55
N PHE C 288 -19.40 20.37 9.95
CA PHE C 288 -20.63 20.48 10.71
C PHE C 288 -21.68 19.59 10.06
N TYR C 289 -22.58 19.07 10.90
CA TYR C 289 -23.74 18.31 10.46
C TYR C 289 -24.98 18.95 11.08
N MET C 290 -25.96 19.23 10.22
CA MET C 290 -27.20 19.90 10.58
C MET C 290 -28.35 19.03 10.13
N ALA C 291 -29.12 18.48 11.09
CA ALA C 291 -30.29 17.68 10.77
C ALA C 291 -31.33 18.55 10.08
N TYR C 292 -32.00 17.95 9.07
CA TYR C 292 -33.12 18.53 8.34
C TYR C 292 -32.65 19.58 7.33
N ALA C 293 -31.34 19.72 7.12
CA ALA C 293 -30.81 20.57 6.05
C ALA C 293 -30.58 19.72 4.80
N ASP C 294 -30.58 20.34 3.62
CA ASP C 294 -30.09 19.69 2.41
C ASP C 294 -29.01 20.57 1.82
N TYR C 295 -28.46 20.15 0.67
CA TYR C 295 -27.29 20.81 0.11
C TYR C 295 -27.67 22.21 -0.38
N TYR C 296 -28.94 22.43 -0.75
CA TYR C 296 -29.41 23.77 -1.10
C TYR C 296 -29.26 24.71 0.10
N ASP C 297 -29.73 24.27 1.27
CA ASP C 297 -29.64 25.04 2.50
C ASP C 297 -28.19 25.35 2.85
N LEU C 298 -27.30 24.40 2.57
CA LEU C 298 -25.90 24.51 2.91
C LEU C 298 -25.17 25.48 1.98
N MET C 299 -25.62 25.59 0.73
CA MET C 299 -25.03 26.57 -0.18
C MET C 299 -25.32 27.96 0.34
N ASP C 300 -26.56 28.20 0.78
CA ASP C 300 -26.92 29.51 1.31
C ASP C 300 -26.09 29.80 2.55
N LEU C 301 -25.91 28.79 3.41
CA LEU C 301 -25.17 28.97 4.65
C LEU C 301 -23.72 29.34 4.34
N THR C 302 -23.14 28.62 3.37
CA THR C 302 -21.76 28.85 2.99
C THR C 302 -21.53 30.29 2.52
N GLU C 303 -22.43 30.78 1.67
CA GLU C 303 -22.40 32.17 1.21
C GLU C 303 -22.46 33.15 2.38
N GLU C 304 -23.41 32.95 3.28
CA GLU C 304 -23.61 33.88 4.38
C GLU C 304 -22.37 33.91 5.29
N LEU C 305 -21.87 32.71 5.63
CA LEU C 305 -20.78 32.58 6.58
C LEU C 305 -19.51 33.20 6.00
N ILE C 306 -19.17 32.80 4.78
CA ILE C 306 -17.91 33.22 4.21
C ILE C 306 -17.96 34.69 3.79
N SER C 307 -19.04 35.14 3.13
CA SER C 307 -19.14 36.54 2.75
C SER C 307 -19.14 37.41 4.00
N GLY C 308 -19.81 36.98 5.07
CA GLY C 308 -19.78 37.70 6.33
C GLY C 308 -18.36 37.88 6.87
N LEU C 309 -17.58 36.80 6.85
CA LEU C 309 -16.24 36.80 7.39
C LEU C 309 -15.34 37.68 6.53
N VAL C 310 -15.46 37.55 5.22
CA VAL C 310 -14.66 38.38 4.33
C VAL C 310 -14.98 39.83 4.65
N LEU C 311 -16.26 40.17 4.82
CA LEU C 311 -16.66 41.53 5.11
C LEU C 311 -16.11 41.99 6.46
N GLU C 312 -16.15 41.11 7.46
CA GLU C 312 -15.63 41.43 8.78
C GLU C 312 -14.15 41.80 8.69
N ILE C 313 -13.39 41.04 7.89
CA ILE C 313 -11.95 41.20 7.83
C ILE C 313 -11.59 42.38 6.93
N HIS C 314 -12.22 42.47 5.76
CA HIS C 314 -11.77 43.38 4.71
C HIS C 314 -12.64 44.64 4.58
N GLY C 315 -13.83 44.69 5.18
CA GLY C 315 -14.72 45.83 5.03
C GLY C 315 -15.41 45.85 3.67
N SER C 316 -15.25 44.78 2.89
CA SER C 316 -15.71 44.73 1.51
C SER C 316 -15.69 43.28 1.04
N LEU C 317 -16.50 42.95 0.02
CA LEU C 317 -16.51 41.59 -0.50
C LEU C 317 -15.54 41.41 -1.67
N LYS C 318 -14.93 42.51 -2.12
CA LYS C 318 -13.92 42.43 -3.16
C LYS C 318 -12.55 42.56 -2.50
N ILE C 319 -11.69 41.54 -2.69
CA ILE C 319 -10.44 41.51 -1.96
C ILE C 319 -9.27 41.21 -2.89
N PRO C 320 -8.07 41.73 -2.54
CA PRO C 320 -6.88 41.49 -3.34
C PRO C 320 -6.25 40.12 -3.10
N TYR C 321 -5.68 39.56 -4.18
CA TYR C 321 -4.90 38.34 -4.10
C TYR C 321 -3.74 38.40 -5.10
N HIS C 322 -2.58 37.92 -4.64
CA HIS C 322 -1.36 37.90 -5.42
C HIS C 322 -0.97 36.45 -5.72
N PRO C 323 -1.47 35.83 -6.81
CA PRO C 323 -1.23 34.40 -7.05
C PRO C 323 0.23 34.00 -7.23
N ASP C 324 1.08 34.97 -7.59
CA ASP C 324 2.48 34.72 -7.92
C ASP C 324 3.39 35.42 -6.91
N GLY C 325 2.88 35.70 -5.70
CA GLY C 325 3.71 36.31 -4.66
C GLY C 325 3.57 37.81 -4.67
N PRO C 326 4.04 38.53 -3.63
CA PRO C 326 3.80 39.97 -3.51
C PRO C 326 4.56 40.84 -4.53
N GLU C 327 5.44 40.21 -5.33
CA GLU C 327 6.14 40.89 -6.41
C GLU C 327 5.46 40.63 -7.76
N GLY C 328 4.42 39.79 -7.77
CA GLY C 328 3.65 39.48 -8.96
C GLY C 328 2.44 40.41 -9.12
N LYS C 329 1.58 40.04 -10.10
CA LYS C 329 0.33 40.73 -10.35
C LYS C 329 -0.60 40.63 -9.12
N CYS C 330 -1.57 41.56 -9.05
CA CYS C 330 -2.63 41.51 -8.07
C CYS C 330 -3.99 41.41 -8.78
N ILE C 331 -4.78 40.40 -8.43
CA ILE C 331 -6.10 40.22 -8.98
C ILE C 331 -7.12 40.50 -7.88
N GLU C 332 -8.40 40.55 -8.27
CA GLU C 332 -9.48 40.80 -7.33
C GLU C 332 -10.39 39.58 -7.28
N ILE C 333 -10.75 39.15 -6.06
CA ILE C 333 -11.69 38.07 -5.84
C ILE C 333 -12.97 38.70 -5.30
N ASP C 334 -14.10 38.39 -5.95
CA ASP C 334 -15.40 38.98 -5.66
C ASP C 334 -16.29 37.94 -4.95
N PHE C 335 -16.52 38.16 -3.65
CA PHE C 335 -17.33 37.27 -2.83
C PHE C 335 -18.80 37.70 -2.79
N THR C 336 -19.23 38.57 -3.70
CA THR C 336 -20.61 39.00 -3.78
C THR C 336 -21.50 37.79 -4.03
N THR C 337 -22.56 37.63 -3.21
CA THR C 337 -23.49 36.52 -3.31
C THR C 337 -24.66 36.91 -4.20
N PRO C 338 -25.39 35.96 -4.84
CA PRO C 338 -25.03 34.54 -4.86
C PRO C 338 -23.89 34.19 -5.82
N TRP C 339 -23.23 33.05 -5.55
CA TRP C 339 -22.07 32.62 -6.31
C TRP C 339 -22.49 31.80 -7.53
N LYS C 340 -21.60 31.74 -8.51
CA LYS C 340 -21.81 30.94 -9.70
C LYS C 340 -21.96 29.47 -9.30
N ARG C 341 -22.85 28.76 -10.01
CA ARG C 341 -22.96 27.31 -9.94
C ARG C 341 -22.48 26.72 -11.25
N PHE C 342 -21.61 25.70 -11.18
CA PHE C 342 -21.23 24.90 -12.33
C PHE C 342 -21.66 23.46 -12.07
N SER C 343 -22.50 22.92 -12.96
CA SER C 343 -22.89 21.52 -12.90
C SER C 343 -21.75 20.63 -13.42
N PHE C 344 -21.33 19.65 -12.60
CA PHE C 344 -20.13 18.86 -12.82
C PHE C 344 -20.06 18.31 -14.24
N VAL C 345 -20.99 17.43 -14.58
CA VAL C 345 -20.90 16.69 -15.83
C VAL C 345 -21.09 17.64 -17.01
N GLU C 346 -22.10 18.51 -16.94
CA GLU C 346 -22.41 19.42 -18.05
C GLU C 346 -21.21 20.29 -18.42
N GLU C 347 -20.49 20.81 -17.40
CA GLU C 347 -19.38 21.70 -17.67
C GLU C 347 -18.22 20.92 -18.29
N ILE C 348 -18.02 19.67 -17.85
CA ILE C 348 -17.04 18.81 -18.48
C ILE C 348 -17.40 18.60 -19.95
N GLU C 349 -18.69 18.33 -20.22
CA GLU C 349 -19.15 18.07 -21.58
C GLU C 349 -19.06 19.30 -22.48
N SER C 350 -19.22 20.51 -21.89
CA SER C 350 -18.99 21.76 -22.60
C SER C 350 -17.53 21.87 -23.07
N GLY C 351 -16.60 21.59 -22.16
CA GLY C 351 -15.18 21.58 -22.47
C GLY C 351 -14.84 20.57 -23.57
N LEU C 352 -15.43 19.38 -23.49
CA LEU C 352 -15.10 18.27 -24.38
C LEU C 352 -15.67 18.49 -25.77
N GLY C 353 -16.82 19.19 -25.84
CA GLY C 353 -17.58 19.27 -27.08
C GLY C 353 -18.30 17.97 -27.41
N GLU C 354 -18.49 17.11 -26.41
CA GLU C 354 -19.34 15.94 -26.59
C GLU C 354 -19.69 15.32 -25.24
N LYS C 355 -20.68 14.44 -25.25
CA LYS C 355 -21.24 13.84 -24.04
C LYS C 355 -20.38 12.66 -23.55
N LEU C 356 -20.27 12.56 -22.22
CA LEU C 356 -19.77 11.35 -21.58
C LEU C 356 -20.76 10.21 -21.84
N LYS C 357 -20.28 8.98 -21.78
CA LYS C 357 -21.10 7.82 -22.04
C LYS C 357 -21.78 7.41 -20.75
N ARG C 358 -22.91 6.70 -20.87
CA ARG C 358 -23.72 6.32 -19.73
C ARG C 358 -23.91 4.80 -19.73
N PRO C 359 -23.90 4.12 -18.57
CA PRO C 359 -23.61 4.76 -17.28
C PRO C 359 -22.19 5.32 -17.17
N LEU C 360 -22.00 6.29 -16.26
CA LEU C 360 -20.73 6.98 -16.09
C LEU C 360 -19.63 6.03 -15.60
N ASP C 361 -20.02 4.96 -14.88
CA ASP C 361 -19.04 4.02 -14.36
C ASP C 361 -18.91 2.80 -15.26
N SER C 362 -19.54 2.82 -16.44
CA SER C 362 -19.40 1.77 -17.43
C SER C 362 -17.96 1.71 -17.96
N GLN C 363 -17.59 0.54 -18.48
CA GLN C 363 -16.30 0.36 -19.12
C GLN C 363 -16.24 1.27 -20.33
N GLU C 364 -17.37 1.42 -21.05
CA GLU C 364 -17.41 2.28 -22.22
C GLU C 364 -16.96 3.68 -21.85
N ASN C 365 -17.45 4.21 -20.71
CA ASN C 365 -17.16 5.59 -20.32
C ASN C 365 -15.75 5.70 -19.75
N ILE C 366 -15.30 4.69 -18.99
CA ILE C 366 -13.92 4.67 -18.54
C ILE C 366 -12.99 4.83 -19.75
N ASP C 367 -13.20 4.01 -20.79
CA ASP C 367 -12.37 4.07 -21.99
C ASP C 367 -12.44 5.45 -22.63
N PHE C 368 -13.67 5.93 -22.84
CA PHE C 368 -13.88 7.22 -23.44
C PHE C 368 -13.10 8.30 -22.68
N MET C 369 -13.16 8.24 -21.34
CA MET C 369 -12.58 9.28 -20.49
C MET C 369 -11.05 9.21 -20.54
N VAL C 370 -10.52 7.99 -20.66
CA VAL C 370 -9.09 7.80 -20.88
C VAL C 370 -8.71 8.45 -22.20
N GLU C 371 -9.47 8.17 -23.27
CA GLU C 371 -9.25 8.76 -24.58
C GLU C 371 -9.19 10.29 -24.49
N MET C 372 -10.17 10.89 -23.78
CA MET C 372 -10.26 12.33 -23.67
C MET C 372 -9.09 12.91 -22.88
N CYS C 373 -8.65 12.19 -21.84
CA CYS C 373 -7.50 12.64 -21.06
C CYS C 373 -6.25 12.71 -21.92
N GLU C 374 -6.07 11.73 -22.83
CA GLU C 374 -4.90 11.70 -23.69
C GLU C 374 -4.99 12.85 -24.68
N LYS C 375 -6.19 13.06 -25.24
CA LYS C 375 -6.42 14.09 -26.24
C LYS C 375 -6.14 15.50 -25.69
N HIS C 376 -6.56 15.78 -24.45
CA HIS C 376 -6.41 17.12 -23.89
C HIS C 376 -5.19 17.19 -22.97
N GLU C 377 -4.34 16.15 -23.04
CA GLU C 377 -3.06 16.11 -22.36
C GLU C 377 -3.25 16.26 -20.86
N ILE C 378 -4.17 15.45 -20.31
CA ILE C 378 -4.40 15.41 -18.87
C ILE C 378 -3.71 14.17 -18.31
N GLU C 379 -2.91 14.37 -17.27
CA GLU C 379 -2.18 13.28 -16.66
C GLU C 379 -3.20 12.26 -16.17
N LEU C 380 -3.01 10.99 -16.54
CA LEU C 380 -3.95 9.96 -16.14
C LEU C 380 -3.76 9.62 -14.67
N PRO C 381 -4.82 9.13 -13.97
CA PRO C 381 -4.67 8.66 -12.61
C PRO C 381 -4.35 7.17 -12.55
N HIS C 382 -3.99 6.71 -11.35
CA HIS C 382 -3.85 5.28 -11.09
C HIS C 382 -4.52 4.92 -9.75
N PRO C 383 -5.39 3.87 -9.75
CA PRO C 383 -5.84 3.21 -10.98
C PRO C 383 -6.81 4.07 -11.78
N ARG C 384 -7.23 3.57 -12.94
CA ARG C 384 -8.09 4.34 -13.84
C ARG C 384 -9.57 4.02 -13.58
N THR C 385 -10.02 4.34 -12.36
CA THR C 385 -11.42 4.20 -11.97
C THR C 385 -12.19 5.34 -12.61
N ALA C 386 -13.50 5.17 -12.77
CA ALA C 386 -14.33 6.22 -13.33
C ALA C 386 -14.27 7.46 -12.44
N ALA C 387 -14.29 7.25 -11.12
CA ALA C 387 -14.25 8.33 -10.14
C ALA C 387 -13.06 9.27 -10.38
N LYS C 388 -11.89 8.66 -10.59
CA LYS C 388 -10.64 9.41 -10.63
C LYS C 388 -10.45 10.04 -12.01
N LEU C 389 -11.00 9.39 -13.04
CA LEU C 389 -11.00 9.96 -14.39
C LEU C 389 -11.92 11.19 -14.41
N LEU C 390 -13.10 11.05 -13.80
CA LEU C 390 -14.02 12.17 -13.69
C LEU C 390 -13.36 13.33 -12.97
N ASP C 391 -12.62 13.03 -11.89
CA ASP C 391 -11.95 14.06 -11.12
C ASP C 391 -10.93 14.81 -11.99
N LYS C 392 -10.11 14.08 -12.74
CA LYS C 392 -9.11 14.70 -13.58
C LYS C 392 -9.75 15.64 -14.59
N LEU C 393 -10.88 15.22 -15.17
CA LEU C 393 -11.56 16.00 -16.19
C LEU C 393 -12.14 17.27 -15.58
N ALA C 394 -12.77 17.13 -14.40
CA ALA C 394 -13.29 18.27 -13.66
C ALA C 394 -12.17 19.25 -13.31
N GLY C 395 -10.99 18.72 -12.99
CA GLY C 395 -9.83 19.54 -12.69
C GLY C 395 -9.37 20.41 -13.87
N HIS C 396 -9.49 19.83 -15.07
CA HIS C 396 -9.04 20.48 -16.29
C HIS C 396 -10.09 21.50 -16.76
N PHE C 397 -11.36 21.07 -16.82
CA PHE C 397 -12.38 21.83 -17.53
C PHE C 397 -13.23 22.72 -16.62
N VAL C 398 -13.29 22.44 -15.32
CA VAL C 398 -14.30 23.08 -14.48
C VAL C 398 -13.62 23.88 -13.36
N GLU C 399 -12.66 23.27 -12.67
CA GLU C 399 -12.01 23.92 -11.55
C GLU C 399 -11.27 25.16 -12.01
N THR C 400 -10.79 25.12 -13.26
CA THR C 400 -10.04 26.21 -13.86
C THR C 400 -10.91 27.42 -14.18
N LYS C 401 -12.23 27.25 -14.21
CA LYS C 401 -13.13 28.37 -14.47
C LYS C 401 -13.52 29.05 -13.16
N CYS C 402 -13.04 28.54 -12.01
CA CYS C 402 -13.50 29.02 -10.71
C CYS C 402 -12.55 30.07 -10.15
N THR C 403 -12.65 31.30 -10.62
CA THR C 403 -11.79 32.35 -10.10
C THR C 403 -12.47 32.93 -8.87
N ASN C 404 -13.59 33.61 -9.08
CA ASN C 404 -14.42 34.03 -7.95
C ASN C 404 -14.98 32.77 -7.31
N PRO C 405 -15.34 32.83 -6.00
CA PRO C 405 -15.94 31.68 -5.33
C PRO C 405 -17.06 31.11 -6.20
N SER C 406 -16.93 29.82 -6.53
CA SER C 406 -17.86 29.12 -7.39
C SER C 406 -18.17 27.76 -6.78
N PHE C 407 -19.42 27.31 -6.92
CA PHE C 407 -19.85 25.97 -6.52
C PHE C 407 -19.81 25.07 -7.74
N ILE C 408 -19.05 23.97 -7.64
CA ILE C 408 -19.25 22.84 -8.53
C ILE C 408 -20.25 21.91 -7.83
N ILE C 409 -21.27 21.45 -8.57
CA ILE C 409 -22.41 20.78 -7.99
C ILE C 409 -22.74 19.51 -8.76
N ASP C 410 -23.47 18.63 -8.07
CA ASP C 410 -24.21 17.51 -8.65
C ASP C 410 -23.23 16.44 -9.15
N HIS C 411 -22.18 16.22 -8.36
CA HIS C 411 -21.18 15.21 -8.64
C HIS C 411 -21.78 13.82 -8.81
N PRO C 412 -21.27 13.04 -9.78
CA PRO C 412 -21.61 11.62 -9.89
C PRO C 412 -21.51 10.83 -8.59
N GLN C 413 -22.42 9.87 -8.43
CA GLN C 413 -22.46 8.97 -7.29
C GLN C 413 -21.16 8.18 -7.19
N THR C 414 -20.60 7.83 -8.36
CA THR C 414 -19.50 6.88 -8.42
C THR C 414 -18.30 7.49 -7.71
N MET C 415 -18.24 8.83 -7.59
CA MET C 415 -17.12 9.48 -6.92
C MET C 415 -17.55 10.09 -5.58
N SER C 416 -18.79 9.78 -5.14
CA SER C 416 -19.42 10.44 -4.01
C SER C 416 -20.11 9.38 -3.16
N PRO C 417 -19.34 8.46 -2.54
CA PRO C 417 -19.92 7.29 -1.89
C PRO C 417 -20.76 7.54 -0.64
N LEU C 418 -20.70 8.75 -0.08
CA LEU C 418 -21.41 9.10 1.14
C LEU C 418 -22.45 10.18 0.88
N ALA C 419 -22.66 10.55 -0.39
CA ALA C 419 -23.60 11.60 -0.74
C ALA C 419 -24.90 10.98 -1.28
N LYS C 420 -26.03 11.59 -0.90
CA LYS C 420 -27.31 11.05 -1.24
C LYS C 420 -27.61 11.33 -2.71
N TRP C 421 -28.24 10.35 -3.37
CA TRP C 421 -28.58 10.45 -4.78
C TRP C 421 -29.36 11.72 -5.04
N HIS C 422 -29.16 12.33 -6.21
CA HIS C 422 -29.86 13.55 -6.59
C HIS C 422 -31.33 13.21 -6.75
N ARG C 423 -32.21 14.12 -6.30
CA ARG C 423 -33.63 13.86 -6.31
C ARG C 423 -34.20 13.98 -7.73
N GLU C 424 -33.46 14.59 -8.65
CA GLU C 424 -33.91 14.80 -10.02
C GLU C 424 -32.99 14.09 -11.04
N LYS C 425 -31.67 14.08 -10.80
CA LYS C 425 -30.70 13.71 -11.81
C LYS C 425 -30.19 12.28 -11.58
N PRO C 426 -30.46 11.33 -12.50
CA PRO C 426 -29.88 9.99 -12.40
C PRO C 426 -28.35 10.00 -12.40
N GLU C 427 -27.79 9.15 -11.52
CA GLU C 427 -26.37 8.87 -11.42
C GLU C 427 -25.64 9.97 -10.64
N MET C 428 -26.33 11.05 -10.29
CA MET C 428 -25.69 12.19 -9.63
C MET C 428 -26.08 12.19 -8.16
N THR C 429 -25.39 13.06 -7.39
CA THR C 429 -25.66 13.22 -5.97
C THR C 429 -25.90 14.67 -5.63
N GLU C 430 -26.42 14.90 -4.41
CA GLU C 430 -26.69 16.23 -3.91
C GLU C 430 -25.45 16.74 -3.18
N ARG C 431 -24.44 17.15 -3.97
CA ARG C 431 -23.14 17.53 -3.47
C ARG C 431 -22.72 18.84 -4.10
N PHE C 432 -21.90 19.58 -3.34
CA PHE C 432 -21.17 20.70 -3.91
C PHE C 432 -19.79 20.76 -3.30
N GLU C 433 -18.86 21.32 -4.10
CA GLU C 433 -17.57 21.78 -3.63
C GLU C 433 -17.51 23.27 -3.89
N LEU C 434 -16.86 24.01 -2.98
CA LEU C 434 -16.61 25.41 -3.20
C LEU C 434 -15.16 25.62 -3.64
N PHE C 435 -14.96 26.28 -4.78
CA PHE C 435 -13.63 26.59 -5.27
C PHE C 435 -13.43 28.10 -5.32
N VAL C 436 -12.25 28.54 -4.89
CA VAL C 436 -11.80 29.92 -5.06
C VAL C 436 -10.43 29.85 -5.73
N LEU C 437 -10.31 30.54 -6.88
CA LEU C 437 -9.09 30.54 -7.66
C LEU C 437 -8.57 29.13 -7.96
N GLY C 438 -9.49 28.23 -8.35
CA GLY C 438 -9.12 26.89 -8.74
C GLY C 438 -8.75 25.96 -7.58
N LYS C 439 -8.91 26.41 -6.32
CA LYS C 439 -8.56 25.61 -5.15
C LYS C 439 -9.81 25.31 -4.33
N GLU C 440 -9.96 24.07 -3.88
CA GLU C 440 -11.12 23.65 -3.12
C GLU C 440 -11.04 24.18 -1.70
N LEU C 441 -12.17 24.73 -1.21
CA LEU C 441 -12.33 25.24 0.15
C LEU C 441 -13.30 24.39 0.95
N CYS C 442 -14.43 24.01 0.32
CA CYS C 442 -15.50 23.31 1.02
C CYS C 442 -15.94 22.11 0.20
N ASN C 443 -16.54 21.16 0.92
CA ASN C 443 -17.11 19.97 0.33
C ASN C 443 -18.28 19.56 1.21
N ALA C 444 -19.45 19.38 0.59
CA ALA C 444 -20.69 19.29 1.33
C ALA C 444 -21.69 18.48 0.52
N TYR C 445 -22.65 17.87 1.22
CA TYR C 445 -23.75 17.19 0.53
C TYR C 445 -24.92 16.92 1.47
N THR C 446 -26.12 16.79 0.86
CA THR C 446 -27.20 16.03 1.48
C THR C 446 -26.64 14.64 1.77
N GLU C 447 -26.68 14.26 3.05
CA GLU C 447 -26.00 13.05 3.50
C GLU C 447 -26.82 11.81 3.11
N LEU C 448 -26.13 10.78 2.63
CA LEU C 448 -26.76 9.49 2.38
C LEU C 448 -27.14 8.84 3.71
N ASN C 449 -28.42 8.50 3.86
CA ASN C 449 -28.95 7.93 5.09
C ASN C 449 -29.65 6.59 4.82
N GLU C 450 -29.45 6.02 3.63
CA GLU C 450 -30.06 4.75 3.24
C GLU C 450 -29.01 3.65 3.30
N PRO C 451 -29.11 2.69 4.25
CA PRO C 451 -27.98 1.79 4.55
C PRO C 451 -27.68 0.71 3.52
N LEU C 452 -28.65 0.39 2.67
CA LEU C 452 -28.45 -0.64 1.69
C LEU C 452 -27.46 -0.13 0.64
N GLN C 453 -27.76 1.05 0.08
CA GLN C 453 -26.89 1.69 -0.90
C GLN C 453 -25.55 2.06 -0.29
N GLN C 454 -25.59 2.51 0.98
CA GLN C 454 -24.35 2.91 1.63
C GLN C 454 -23.42 1.70 1.69
N ARG C 455 -23.94 0.53 2.05
CA ARG C 455 -23.14 -0.69 2.13
C ARG C 455 -22.58 -0.98 0.73
N LYS C 456 -23.41 -0.79 -0.30
CA LYS C 456 -23.00 -1.10 -1.66
C LYS C 456 -21.85 -0.20 -2.10
N PHE C 457 -21.94 1.09 -1.80
CA PHE C 457 -20.92 2.03 -2.25
C PHE C 457 -19.61 1.80 -1.50
N PHE C 458 -19.69 1.38 -0.23
CA PHE C 458 -18.52 1.05 0.57
C PHE C 458 -17.80 -0.17 -0.02
N GLU C 459 -18.57 -1.13 -0.56
CA GLU C 459 -18.04 -2.31 -1.21
C GLU C 459 -17.30 -1.91 -2.49
N GLN C 460 -17.88 -0.99 -3.27
CA GLN C 460 -17.25 -0.52 -4.49
C GLN C 460 -15.92 0.15 -4.16
N GLN C 461 -15.90 0.87 -3.02
CA GLN C 461 -14.72 1.59 -2.55
C GLN C 461 -13.65 0.59 -2.13
N ALA C 462 -14.04 -0.46 -1.41
CA ALA C 462 -13.09 -1.46 -0.92
C ALA C 462 -12.48 -2.21 -2.11
N ASP C 463 -13.28 -2.41 -3.16
CA ASP C 463 -12.84 -3.03 -4.41
C ASP C 463 -11.78 -2.15 -5.07
N ALA C 464 -12.05 -0.84 -5.07
CA ALA C 464 -11.11 0.10 -5.66
C ALA C 464 -9.81 0.08 -4.85
N LYS C 465 -9.93 -0.02 -3.52
CA LYS C 465 -8.78 -0.02 -2.64
C LYS C 465 -7.90 -1.24 -2.92
N ALA C 466 -8.54 -2.41 -3.07
CA ALA C 466 -7.83 -3.65 -3.30
C ALA C 466 -7.13 -3.61 -4.66
N SER C 467 -7.63 -2.78 -5.60
CA SER C 467 -7.07 -2.63 -6.94
C SER C 467 -5.94 -1.62 -6.95
N GLY C 468 -5.58 -1.07 -5.78
CA GLY C 468 -4.45 -0.16 -5.64
C GLY C 468 -4.81 1.32 -5.59
N ASP C 469 -6.10 1.67 -5.42
CA ASP C 469 -6.47 3.06 -5.14
C ASP C 469 -6.20 3.35 -3.66
N VAL C 470 -5.14 4.12 -3.39
CA VAL C 470 -4.70 4.36 -2.03
C VAL C 470 -5.60 5.40 -1.36
N GLU C 471 -6.50 6.02 -2.14
CA GLU C 471 -7.41 7.05 -1.68
C GLU C 471 -8.82 6.51 -1.47
N ALA C 472 -9.07 5.24 -1.80
CA ALA C 472 -10.35 4.62 -1.57
C ALA C 472 -10.42 4.02 -0.17
N CYS C 473 -11.60 4.08 0.46
CA CYS C 473 -11.76 3.78 1.87
C CYS C 473 -12.40 2.42 2.05
N PRO C 474 -12.01 1.69 3.11
CA PRO C 474 -12.56 0.37 3.40
C PRO C 474 -13.98 0.46 3.94
N ILE C 475 -14.64 -0.69 4.00
CA ILE C 475 -15.99 -0.82 4.52
C ILE C 475 -15.95 -0.53 6.02
N ASP C 476 -16.86 0.33 6.51
CA ASP C 476 -17.05 0.58 7.93
C ASP C 476 -18.39 0.02 8.39
N GLU C 477 -18.36 -1.20 8.95
CA GLU C 477 -19.57 -1.89 9.35
C GLU C 477 -20.23 -1.16 10.53
N THR C 478 -19.45 -0.55 11.41
CA THR C 478 -20.01 0.13 12.56
C THR C 478 -20.84 1.34 12.09
N PHE C 479 -20.38 2.02 11.03
CA PHE C 479 -21.10 3.14 10.44
C PHE C 479 -22.40 2.67 9.77
N CYS C 480 -22.34 1.53 9.08
CA CYS C 480 -23.54 0.99 8.46
C CYS C 480 -24.57 0.62 9.51
N LEU C 481 -24.11 0.07 10.64
CA LEU C 481 -24.98 -0.28 11.74
C LEU C 481 -25.64 0.97 12.32
N ALA C 482 -24.88 2.06 12.40
CA ALA C 482 -25.41 3.31 12.90
C ALA C 482 -26.53 3.82 11.97
N LEU C 483 -26.36 3.67 10.66
CA LEU C 483 -27.39 4.10 9.70
C LEU C 483 -28.66 3.26 9.87
N GLU C 484 -28.47 2.00 10.29
CA GLU C 484 -29.60 1.12 10.52
C GLU C 484 -30.40 1.58 11.74
N HIS C 485 -29.87 2.52 12.54
CA HIS C 485 -30.62 3.05 13.68
C HIS C 485 -31.38 4.33 13.32
N GLY C 486 -31.21 4.79 12.06
CA GLY C 486 -31.99 5.90 11.51
C GLY C 486 -31.24 7.22 11.65
N LEU C 487 -30.54 7.61 10.59
CA LEU C 487 -29.99 8.95 10.48
C LEU C 487 -31.05 9.86 9.87
N PRO C 488 -31.50 10.90 10.57
CA PRO C 488 -32.46 11.83 9.99
C PRO C 488 -31.94 12.38 8.66
N PRO C 489 -32.83 12.84 7.76
CA PRO C 489 -32.37 13.64 6.62
C PRO C 489 -31.47 14.73 7.19
N THR C 490 -30.27 14.87 6.64
CA THR C 490 -29.20 15.66 7.23
C THR C 490 -28.33 16.27 6.13
N GLY C 491 -27.72 17.42 6.43
CA GLY C 491 -26.78 18.06 5.54
C GLY C 491 -25.43 18.24 6.24
N GLY C 492 -24.35 17.85 5.54
CA GLY C 492 -23.01 17.89 6.11
C GLY C 492 -22.07 18.72 5.24
N TRP C 493 -20.93 19.09 5.82
CA TRP C 493 -20.13 20.16 5.27
C TRP C 493 -18.76 20.20 5.95
N GLY C 494 -17.75 20.45 5.12
CA GLY C 494 -16.41 20.61 5.59
C GLY C 494 -15.73 21.80 4.91
N LEU C 495 -14.78 22.40 5.66
CA LEU C 495 -14.06 23.58 5.23
C LEU C 495 -12.59 23.41 5.61
N GLY C 496 -11.71 23.71 4.66
CA GLY C 496 -10.30 23.82 4.96
C GLY C 496 -9.99 25.21 5.49
N ILE C 497 -9.81 25.31 6.83
CA ILE C 497 -9.55 26.60 7.44
C ILE C 497 -8.31 27.24 6.81
N ASP C 498 -7.27 26.46 6.57
CA ASP C 498 -5.96 27.01 6.25
C ASP C 498 -6.00 27.66 4.86
N ARG C 499 -6.66 26.99 3.91
CA ARG C 499 -6.79 27.54 2.57
C ARG C 499 -7.63 28.81 2.63
N LEU C 500 -8.62 28.83 3.52
CA LEU C 500 -9.42 30.04 3.70
C LEU C 500 -8.53 31.17 4.19
N ILE C 501 -7.60 30.87 5.11
CA ILE C 501 -6.74 31.91 5.65
C ILE C 501 -5.81 32.41 4.54
N MET C 502 -5.40 31.53 3.62
CA MET C 502 -4.55 31.93 2.51
C MET C 502 -5.24 33.04 1.70
N PHE C 503 -6.55 32.91 1.48
CA PHE C 503 -7.27 33.90 0.70
C PHE C 503 -7.46 35.18 1.53
N LEU C 504 -7.84 35.04 2.79
CA LEU C 504 -8.13 36.20 3.61
C LEU C 504 -6.87 37.02 3.86
N ALA C 505 -5.73 36.33 4.02
CA ALA C 505 -4.49 37.01 4.38
C ALA C 505 -3.64 37.28 3.15
N ASP C 506 -4.09 36.82 1.98
CA ASP C 506 -3.40 36.97 0.70
C ASP C 506 -2.04 36.30 0.72
N LYS C 507 -2.02 34.97 0.78
CA LYS C 507 -0.79 34.19 0.69
C LYS C 507 -0.99 33.07 -0.33
N ASN C 508 0.04 32.75 -1.10
CA ASN C 508 -0.09 31.76 -2.16
C ASN C 508 0.62 30.47 -1.75
N ASN C 509 1.18 30.42 -0.52
CA ASN C 509 1.84 29.24 0.01
C ASN C 509 1.27 28.84 1.37
N ILE C 510 0.84 27.58 1.51
CA ILE C 510 0.30 27.03 2.74
C ILE C 510 1.28 27.25 3.91
N LYS C 511 2.57 27.29 3.62
CA LYS C 511 3.57 27.38 4.67
C LYS C 511 3.45 28.72 5.38
N GLU C 512 2.77 29.68 4.76
CA GLU C 512 2.64 31.00 5.34
C GLU C 512 1.62 30.98 6.47
N VAL C 513 0.65 30.05 6.44
CA VAL C 513 -0.50 30.11 7.33
C VAL C 513 -0.47 28.99 8.36
N ILE C 514 0.57 28.17 8.35
CA ILE C 514 0.78 27.15 9.37
C ILE C 514 2.11 27.47 10.05
N LEU C 515 2.13 27.45 11.38
CA LEU C 515 3.28 27.89 12.16
C LEU C 515 4.49 27.01 11.85
N PHE C 516 4.31 25.69 11.91
CA PHE C 516 5.44 24.80 11.68
C PHE C 516 5.08 23.81 10.58
N PRO C 517 5.12 24.25 9.30
CA PRO C 517 4.75 23.38 8.19
C PRO C 517 5.78 22.29 7.93
N ALA C 518 5.35 21.26 7.22
CA ALA C 518 6.22 20.17 6.84
C ALA C 518 7.14 20.62 5.72
N MET C 519 8.36 20.07 5.72
CA MET C 519 9.46 20.45 4.84
C MET C 519 10.14 19.19 4.30
N ARG C 520 10.74 19.27 3.09
CA ARG C 520 11.63 18.22 2.61
C ARG C 520 12.93 18.19 3.44
N ASN C 521 13.49 16.98 3.66
CA ASN C 521 14.74 16.80 4.42
C ASN C 521 15.90 16.55 3.45
N SER D 21 -18.99 -29.57 9.73
CA SER D 21 -18.96 -31.04 9.96
C SER D 21 -18.31 -31.30 11.33
N HIS D 22 -18.96 -32.18 12.11
CA HIS D 22 -18.44 -32.56 13.41
C HIS D 22 -17.06 -33.21 13.25
N TYR D 23 -16.88 -33.97 12.14
CA TYR D 23 -15.67 -34.73 11.89
C TYR D 23 -14.40 -33.88 11.98
N THR D 24 -14.44 -32.70 11.37
CA THR D 24 -13.29 -31.80 11.34
C THR D 24 -12.98 -31.29 12.75
N ASP D 25 -14.01 -30.92 13.51
CA ASP D 25 -13.80 -30.44 14.87
C ASP D 25 -13.17 -31.52 15.73
N ASN D 26 -13.67 -32.75 15.61
CA ASN D 26 -13.24 -33.86 16.44
C ASN D 26 -11.80 -34.24 16.14
N ARG D 27 -11.39 -34.04 14.89
CA ARG D 27 -10.03 -34.37 14.50
C ARG D 27 -9.07 -33.35 15.12
N TYR D 28 -9.43 -32.06 15.08
CA TYR D 28 -8.65 -31.05 15.77
C TYR D 28 -8.57 -31.37 17.26
N LYS D 29 -9.68 -31.88 17.83
CA LYS D 29 -9.73 -32.24 19.24
C LYS D 29 -8.79 -33.41 19.51
N MET D 30 -8.81 -34.41 18.64
CA MET D 30 -7.94 -35.58 18.79
C MET D 30 -6.49 -35.13 18.80
N MET D 31 -6.15 -34.22 17.86
CA MET D 31 -4.76 -33.84 17.66
C MET D 31 -4.25 -33.07 18.88
N GLU D 32 -5.15 -32.30 19.51
CA GLU D 32 -4.81 -31.59 20.72
C GLU D 32 -4.56 -32.59 21.85
N CYS D 33 -5.44 -33.59 21.97
CA CYS D 33 -5.29 -34.63 22.98
C CYS D 33 -3.96 -35.36 22.82
N ILE D 34 -3.62 -35.69 21.56
CA ILE D 34 -2.36 -36.34 21.24
C ILE D 34 -1.20 -35.49 21.74
N LYS D 35 -1.25 -34.18 21.49
CA LYS D 35 -0.14 -33.29 21.82
C LYS D 35 0.01 -33.18 23.34
N ASP D 36 -1.12 -32.99 24.03
CA ASP D 36 -1.13 -32.82 25.48
C ASP D 36 -0.64 -34.11 26.15
N ALA D 37 -0.89 -35.26 25.51
CA ALA D 37 -0.52 -36.56 26.05
C ALA D 37 0.93 -36.92 25.73
N GLY D 38 1.66 -36.01 25.06
CA GLY D 38 3.05 -36.24 24.71
C GLY D 38 3.25 -37.27 23.60
N ARG D 39 2.19 -37.67 22.89
CA ARG D 39 2.31 -38.67 21.83
C ARG D 39 2.77 -37.97 20.55
N PRO D 40 3.27 -38.71 19.53
CA PRO D 40 3.80 -38.09 18.31
C PRO D 40 2.83 -37.16 17.61
N PHE D 41 3.27 -35.91 17.42
CA PHE D 41 2.43 -34.84 16.88
C PHE D 41 3.16 -34.18 15.70
N TYR D 42 2.76 -34.54 14.48
CA TYR D 42 3.39 -34.04 13.25
C TYR D 42 4.91 -34.14 13.34
N PRO D 43 5.47 -35.37 13.32
CA PRO D 43 6.92 -35.55 13.28
C PRO D 43 7.57 -34.87 12.07
N HIS D 44 8.78 -34.33 12.29
CA HIS D 44 9.46 -33.50 11.30
C HIS D 44 9.98 -34.38 10.18
N LYS D 45 10.58 -35.51 10.54
CA LYS D 45 11.33 -36.36 9.63
C LYS D 45 10.98 -37.82 9.89
N PHE D 46 10.58 -38.52 8.82
CA PHE D 46 10.39 -39.96 8.82
C PHE D 46 11.30 -40.57 7.74
N LYS D 47 12.22 -41.46 8.16
CA LYS D 47 13.22 -42.03 7.28
C LYS D 47 12.69 -43.35 6.74
N ILE D 48 12.24 -43.35 5.48
CA ILE D 48 11.76 -44.56 4.84
C ILE D 48 12.96 -45.43 4.45
N SER D 49 12.78 -46.75 4.48
CA SER D 49 13.80 -47.68 4.01
C SER D 49 13.85 -47.67 2.48
N MET D 50 12.70 -47.54 1.83
CA MET D 50 12.66 -47.47 0.39
C MET D 50 11.28 -46.97 -0.03
N SER D 51 11.17 -46.60 -1.31
CA SER D 51 9.90 -46.21 -1.91
C SER D 51 9.00 -47.44 -1.98
N LEU D 52 7.69 -47.21 -2.14
CA LEU D 52 6.75 -48.30 -2.31
C LEU D 52 7.01 -48.99 -3.65
N PRO D 53 7.26 -48.28 -4.79
CA PRO D 53 7.62 -48.95 -6.03
C PRO D 53 8.83 -49.86 -5.86
N ALA D 54 9.81 -49.39 -5.10
CA ALA D 54 11.05 -50.14 -4.90
C ALA D 54 10.78 -51.34 -4.01
N TYR D 55 9.79 -51.19 -3.11
CA TYR D 55 9.38 -52.28 -2.24
C TYR D 55 8.69 -53.37 -3.05
N ALA D 56 7.82 -52.95 -3.98
CA ALA D 56 7.08 -53.87 -4.84
C ALA D 56 8.05 -54.60 -5.78
N LEU D 57 9.10 -53.90 -6.22
CA LEU D 57 10.09 -54.46 -7.11
C LEU D 57 10.88 -55.54 -6.36
N LYS D 58 11.17 -55.30 -5.09
CA LYS D 58 12.05 -56.19 -4.34
C LYS D 58 11.29 -57.41 -3.83
N TYR D 59 10.06 -57.22 -3.33
CA TYR D 59 9.38 -58.29 -2.62
C TYR D 59 8.15 -58.78 -3.37
N GLY D 60 7.92 -58.27 -4.59
CA GLY D 60 6.69 -58.57 -5.32
C GLY D 60 6.60 -60.02 -5.80
N ASN D 61 7.74 -60.72 -5.93
CA ASN D 61 7.75 -62.05 -6.52
C ASN D 61 8.14 -63.11 -5.49
N VAL D 62 8.04 -62.82 -4.18
CA VAL D 62 8.27 -63.85 -3.18
C VAL D 62 7.09 -64.82 -3.21
N GLU D 63 7.25 -65.98 -2.58
CA GLU D 63 6.19 -66.97 -2.53
C GLU D 63 5.14 -66.49 -1.51
N ASN D 64 3.89 -66.92 -1.73
CA ASN D 64 2.80 -66.63 -0.81
C ASN D 64 3.20 -67.06 0.60
N GLY D 65 2.87 -66.23 1.60
CA GLY D 65 3.13 -66.55 3.00
C GLY D 65 4.55 -66.20 3.44
N TYR D 66 5.39 -65.67 2.54
CA TYR D 66 6.79 -65.38 2.87
C TYR D 66 6.85 -64.22 3.89
N ILE D 67 7.77 -64.35 4.85
CA ILE D 67 8.01 -63.26 5.79
C ILE D 67 9.45 -63.36 6.30
N ASP D 68 10.15 -62.22 6.30
CA ASP D 68 11.54 -62.15 6.72
C ASP D 68 11.58 -61.33 8.01
N LYS D 69 11.59 -62.03 9.15
CA LYS D 69 11.59 -61.40 10.45
C LYS D 69 12.95 -60.80 10.78
N ASP D 70 13.96 -61.01 9.92
CA ASP D 70 15.31 -60.52 10.18
C ASP D 70 15.54 -59.13 9.57
N THR D 71 14.55 -58.62 8.83
CA THR D 71 14.64 -57.33 8.17
C THR D 71 13.47 -56.44 8.64
N THR D 72 13.81 -55.30 9.26
CA THR D 72 12.83 -54.32 9.69
C THR D 72 12.88 -53.13 8.74
N LEU D 73 11.73 -52.78 8.14
CA LEU D 73 11.68 -51.70 7.15
C LEU D 73 10.67 -50.65 7.58
N SER D 74 10.96 -49.38 7.20
CA SER D 74 10.03 -48.28 7.35
C SER D 74 9.44 -47.92 5.98
N LEU D 75 8.10 -47.91 5.89
CA LEU D 75 7.39 -47.46 4.70
C LEU D 75 6.41 -46.37 5.08
N SER D 76 6.05 -45.54 4.09
CA SER D 76 5.07 -44.49 4.32
C SER D 76 4.23 -44.26 3.07
N GLY D 77 3.01 -43.80 3.32
CA GLY D 77 2.07 -43.44 2.27
C GLY D 77 0.79 -42.82 2.85
N ARG D 78 -0.19 -42.58 1.97
CA ARG D 78 -1.51 -42.15 2.38
C ARG D 78 -2.38 -43.40 2.53
N VAL D 79 -3.16 -43.46 3.62
CA VAL D 79 -4.05 -44.57 3.87
C VAL D 79 -5.25 -44.49 2.93
N THR D 80 -5.49 -45.56 2.19
CA THR D 80 -6.62 -45.63 1.27
C THR D 80 -7.66 -46.65 1.74
N SER D 81 -7.34 -47.43 2.79
CA SER D 81 -8.23 -48.45 3.29
C SER D 81 -7.88 -48.87 4.71
N ILE D 82 -8.90 -49.09 5.53
CA ILE D 82 -8.76 -49.65 6.87
C ILE D 82 -9.87 -50.66 7.06
N ARG D 83 -9.49 -51.94 7.18
CA ARG D 83 -10.39 -53.01 7.57
C ARG D 83 -9.85 -53.65 8.85
N SER D 84 -10.59 -53.48 9.94
CA SER D 84 -10.35 -54.26 11.14
C SER D 84 -11.14 -55.56 11.01
N SER D 85 -10.39 -56.64 10.87
CA SER D 85 -10.94 -57.98 10.70
C SER D 85 -11.26 -58.62 12.05
N SER D 86 -10.59 -58.16 13.10
CA SER D 86 -10.90 -58.54 14.47
C SER D 86 -10.33 -57.50 15.43
N SER D 87 -10.48 -57.73 16.73
CA SER D 87 -9.96 -56.81 17.73
C SER D 87 -8.43 -56.77 17.72
N LYS D 88 -7.81 -57.77 17.06
CA LYS D 88 -6.38 -58.01 17.18
C LYS D 88 -5.65 -57.86 15.83
N LEU D 89 -6.40 -57.68 14.73
CA LEU D 89 -5.80 -57.70 13.41
C LEU D 89 -6.43 -56.60 12.54
N ILE D 90 -5.58 -55.68 12.05
CA ILE D 90 -6.02 -54.59 11.20
C ILE D 90 -5.26 -54.64 9.88
N PHE D 91 -6.00 -54.47 8.78
CA PHE D 91 -5.45 -54.36 7.44
C PHE D 91 -5.57 -52.91 6.96
N TYR D 92 -4.41 -52.30 6.62
CA TYR D 92 -4.38 -51.03 5.92
C TYR D 92 -3.96 -51.24 4.48
N ASP D 93 -4.44 -50.36 3.59
CA ASP D 93 -3.74 -50.09 2.35
C ASP D 93 -3.09 -48.71 2.42
N ILE D 94 -1.80 -48.61 2.07
CA ILE D 94 -1.17 -47.31 1.86
C ILE D 94 -0.77 -47.19 0.40
N PHE D 95 -0.73 -45.93 -0.07
CA PHE D 95 -0.46 -45.61 -1.46
C PHE D 95 0.53 -44.46 -1.51
N CYS D 96 1.52 -44.58 -2.42
CA CYS D 96 2.53 -43.55 -2.63
C CYS D 96 3.25 -43.84 -3.94
N GLU D 97 3.56 -42.79 -4.70
CA GLU D 97 4.31 -42.87 -5.94
C GLU D 97 3.74 -43.97 -6.83
N GLU D 98 2.42 -44.00 -6.97
CA GLU D 98 1.72 -44.88 -7.91
C GLU D 98 1.75 -46.35 -7.51
N GLN D 99 2.03 -46.66 -6.23
CA GLN D 99 2.12 -48.04 -5.78
C GLN D 99 1.32 -48.22 -4.49
N LYS D 100 0.44 -49.23 -4.48
CA LYS D 100 -0.29 -49.64 -3.29
C LYS D 100 0.47 -50.74 -2.57
N VAL D 101 0.41 -50.73 -1.24
CA VAL D 101 1.01 -51.80 -0.44
C VAL D 101 0.11 -52.05 0.76
N GLN D 102 -0.12 -53.33 1.07
CA GLN D 102 -0.95 -53.70 2.21
C GLN D 102 -0.10 -53.79 3.48
N ILE D 103 -0.65 -53.24 4.58
CA ILE D 103 -0.05 -53.36 5.88
C ILE D 103 -0.96 -54.27 6.71
N ILE D 104 -0.33 -55.21 7.44
CA ILE D 104 -1.04 -56.14 8.30
C ILE D 104 -0.55 -55.92 9.73
N ALA D 105 -1.40 -55.29 10.55
CA ALA D 105 -1.07 -54.92 11.90
C ALA D 105 -1.65 -55.93 12.89
N ASN D 106 -0.79 -56.80 13.41
CA ASN D 106 -1.17 -57.83 14.36
C ASN D 106 -0.78 -57.36 15.75
N ILE D 107 -1.70 -57.48 16.72
CA ILE D 107 -1.39 -57.08 18.09
C ILE D 107 -0.18 -57.87 18.60
N MET D 108 0.02 -59.09 18.10
CA MET D 108 1.12 -59.94 18.55
C MET D 108 2.46 -59.27 18.28
N GLU D 109 2.53 -58.42 17.24
CA GLU D 109 3.80 -57.87 16.78
C GLU D 109 4.00 -56.44 17.30
N HIS D 110 3.00 -55.88 17.97
CA HIS D 110 3.01 -54.46 18.26
C HIS D 110 4.08 -54.12 19.28
N ASP D 111 4.87 -53.07 18.97
CA ASP D 111 5.84 -52.50 19.86
C ASP D 111 5.13 -51.63 20.91
N ILE D 112 5.01 -52.17 22.12
CA ILE D 112 4.21 -51.56 23.17
C ILE D 112 4.84 -50.25 23.64
N SER D 113 6.12 -50.02 23.34
CA SER D 113 6.78 -48.78 23.75
C SER D 113 6.19 -47.57 22.99
N THR D 114 5.49 -47.81 21.87
CA THR D 114 4.85 -46.75 21.11
C THR D 114 3.40 -46.53 21.56
N GLY D 115 2.97 -47.27 22.59
CA GLY D 115 1.62 -47.20 23.13
C GLY D 115 0.82 -48.50 22.97
N GLU D 116 -0.33 -48.59 23.65
CA GLU D 116 -1.21 -49.73 23.52
C GLU D 116 -1.67 -49.86 22.06
N PHE D 117 -1.72 -51.09 21.56
CA PHE D 117 -2.15 -51.38 20.20
C PHE D 117 -3.39 -50.58 19.83
N SER D 118 -4.44 -50.67 20.65
CA SER D 118 -5.72 -50.06 20.33
C SER D 118 -5.58 -48.54 20.25
N VAL D 119 -4.75 -47.96 21.13
CA VAL D 119 -4.56 -46.52 21.20
C VAL D 119 -3.84 -46.04 19.92
N SER D 120 -2.76 -46.73 19.57
CA SER D 120 -1.95 -46.40 18.40
C SER D 120 -2.80 -46.36 17.14
N HIS D 121 -3.69 -47.36 16.97
CA HIS D 121 -4.43 -47.51 15.73
C HIS D 121 -5.73 -46.70 15.76
N SER D 122 -6.17 -46.24 16.95
CA SER D 122 -7.35 -45.40 17.07
C SER D 122 -7.07 -44.01 16.52
N GLU D 123 -5.79 -43.63 16.48
CA GLU D 123 -5.37 -42.33 15.99
C GLU D 123 -5.33 -42.29 14.46
N ILE D 124 -5.53 -43.42 13.78
CA ILE D 124 -5.35 -43.47 12.34
C ILE D 124 -6.71 -43.51 11.66
N ARG D 125 -6.82 -42.77 10.55
CA ARG D 125 -8.05 -42.67 9.80
C ARG D 125 -7.71 -42.77 8.32
N ARG D 126 -8.71 -43.09 7.52
CA ARG D 126 -8.53 -43.09 6.08
C ARG D 126 -8.20 -41.67 5.65
N GLY D 127 -7.27 -41.55 4.68
CA GLY D 127 -6.80 -40.25 4.23
C GLY D 127 -5.54 -39.79 4.97
N ASP D 128 -5.23 -40.39 6.11
CA ASP D 128 -4.05 -40.01 6.86
C ASP D 128 -2.77 -40.38 6.11
N VAL D 129 -1.76 -39.52 6.29
CA VAL D 129 -0.40 -39.83 5.88
C VAL D 129 0.30 -40.45 7.09
N VAL D 130 0.79 -41.67 6.91
CA VAL D 130 1.24 -42.47 8.03
C VAL D 130 2.52 -43.18 7.65
N GLY D 131 3.30 -43.49 8.69
CA GLY D 131 4.44 -44.36 8.54
C GLY D 131 4.23 -45.66 9.31
N PHE D 132 4.86 -46.72 8.83
CA PHE D 132 4.81 -48.03 9.45
C PHE D 132 6.21 -48.61 9.50
N THR D 133 6.48 -49.36 10.56
CA THR D 133 7.68 -50.16 10.67
C THR D 133 7.29 -51.63 10.70
N GLY D 134 8.04 -52.50 10.03
CA GLY D 134 7.82 -53.93 10.19
C GLY D 134 8.62 -54.81 9.23
N PHE D 135 8.07 -56.01 8.97
CA PHE D 135 8.77 -57.10 8.32
C PHE D 135 8.20 -57.29 6.92
N PRO D 136 9.06 -57.41 5.88
CA PRO D 136 8.57 -57.54 4.51
C PRO D 136 8.06 -58.95 4.22
N GLY D 137 7.13 -59.06 3.26
CA GLY D 137 6.76 -60.34 2.69
C GLY D 137 5.41 -60.28 2.00
N LYS D 138 4.64 -61.36 2.18
CA LYS D 138 3.42 -61.61 1.43
C LYS D 138 2.45 -62.41 2.31
N SER D 139 1.16 -62.09 2.20
CA SER D 139 0.12 -62.80 2.94
C SER D 139 -0.05 -64.19 2.35
N LYS D 140 -0.68 -65.09 3.12
CA LYS D 140 -1.00 -66.43 2.64
C LYS D 140 -1.85 -66.33 1.36
N ARG D 141 -2.69 -65.29 1.26
CA ARG D 141 -3.56 -65.08 0.10
C ARG D 141 -2.76 -64.51 -1.08
N GLY D 142 -1.51 -64.08 -0.87
CA GLY D 142 -0.61 -63.68 -1.96
C GLY D 142 -0.54 -62.17 -2.20
N GLU D 143 -0.93 -61.35 -1.21
CA GLU D 143 -0.91 -59.91 -1.32
C GLU D 143 0.40 -59.38 -0.76
N LEU D 144 1.07 -58.52 -1.54
CA LEU D 144 2.30 -57.88 -1.08
C LEU D 144 2.00 -57.05 0.17
N SER D 145 2.75 -57.30 1.24
CA SER D 145 2.37 -56.79 2.56
C SER D 145 3.58 -56.38 3.37
N LEU D 146 3.33 -55.54 4.39
CA LEU D 146 4.29 -55.32 5.46
C LEU D 146 3.63 -55.74 6.77
N PHE D 147 4.31 -56.61 7.52
CA PHE D 147 3.83 -57.11 8.79
C PHE D 147 4.30 -56.16 9.87
N SER D 148 3.42 -55.23 10.27
CA SER D 148 3.85 -54.04 10.98
C SER D 148 4.04 -54.30 12.47
N LYS D 149 4.97 -53.54 13.07
CA LYS D 149 5.21 -53.53 14.50
C LYS D 149 4.88 -52.18 15.12
N SER D 150 4.73 -51.14 14.29
CA SER D 150 4.42 -49.80 14.77
C SER D 150 3.75 -49.00 13.66
N VAL D 151 3.09 -47.91 14.05
CA VAL D 151 2.45 -46.99 13.12
C VAL D 151 2.64 -45.57 13.64
N VAL D 152 2.91 -44.63 12.73
CA VAL D 152 3.08 -43.24 13.11
C VAL D 152 2.16 -42.36 12.28
N LEU D 153 1.43 -41.49 12.98
CA LEU D 153 0.64 -40.47 12.33
C LEU D 153 1.56 -39.31 11.97
N LEU D 154 1.76 -39.11 10.66
CA LEU D 154 2.65 -38.08 10.17
C LEU D 154 1.87 -36.79 9.86
N SER D 155 0.71 -36.93 9.19
CA SER D 155 -0.06 -35.78 8.81
C SER D 155 -1.52 -36.21 8.63
N PRO D 156 -2.42 -35.95 9.61
CA PRO D 156 -3.80 -36.39 9.49
C PRO D 156 -4.60 -35.61 8.45
N CYS D 157 -5.66 -36.26 7.98
CA CYS D 157 -6.65 -35.65 7.12
C CYS D 157 -7.88 -35.34 7.98
N TYR D 158 -8.27 -34.06 8.01
CA TYR D 158 -9.33 -33.59 8.89
C TYR D 158 -10.70 -33.61 8.20
N HIS D 159 -10.81 -34.28 7.05
CA HIS D 159 -12.05 -34.30 6.28
C HIS D 159 -12.34 -35.74 5.85
N MET D 160 -13.63 -36.09 5.78
CA MET D 160 -14.01 -37.40 5.29
C MET D 160 -13.84 -37.43 3.77
N LEU D 161 -12.99 -38.32 3.28
CA LEU D 161 -12.73 -38.43 1.87
C LEU D 161 -13.67 -39.44 1.25
N PRO D 162 -14.00 -39.34 -0.05
CA PRO D 162 -14.58 -40.47 -0.76
C PRO D 162 -13.47 -41.44 -1.17
N THR D 163 -13.84 -42.57 -1.76
CA THR D 163 -12.86 -43.55 -2.21
C THR D 163 -12.51 -43.30 -3.68
N ALA D 164 -13.36 -42.55 -4.40
CA ALA D 164 -13.11 -42.18 -5.79
C ALA D 164 -13.73 -40.82 -6.06
N ILE D 165 -13.48 -40.26 -7.25
CA ILE D 165 -13.88 -38.90 -7.57
C ILE D 165 -15.39 -38.79 -7.71
N SER D 166 -16.07 -39.90 -8.00
CA SER D 166 -17.52 -39.89 -8.16
C SER D 166 -18.22 -39.66 -6.81
N GLY D 167 -17.48 -39.77 -5.70
CA GLY D 167 -18.01 -39.52 -4.37
C GLY D 167 -17.83 -38.07 -3.89
N LEU D 168 -17.51 -37.15 -4.80
CA LEU D 168 -17.35 -35.75 -4.44
C LEU D 168 -18.67 -35.02 -4.65
N LYS D 169 -18.89 -33.96 -3.85
CA LYS D 169 -20.12 -33.17 -3.91
C LYS D 169 -20.51 -32.99 -5.37
N ASP D 170 -19.62 -32.36 -6.16
CA ASP D 170 -19.76 -32.24 -7.61
C ASP D 170 -18.37 -32.34 -8.24
N GLN D 171 -18.33 -32.45 -9.58
CA GLN D 171 -17.08 -32.77 -10.28
C GLN D 171 -16.22 -31.52 -10.50
N GLU D 172 -16.73 -30.32 -10.19
CA GLU D 172 -15.97 -29.08 -10.23
C GLU D 172 -15.00 -29.00 -9.04
N VAL D 173 -15.25 -29.79 -7.98
CA VAL D 173 -14.34 -29.89 -6.86
C VAL D 173 -12.96 -30.34 -7.34
N ARG D 174 -12.94 -31.15 -8.41
CA ARG D 174 -11.70 -31.67 -8.96
C ARG D 174 -10.77 -30.51 -9.35
N TYR D 175 -11.36 -29.36 -9.69
CA TYR D 175 -10.61 -28.22 -10.19
C TYR D 175 -10.39 -27.18 -9.11
N ARG D 176 -11.37 -26.98 -8.22
CA ARG D 176 -11.23 -25.99 -7.16
C ARG D 176 -10.26 -26.52 -6.11
N GLN D 177 -10.19 -27.84 -5.99
CA GLN D 177 -9.32 -28.50 -5.03
C GLN D 177 -8.60 -29.66 -5.74
N ARG D 178 -7.61 -29.31 -6.57
CA ARG D 178 -6.97 -30.28 -7.44
C ARG D 178 -6.29 -31.38 -6.62
N TYR D 179 -5.85 -31.06 -5.39
CA TYR D 179 -5.23 -32.06 -4.53
C TYR D 179 -6.14 -33.28 -4.37
N LEU D 180 -7.44 -33.07 -4.25
CA LEU D 180 -8.36 -34.21 -4.10
C LEU D 180 -8.35 -35.06 -5.37
N ASP D 181 -8.46 -34.40 -6.52
CA ASP D 181 -8.42 -35.11 -7.79
C ASP D 181 -7.14 -35.93 -7.90
N LEU D 182 -5.99 -35.32 -7.58
CA LEU D 182 -4.70 -35.99 -7.75
C LEU D 182 -4.57 -37.15 -6.76
N MET D 183 -5.09 -36.94 -5.55
CA MET D 183 -5.17 -37.97 -4.52
C MET D 183 -5.93 -39.21 -5.03
N LEU D 184 -7.08 -39.00 -5.68
CA LEU D 184 -8.09 -40.03 -5.85
C LEU D 184 -8.14 -40.59 -7.27
N ASN D 185 -7.53 -39.90 -8.25
CA ASN D 185 -7.77 -40.18 -9.65
C ASN D 185 -6.45 -40.36 -10.39
N GLU D 186 -6.12 -41.61 -10.71
CA GLU D 186 -4.93 -41.96 -11.47
C GLU D 186 -4.90 -41.28 -12.83
N GLU D 187 -6.07 -41.20 -13.48
CA GLU D 187 -6.19 -40.67 -14.82
C GLU D 187 -5.75 -39.19 -14.85
N SER D 188 -5.94 -38.51 -13.73
CA SER D 188 -5.57 -37.11 -13.58
C SER D 188 -4.06 -36.97 -13.48
N ARG D 189 -3.46 -37.76 -12.58
CA ARG D 189 -2.02 -37.85 -12.46
C ARG D 189 -1.35 -38.17 -13.81
N LYS D 190 -1.99 -38.98 -14.67
CA LYS D 190 -1.40 -39.39 -15.92
C LYS D 190 -1.32 -38.23 -16.91
N VAL D 191 -2.31 -37.35 -16.89
CA VAL D 191 -2.34 -36.22 -17.81
C VAL D 191 -1.11 -35.33 -17.61
N PHE D 192 -0.72 -35.10 -16.35
CA PHE D 192 0.33 -34.14 -16.04
C PHE D 192 1.71 -34.78 -16.20
N LYS D 193 1.77 -36.11 -16.08
CA LYS D 193 2.95 -36.88 -16.48
C LYS D 193 3.15 -36.78 -17.98
N LEU D 194 2.05 -36.87 -18.74
CA LEU D 194 2.12 -36.87 -20.19
C LEU D 194 2.48 -35.46 -20.67
N ARG D 195 1.94 -34.46 -20.01
CA ARG D 195 2.27 -33.08 -20.28
C ARG D 195 3.79 -32.91 -20.18
N SER D 196 4.40 -33.40 -19.10
CA SER D 196 5.84 -33.26 -18.89
C SER D 196 6.62 -33.99 -19.99
N ARG D 197 6.19 -35.21 -20.28
CA ARG D 197 6.79 -36.03 -21.33
C ARG D 197 6.78 -35.32 -22.68
N ALA D 198 5.64 -34.70 -23.04
CA ALA D 198 5.48 -34.09 -24.35
C ALA D 198 6.38 -32.87 -24.49
N ILE D 199 6.53 -32.11 -23.39
CA ILE D 199 7.35 -30.90 -23.44
C ILE D 199 8.82 -31.28 -23.50
N LYS D 200 9.24 -32.30 -22.75
CA LYS D 200 10.57 -32.86 -22.93
C LYS D 200 10.82 -33.19 -24.40
N TYR D 201 9.87 -33.88 -25.04
CA TYR D 201 10.04 -34.31 -26.42
C TYR D 201 10.26 -33.11 -27.31
N ILE D 202 9.45 -32.06 -27.09
CA ILE D 202 9.48 -30.86 -27.92
C ILE D 202 10.80 -30.12 -27.71
N ARG D 203 11.20 -29.90 -26.45
CA ARG D 203 12.48 -29.23 -26.20
C ARG D 203 13.60 -30.00 -26.89
N ASN D 204 13.62 -31.32 -26.73
CA ASN D 204 14.67 -32.14 -27.30
C ASN D 204 14.73 -31.97 -28.83
N TYR D 205 13.57 -31.95 -29.50
CA TYR D 205 13.50 -31.76 -30.94
C TYR D 205 14.29 -30.54 -31.39
N PHE D 206 14.01 -29.41 -30.74
CA PHE D 206 14.61 -28.13 -31.09
C PHE D 206 16.04 -28.02 -30.60
N ASP D 207 16.33 -28.59 -29.43
CA ASP D 207 17.70 -28.64 -28.93
C ASP D 207 18.63 -29.33 -29.95
N ARG D 208 18.16 -30.42 -30.57
CA ARG D 208 18.99 -31.18 -31.50
C ARG D 208 19.15 -30.42 -32.82
N LEU D 209 18.32 -29.40 -33.06
CA LEU D 209 18.46 -28.57 -34.25
C LEU D 209 19.35 -27.35 -33.96
N GLY D 210 19.95 -27.28 -32.76
CA GLY D 210 20.85 -26.19 -32.41
C GLY D 210 20.14 -24.91 -31.96
N PHE D 211 18.90 -25.02 -31.46
CA PHE D 211 18.16 -23.86 -30.98
C PHE D 211 18.67 -23.43 -29.59
N LEU D 212 18.43 -22.16 -29.27
CA LEU D 212 18.73 -21.60 -27.96
C LEU D 212 17.43 -21.15 -27.32
N GLU D 213 17.19 -21.64 -26.12
CA GLU D 213 15.99 -21.27 -25.37
C GLU D 213 16.24 -19.94 -24.68
N VAL D 214 15.23 -19.07 -24.73
CA VAL D 214 15.37 -17.73 -24.20
C VAL D 214 14.13 -17.39 -23.38
N GLU D 215 14.30 -16.33 -22.57
CA GLU D 215 13.20 -15.74 -21.82
C GLU D 215 13.11 -14.24 -22.15
N THR D 216 11.95 -13.86 -22.68
CA THR D 216 11.63 -12.48 -22.95
C THR D 216 10.57 -12.03 -21.94
N PRO D 217 10.35 -10.71 -21.74
CA PRO D 217 9.56 -10.23 -20.60
C PRO D 217 8.09 -10.56 -20.71
N MET D 218 7.49 -10.87 -19.56
CA MET D 218 6.05 -11.03 -19.46
C MET D 218 5.38 -9.72 -19.06
N LEU D 219 6.15 -8.77 -18.49
CA LEU D 219 5.70 -7.40 -18.27
C LEU D 219 6.14 -6.56 -19.46
N ASN D 220 5.18 -5.95 -20.16
CA ASN D 220 5.42 -5.24 -21.40
C ASN D 220 4.92 -3.82 -21.24
N MET D 221 5.64 -2.86 -21.82
CA MET D 221 5.13 -1.50 -21.89
C MET D 221 4.17 -1.37 -23.05
N ILE D 222 4.32 -2.23 -24.06
CA ILE D 222 3.41 -2.28 -25.20
C ILE D 222 3.09 -3.75 -25.49
N TYR D 223 1.82 -4.11 -25.46
CA TYR D 223 1.43 -5.47 -25.83
C TYR D 223 1.35 -5.60 -27.35
N GLY D 224 1.58 -6.81 -27.83
CA GLY D 224 1.56 -7.08 -29.26
C GLY D 224 1.74 -8.57 -29.56
N GLY D 225 1.47 -8.97 -30.81
CA GLY D 225 1.85 -10.28 -31.31
C GLY D 225 0.67 -11.24 -31.45
N ALA D 226 -0.55 -10.77 -31.13
CA ALA D 226 -1.73 -11.61 -31.27
C ALA D 226 -3.01 -10.78 -31.25
N ALA D 227 -4.11 -11.39 -31.69
CA ALA D 227 -5.43 -10.80 -31.57
C ALA D 227 -6.03 -11.18 -30.22
N ALA D 228 -5.74 -10.37 -29.19
CA ALA D 228 -6.13 -10.72 -27.83
C ALA D 228 -6.18 -9.48 -26.98
N ARG D 229 -7.14 -9.47 -26.06
CA ARG D 229 -7.23 -8.37 -25.11
C ARG D 229 -6.27 -8.61 -23.96
N PRO D 230 -5.48 -7.59 -23.54
CA PRO D 230 -4.48 -7.78 -22.48
C PRO D 230 -4.95 -7.57 -21.04
N PHE D 231 -4.26 -8.24 -20.12
CA PHE D 231 -4.29 -7.84 -18.72
C PHE D 231 -3.43 -6.60 -18.55
N ILE D 232 -3.87 -5.74 -17.62
CA ILE D 232 -3.26 -4.46 -17.34
C ILE D 232 -2.83 -4.42 -15.88
N THR D 233 -1.72 -3.77 -15.59
CA THR D 233 -1.17 -3.72 -14.25
C THR D 233 -0.26 -2.49 -14.18
N TYR D 234 0.48 -2.35 -13.08
CA TYR D 234 1.13 -1.10 -12.78
C TYR D 234 2.36 -1.37 -11.93
N HIS D 235 3.47 -0.75 -12.32
CA HIS D 235 4.72 -0.82 -11.61
C HIS D 235 4.87 0.46 -10.79
N ASN D 236 4.67 0.36 -9.48
CA ASN D 236 4.49 1.52 -8.62
C ASN D 236 5.76 2.36 -8.53
N GLU D 237 6.92 1.75 -8.33
CA GLU D 237 8.15 2.52 -8.15
C GLU D 237 8.52 3.29 -9.40
N LEU D 238 8.26 2.74 -10.59
CA LEU D 238 8.58 3.42 -11.84
C LEU D 238 7.34 4.13 -12.38
N GLU D 239 6.25 4.15 -11.59
CA GLU D 239 5.07 4.92 -11.92
C GLU D 239 4.66 4.72 -13.39
N THR D 240 4.59 3.47 -13.84
CA THR D 240 4.25 3.21 -15.22
C THR D 240 3.27 2.04 -15.29
N GLN D 241 2.25 2.15 -16.14
CA GLN D 241 1.35 1.06 -16.37
C GLN D 241 1.99 0.07 -17.35
N LEU D 242 1.62 -1.20 -17.20
CA LEU D 242 2.25 -2.29 -17.93
C LEU D 242 1.17 -3.24 -18.41
N TYR D 243 1.46 -4.00 -19.45
CA TYR D 243 0.59 -5.08 -19.85
C TYR D 243 1.31 -6.40 -19.64
N MET D 244 0.57 -7.43 -19.24
CA MET D 244 1.10 -8.78 -19.32
C MET D 244 1.12 -9.15 -20.80
N ARG D 245 2.10 -9.93 -21.21
CA ARG D 245 2.28 -10.21 -22.63
C ARG D 245 1.12 -11.08 -23.12
N ILE D 246 0.70 -10.81 -24.36
CA ILE D 246 -0.27 -11.68 -25.02
C ILE D 246 0.49 -12.68 -25.88
N ALA D 247 1.75 -12.35 -26.18
CA ALA D 247 2.63 -13.17 -27.01
C ALA D 247 4.03 -12.58 -26.86
N PRO D 248 5.11 -13.42 -26.95
CA PRO D 248 6.49 -12.92 -26.90
C PRO D 248 7.10 -12.48 -28.23
N GLU D 249 6.27 -12.52 -29.29
CA GLU D 249 6.68 -12.44 -30.68
C GLU D 249 7.55 -11.23 -30.96
N LEU D 250 7.16 -10.05 -30.45
CA LEU D 250 7.85 -8.82 -30.80
C LEU D 250 9.25 -8.75 -30.17
N TYR D 251 9.42 -9.37 -29.01
CA TYR D 251 10.74 -9.47 -28.39
C TYR D 251 11.61 -10.49 -29.10
N LEU D 252 11.04 -11.65 -29.40
CA LEU D 252 11.78 -12.77 -29.96
C LEU D 252 12.39 -12.40 -31.31
N LYS D 253 11.66 -11.62 -32.11
CA LYS D 253 12.12 -11.27 -33.43
C LYS D 253 13.33 -10.36 -33.32
N GLN D 254 13.41 -9.58 -32.25
CA GLN D 254 14.57 -8.72 -32.04
C GLN D 254 15.83 -9.54 -31.78
N LEU D 255 15.67 -10.76 -31.25
CA LEU D 255 16.81 -11.61 -30.98
C LEU D 255 17.38 -12.13 -32.30
N ILE D 256 16.52 -12.26 -33.31
CA ILE D 256 16.97 -12.68 -34.63
C ILE D 256 17.69 -11.52 -35.31
N VAL D 257 17.25 -10.28 -35.06
CA VAL D 257 18.00 -9.13 -35.51
C VAL D 257 19.39 -9.19 -34.89
N GLY D 258 19.44 -9.58 -33.61
CA GLY D 258 20.68 -9.61 -32.85
C GLY D 258 21.61 -10.77 -33.25
N GLY D 259 21.11 -11.70 -34.06
CA GLY D 259 21.93 -12.72 -34.69
C GLY D 259 21.88 -14.08 -33.99
N LEU D 260 20.95 -14.33 -33.07
CA LEU D 260 20.89 -15.61 -32.37
C LEU D 260 20.36 -16.74 -33.27
N ASP D 261 19.79 -16.41 -34.43
CA ASP D 261 19.57 -17.30 -35.57
C ASP D 261 18.44 -18.31 -35.34
N LYS D 262 18.49 -19.03 -34.21
CA LYS D 262 17.46 -19.98 -33.85
C LYS D 262 17.14 -19.84 -32.37
N VAL D 263 15.95 -19.32 -32.05
CA VAL D 263 15.52 -19.18 -30.65
C VAL D 263 14.13 -19.78 -30.47
N TYR D 264 13.89 -20.36 -29.29
CA TYR D 264 12.54 -20.70 -28.86
C TYR D 264 12.31 -20.21 -27.44
N GLU D 265 11.04 -19.96 -27.12
CA GLU D 265 10.61 -19.69 -25.75
C GLU D 265 9.40 -20.59 -25.45
N ILE D 266 9.36 -21.16 -24.24
CA ILE D 266 8.19 -21.89 -23.76
C ILE D 266 7.75 -21.23 -22.46
N GLY D 267 6.53 -20.72 -22.43
CA GLY D 267 6.07 -20.00 -21.26
C GLY D 267 4.67 -19.42 -21.43
N LYS D 268 4.14 -18.85 -20.34
CA LYS D 268 2.76 -18.40 -20.26
C LYS D 268 2.56 -17.16 -21.11
N ASN D 269 1.42 -17.16 -21.81
CA ASN D 269 0.80 -15.95 -22.30
C ASN D 269 -0.39 -15.64 -21.39
N PHE D 270 -0.79 -14.37 -21.41
CA PHE D 270 -1.94 -13.92 -20.65
C PHE D 270 -2.94 -13.26 -21.60
N ARG D 271 -4.17 -13.76 -21.62
CA ARG D 271 -5.18 -13.20 -22.49
C ARG D 271 -6.46 -12.99 -21.69
N ASN D 272 -6.79 -11.69 -21.54
CA ASN D 272 -7.91 -11.20 -20.75
C ASN D 272 -9.19 -11.36 -21.56
N GLU D 273 -9.68 -12.60 -21.59
CA GLU D 273 -10.84 -12.99 -22.39
C GLU D 273 -11.59 -14.08 -21.63
N GLY D 274 -12.80 -14.40 -22.12
CA GLY D 274 -13.68 -15.34 -21.45
C GLY D 274 -13.12 -16.76 -21.50
N ILE D 275 -13.54 -17.56 -20.51
CA ILE D 275 -13.09 -18.95 -20.40
C ILE D 275 -14.16 -19.85 -21.00
N ASP D 276 -13.73 -20.98 -21.53
CA ASP D 276 -14.62 -22.01 -22.04
C ASP D 276 -13.77 -23.28 -22.21
N LEU D 277 -14.24 -24.23 -23.02
CA LEU D 277 -13.63 -25.54 -23.06
C LEU D 277 -12.20 -25.48 -23.63
N THR D 278 -11.87 -24.40 -24.36
CA THR D 278 -10.57 -24.28 -25.02
C THR D 278 -9.89 -22.95 -24.68
N HIS D 279 -10.35 -22.25 -23.64
CA HIS D 279 -9.76 -20.96 -23.27
C HIS D 279 -9.55 -20.87 -21.76
N ASN D 280 -8.37 -20.37 -21.38
CA ASN D 280 -7.99 -20.06 -20.00
C ASN D 280 -7.21 -18.76 -20.03
N PRO D 281 -7.35 -17.85 -19.05
CA PRO D 281 -6.71 -16.54 -19.12
C PRO D 281 -5.18 -16.59 -19.15
N GLU D 282 -4.61 -17.72 -18.72
CA GLU D 282 -3.21 -17.96 -18.93
C GLU D 282 -3.04 -19.36 -19.48
N PHE D 283 -2.09 -19.51 -20.41
CA PHE D 283 -1.79 -20.82 -20.95
C PHE D 283 -0.34 -20.83 -21.41
N THR D 284 0.15 -22.05 -21.69
CA THR D 284 1.53 -22.28 -22.06
C THR D 284 1.65 -22.30 -23.59
N ALA D 285 2.43 -21.36 -24.10
CA ALA D 285 2.74 -21.28 -25.52
C ALA D 285 4.22 -21.56 -25.73
N MET D 286 4.52 -22.11 -26.90
CA MET D 286 5.87 -22.11 -27.41
C MET D 286 5.89 -21.30 -28.68
N GLU D 287 6.85 -20.36 -28.77
CA GLU D 287 7.20 -19.75 -30.03
C GLU D 287 8.64 -20.09 -30.37
N PHE D 288 8.93 -20.23 -31.66
CA PHE D 288 10.29 -20.31 -32.13
C PHE D 288 10.44 -19.42 -33.36
N TYR D 289 11.65 -18.85 -33.50
CA TYR D 289 12.03 -18.09 -34.68
C TYR D 289 13.29 -18.70 -35.26
N MET D 290 13.21 -19.04 -36.56
CA MET D 290 14.31 -19.67 -37.27
C MET D 290 14.69 -18.80 -38.46
N ALA D 291 15.88 -18.18 -38.41
CA ALA D 291 16.35 -17.37 -39.53
C ALA D 291 16.52 -18.26 -40.78
N TYR D 292 16.12 -17.69 -41.92
CA TYR D 292 16.32 -18.26 -43.26
C TYR D 292 15.28 -19.34 -43.56
N ALA D 293 14.30 -19.56 -42.67
CA ALA D 293 13.16 -20.40 -42.97
C ALA D 293 12.02 -19.56 -43.57
N ASP D 294 11.13 -20.20 -44.32
CA ASP D 294 9.86 -19.60 -44.70
C ASP D 294 8.75 -20.52 -44.20
N TYR D 295 7.51 -20.14 -44.49
CA TYR D 295 6.35 -20.84 -43.97
C TYR D 295 6.26 -22.25 -44.58
N TYR D 296 6.78 -22.46 -45.79
CA TYR D 296 6.83 -23.80 -46.36
C TYR D 296 7.70 -24.71 -45.50
N ASP D 297 8.89 -24.23 -45.13
CA ASP D 297 9.82 -24.97 -44.28
C ASP D 297 9.16 -25.31 -42.94
N LEU D 298 8.36 -24.36 -42.43
CA LEU D 298 7.76 -24.49 -41.12
C LEU D 298 6.61 -25.51 -41.13
N MET D 299 5.93 -25.65 -42.27
CA MET D 299 4.88 -26.66 -42.38
C MET D 299 5.51 -28.05 -42.26
N ASP D 300 6.63 -28.26 -42.95
CA ASP D 300 7.32 -29.55 -42.89
C ASP D 300 7.75 -29.82 -41.46
N LEU D 301 8.27 -28.79 -40.79
CA LEU D 301 8.78 -28.95 -39.44
C LEU D 301 7.63 -29.33 -38.49
N THR D 302 6.49 -28.65 -38.67
CA THR D 302 5.32 -28.88 -37.83
C THR D 302 4.85 -30.34 -37.96
N GLU D 303 4.80 -30.85 -39.19
CA GLU D 303 4.42 -32.23 -39.45
C GLU D 303 5.37 -33.19 -38.75
N GLU D 304 6.68 -32.95 -38.90
CA GLU D 304 7.67 -33.86 -38.34
C GLU D 304 7.56 -33.88 -36.81
N LEU D 305 7.47 -32.68 -36.22
CA LEU D 305 7.48 -32.53 -34.78
C LEU D 305 6.25 -33.20 -34.18
N ILE D 306 5.09 -32.85 -34.71
CA ILE D 306 3.85 -33.28 -34.09
C ILE D 306 3.58 -34.75 -34.39
N SER D 307 3.78 -35.20 -35.64
CA SER D 307 3.61 -36.61 -35.96
C SER D 307 4.58 -37.48 -35.15
N GLY D 308 5.83 -36.99 -34.99
CA GLY D 308 6.79 -37.67 -34.15
C GLY D 308 6.29 -37.87 -32.73
N LEU D 309 5.72 -36.79 -32.16
CA LEU D 309 5.29 -36.78 -30.77
C LEU D 309 4.11 -37.72 -30.60
N VAL D 310 3.16 -37.63 -31.53
CA VAL D 310 2.00 -38.49 -31.48
C VAL D 310 2.48 -39.94 -31.48
N LEU D 311 3.44 -40.24 -32.36
CA LEU D 311 3.94 -41.60 -32.47
C LEU D 311 4.62 -42.02 -31.17
N GLU D 312 5.42 -41.12 -30.59
CA GLU D 312 6.12 -41.41 -29.35
C GLU D 312 5.12 -41.77 -28.25
N ILE D 313 4.00 -41.04 -28.16
CA ILE D 313 3.05 -41.19 -27.07
C ILE D 313 2.15 -42.39 -27.32
N HIS D 314 1.65 -42.53 -28.56
CA HIS D 314 0.58 -43.49 -28.85
C HIS D 314 1.08 -44.77 -29.54
N GLY D 315 2.28 -44.76 -30.13
CA GLY D 315 2.76 -45.92 -30.90
C GLY D 315 2.03 -46.05 -32.24
N SER D 316 1.35 -44.97 -32.65
CA SER D 316 0.57 -44.96 -33.88
C SER D 316 0.19 -43.52 -34.19
N LEU D 317 -0.09 -43.22 -35.45
CA LEU D 317 -0.48 -41.87 -35.85
C LEU D 317 -2.01 -41.69 -35.82
N LYS D 318 -2.75 -42.78 -35.62
CA LYS D 318 -4.20 -42.71 -35.52
C LYS D 318 -4.58 -42.80 -34.04
N ILE D 319 -5.27 -41.77 -33.53
CA ILE D 319 -5.53 -41.72 -32.09
C ILE D 319 -6.99 -41.37 -31.84
N PRO D 320 -7.57 -41.84 -30.72
CA PRO D 320 -8.97 -41.55 -30.37
C PRO D 320 -9.17 -40.16 -29.77
N TYR D 321 -10.30 -39.53 -30.09
CA TYR D 321 -10.79 -38.36 -29.37
C TYR D 321 -12.30 -38.43 -29.14
N HIS D 322 -12.71 -38.01 -27.93
CA HIS D 322 -14.09 -38.01 -27.51
C HIS D 322 -14.57 -36.57 -27.32
N PRO D 323 -15.10 -35.89 -28.35
CA PRO D 323 -15.46 -34.47 -28.22
C PRO D 323 -16.55 -34.17 -27.18
N ASP D 324 -17.37 -35.19 -26.85
CA ASP D 324 -18.51 -35.01 -25.96
C ASP D 324 -18.33 -35.85 -24.69
N GLY D 325 -17.10 -36.20 -24.34
CA GLY D 325 -16.85 -36.90 -23.09
C GLY D 325 -16.83 -38.41 -23.30
N PRO D 326 -16.42 -39.17 -22.26
CA PRO D 326 -15.91 -40.52 -22.45
C PRO D 326 -16.97 -41.57 -22.78
N GLU D 327 -18.25 -41.24 -22.59
CA GLU D 327 -19.34 -42.15 -22.88
C GLU D 327 -20.00 -41.78 -24.21
N GLY D 328 -19.55 -40.65 -24.82
CA GLY D 328 -20.10 -40.17 -26.08
C GLY D 328 -19.36 -40.74 -27.28
N LYS D 329 -19.57 -40.13 -28.45
CA LYS D 329 -18.98 -40.62 -29.70
C LYS D 329 -17.46 -40.50 -29.65
N CYS D 330 -16.80 -41.33 -30.46
CA CYS D 330 -15.37 -41.29 -30.59
C CYS D 330 -15.02 -41.02 -32.06
N ILE D 331 -14.20 -39.99 -32.29
CA ILE D 331 -13.63 -39.80 -33.61
C ILE D 331 -12.20 -40.38 -33.58
N GLU D 332 -11.68 -40.70 -34.77
CA GLU D 332 -10.27 -41.03 -34.91
C GLU D 332 -9.59 -39.90 -35.67
N ILE D 333 -8.47 -39.43 -35.11
CA ILE D 333 -7.69 -38.35 -35.72
C ILE D 333 -6.42 -38.98 -36.28
N ASP D 334 -6.17 -38.70 -37.57
CA ASP D 334 -5.11 -39.32 -38.35
C ASP D 334 -4.02 -38.29 -38.61
N PHE D 335 -2.87 -38.47 -37.92
CA PHE D 335 -1.74 -37.55 -38.03
C PHE D 335 -0.75 -38.00 -39.11
N THR D 336 -1.18 -38.90 -40.02
CA THR D 336 -0.35 -39.31 -41.15
C THR D 336 -0.01 -38.07 -42.00
N THR D 337 1.28 -37.89 -42.32
CA THR D 337 1.77 -36.79 -43.13
C THR D 337 1.83 -37.19 -44.60
N PRO D 338 1.76 -36.26 -45.58
CA PRO D 338 1.53 -34.83 -45.31
C PRO D 338 0.06 -34.48 -45.04
N TRP D 339 -0.14 -33.34 -44.38
CA TRP D 339 -1.48 -32.92 -43.97
C TRP D 339 -2.13 -32.09 -45.08
N LYS D 340 -3.46 -32.07 -45.07
CA LYS D 340 -4.23 -31.29 -46.03
C LYS D 340 -3.88 -29.81 -45.88
N ARG D 341 -3.83 -29.11 -47.01
CA ARG D 341 -3.76 -27.65 -47.05
C ARG D 341 -5.08 -27.10 -47.56
N PHE D 342 -5.61 -26.08 -46.89
CA PHE D 342 -6.76 -25.31 -47.36
C PHE D 342 -6.34 -23.86 -47.54
N SER D 343 -6.50 -23.32 -48.74
CA SER D 343 -6.24 -21.92 -49.00
C SER D 343 -7.39 -21.06 -48.48
N PHE D 344 -7.06 -20.07 -47.65
CA PHE D 344 -8.04 -19.30 -46.88
C PHE D 344 -9.18 -18.77 -47.75
N VAL D 345 -8.84 -17.89 -48.68
CA VAL D 345 -9.87 -17.18 -49.42
C VAL D 345 -10.61 -18.15 -50.34
N GLU D 346 -9.87 -19.01 -51.06
CA GLU D 346 -10.46 -19.93 -52.02
C GLU D 346 -11.50 -20.83 -51.36
N GLU D 347 -11.19 -21.36 -50.16
CA GLU D 347 -12.11 -22.26 -49.49
C GLU D 347 -13.36 -21.50 -49.02
N ILE D 348 -13.19 -20.26 -48.58
CA ILE D 348 -14.33 -19.41 -48.24
C ILE D 348 -15.21 -19.22 -49.48
N GLU D 349 -14.59 -18.94 -50.64
CA GLU D 349 -15.31 -18.65 -51.86
C GLU D 349 -16.03 -19.89 -52.41
N SER D 350 -15.45 -21.09 -52.15
CA SER D 350 -16.11 -22.35 -52.48
C SER D 350 -17.39 -22.52 -51.68
N GLY D 351 -17.31 -22.25 -50.36
CA GLY D 351 -18.46 -22.32 -49.46
C GLY D 351 -19.56 -21.34 -49.89
N LEU D 352 -19.15 -20.12 -50.28
CA LEU D 352 -20.10 -19.05 -50.57
C LEU D 352 -20.79 -19.29 -51.91
N GLY D 353 -20.08 -19.92 -52.86
CA GLY D 353 -20.51 -19.95 -54.24
C GLY D 353 -20.41 -18.56 -54.92
N GLU D 354 -19.52 -17.70 -54.41
CA GLU D 354 -19.07 -16.56 -55.18
C GLU D 354 -17.84 -15.92 -54.54
N LYS D 355 -17.20 -15.01 -55.30
CA LYS D 355 -15.96 -14.36 -54.93
C LYS D 355 -16.18 -13.21 -53.94
N LEU D 356 -15.25 -13.09 -52.99
CA LEU D 356 -15.13 -11.88 -52.18
C LEU D 356 -14.74 -10.72 -53.08
N LYS D 357 -15.08 -9.50 -52.67
CA LYS D 357 -14.82 -8.32 -53.45
C LYS D 357 -13.43 -7.81 -53.13
N ARG D 358 -12.82 -7.09 -54.08
CA ARG D 358 -11.45 -6.65 -53.96
C ARG D 358 -11.39 -5.14 -54.08
N PRO D 359 -10.53 -4.43 -53.30
CA PRO D 359 -9.69 -5.06 -52.27
C PRO D 359 -10.50 -5.66 -51.12
N LEU D 360 -9.88 -6.61 -50.39
CA LEU D 360 -10.55 -7.34 -49.32
C LEU D 360 -10.92 -6.41 -48.18
N ASP D 361 -10.17 -5.29 -47.99
CA ASP D 361 -10.44 -4.38 -46.89
C ASP D 361 -11.32 -3.20 -47.33
N SER D 362 -11.83 -3.25 -48.58
CA SER D 362 -12.70 -2.22 -49.10
C SER D 362 -14.03 -2.23 -48.34
N GLN D 363 -14.72 -1.08 -48.38
CA GLN D 363 -16.05 -0.96 -47.81
C GLN D 363 -16.97 -1.92 -48.57
N GLU D 364 -16.78 -2.02 -49.90
CA GLU D 364 -17.58 -2.92 -50.71
C GLU D 364 -17.53 -4.34 -50.13
N ASN D 365 -16.32 -4.81 -49.78
CA ASN D 365 -16.14 -6.19 -49.33
C ASN D 365 -16.62 -6.35 -47.88
N ILE D 366 -16.39 -5.32 -47.03
CA ILE D 366 -16.94 -5.35 -45.68
C ILE D 366 -18.45 -5.59 -45.77
N ASP D 367 -19.15 -4.78 -46.58
CA ASP D 367 -20.60 -4.91 -46.72
C ASP D 367 -20.97 -6.31 -47.22
N PHE D 368 -20.31 -6.74 -48.30
CA PHE D 368 -20.56 -8.05 -48.86
C PHE D 368 -20.44 -9.15 -47.79
N MET D 369 -19.40 -9.05 -46.95
CA MET D 369 -19.08 -10.09 -45.99
C MET D 369 -20.10 -10.07 -44.85
N VAL D 370 -20.59 -8.87 -44.51
CA VAL D 370 -21.67 -8.73 -43.55
C VAL D 370 -22.89 -9.44 -44.13
N GLU D 371 -23.23 -9.14 -45.40
CA GLU D 371 -24.36 -9.77 -46.09
C GLU D 371 -24.24 -11.29 -46.01
N MET D 372 -23.06 -11.84 -46.32
CA MET D 372 -22.87 -13.29 -46.35
C MET D 372 -22.98 -13.89 -44.94
N CYS D 373 -22.50 -13.18 -43.92
CA CYS D 373 -22.65 -13.64 -42.55
C CYS D 373 -24.13 -13.78 -42.16
N GLU D 374 -24.96 -12.83 -42.59
CA GLU D 374 -26.38 -12.84 -42.27
C GLU D 374 -27.03 -14.00 -43.02
N LYS D 375 -26.64 -14.18 -44.29
CA LYS D 375 -27.19 -15.20 -45.15
C LYS D 375 -26.92 -16.62 -44.62
N HIS D 376 -25.71 -16.86 -44.10
CA HIS D 376 -25.32 -18.19 -43.65
C HIS D 376 -25.43 -18.29 -42.14
N GLU D 377 -26.10 -17.31 -41.53
CA GLU D 377 -26.45 -17.33 -40.11
C GLU D 377 -25.19 -17.40 -39.25
N ILE D 378 -24.21 -16.53 -39.56
CA ILE D 378 -22.99 -16.45 -38.78
C ILE D 378 -23.08 -15.21 -37.90
N GLU D 379 -22.76 -15.41 -36.62
CA GLU D 379 -22.75 -14.33 -35.65
C GLU D 379 -21.76 -13.27 -36.14
N LEU D 380 -22.20 -12.02 -36.21
CA LEU D 380 -21.35 -10.93 -36.68
C LEU D 380 -20.35 -10.55 -35.58
N PRO D 381 -19.16 -10.00 -35.93
CA PRO D 381 -18.21 -9.51 -34.95
C PRO D 381 -18.41 -8.04 -34.63
N HIS D 382 -17.72 -7.55 -33.58
CA HIS D 382 -17.74 -6.13 -33.28
C HIS D 382 -16.34 -5.65 -32.90
N PRO D 383 -15.85 -4.55 -33.52
CA PRO D 383 -16.52 -3.93 -34.67
C PRO D 383 -16.41 -4.79 -35.95
N ARG D 384 -17.01 -4.30 -37.05
CA ARG D 384 -17.11 -5.08 -38.27
C ARG D 384 -15.96 -4.74 -39.22
N THR D 385 -14.73 -5.06 -38.77
CA THR D 385 -13.54 -4.89 -39.59
C THR D 385 -13.50 -6.03 -40.60
N ALA D 386 -12.79 -5.81 -41.71
CA ALA D 386 -12.63 -6.83 -42.73
C ALA D 386 -11.97 -8.07 -42.13
N ALA D 387 -10.94 -7.84 -41.29
CA ALA D 387 -10.20 -8.90 -40.64
C ALA D 387 -11.10 -9.86 -39.87
N LYS D 388 -12.05 -9.30 -39.10
CA LYS D 388 -12.84 -10.07 -38.17
C LYS D 388 -13.98 -10.74 -38.92
N LEU D 389 -14.45 -10.10 -40.01
CA LEU D 389 -15.45 -10.70 -40.88
C LEU D 389 -14.85 -11.90 -41.60
N LEU D 390 -13.61 -11.73 -42.11
CA LEU D 390 -12.90 -12.81 -42.76
C LEU D 390 -12.75 -13.99 -41.80
N ASP D 391 -12.40 -13.69 -40.54
CA ASP D 391 -12.24 -14.71 -39.52
C ASP D 391 -13.54 -15.49 -39.32
N LYS D 392 -14.66 -14.79 -39.19
CA LYS D 392 -15.94 -15.47 -38.95
C LYS D 392 -16.27 -16.41 -40.11
N LEU D 393 -15.98 -15.97 -41.34
CA LEU D 393 -16.28 -16.76 -42.53
C LEU D 393 -15.40 -18.00 -42.56
N ALA D 394 -14.11 -17.82 -42.27
CA ALA D 394 -13.16 -18.92 -42.18
C ALA D 394 -13.60 -19.92 -41.10
N GLY D 395 -14.16 -19.40 -39.99
CA GLY D 395 -14.65 -20.25 -38.92
C GLY D 395 -15.81 -21.14 -39.35
N HIS D 396 -16.66 -20.61 -40.23
CA HIS D 396 -17.83 -21.30 -40.71
C HIS D 396 -17.46 -22.29 -41.82
N PHE D 397 -16.69 -21.85 -42.81
CA PHE D 397 -16.55 -22.62 -44.04
C PHE D 397 -15.28 -23.46 -44.09
N VAL D 398 -14.25 -23.12 -43.28
CA VAL D 398 -12.94 -23.72 -43.47
C VAL D 398 -12.52 -24.50 -42.22
N GLU D 399 -12.66 -23.88 -41.04
CA GLU D 399 -12.22 -24.50 -39.80
C GLU D 399 -13.01 -25.78 -39.54
N THR D 400 -14.25 -25.80 -40.02
CA THR D 400 -15.16 -26.93 -39.85
C THR D 400 -14.76 -28.13 -40.72
N LYS D 401 -13.91 -27.93 -41.74
CA LYS D 401 -13.46 -29.02 -42.58
C LYS D 401 -12.20 -29.66 -42.01
N CYS D 402 -11.70 -29.12 -40.88
CA CYS D 402 -10.41 -29.52 -40.34
C CYS D 402 -10.60 -30.54 -39.22
N THR D 403 -10.87 -31.79 -39.58
CA THR D 403 -10.98 -32.84 -38.58
C THR D 403 -9.57 -33.36 -38.29
N ASN D 404 -8.99 -34.03 -39.29
CA ASN D 404 -7.60 -34.41 -39.21
C ASN D 404 -6.77 -33.14 -39.21
N PRO D 405 -5.54 -33.15 -38.64
CA PRO D 405 -4.68 -31.97 -38.65
C PRO D 405 -4.63 -31.43 -40.07
N SER D 406 -5.01 -30.14 -40.20
CA SER D 406 -5.08 -29.46 -41.48
C SER D 406 -4.45 -28.07 -41.35
N PHE D 407 -3.78 -27.62 -42.41
CA PHE D 407 -3.25 -26.27 -42.49
C PHE D 407 -4.23 -25.41 -43.25
N ILE D 408 -4.66 -24.30 -42.63
CA ILE D 408 -5.24 -23.19 -43.36
C ILE D 408 -4.12 -22.23 -43.67
N ILE D 409 -4.02 -21.79 -44.93
CA ILE D 409 -2.85 -21.08 -45.42
C ILE D 409 -3.26 -19.83 -46.18
N ASP D 410 -2.30 -18.90 -46.30
CA ASP D 410 -2.35 -17.79 -47.25
C ASP D 410 -3.39 -16.76 -46.84
N HIS D 411 -3.45 -16.52 -45.52
CA HIS D 411 -4.36 -15.54 -44.93
C HIS D 411 -4.17 -14.15 -45.52
N PRO D 412 -5.26 -13.40 -45.75
CA PRO D 412 -5.17 -11.98 -46.10
C PRO D 412 -4.29 -11.15 -45.18
N GLN D 413 -3.58 -10.19 -45.78
CA GLN D 413 -2.73 -9.24 -45.08
C GLN D 413 -3.52 -8.46 -44.03
N THR D 414 -4.78 -8.15 -44.37
CA THR D 414 -5.57 -7.24 -43.54
C THR D 414 -5.78 -7.84 -42.16
N MET D 415 -5.68 -9.19 -42.04
CA MET D 415 -5.87 -9.85 -40.75
C MET D 415 -4.54 -10.41 -40.22
N SER D 416 -3.43 -10.06 -40.88
CA SER D 416 -2.13 -10.67 -40.65
C SER D 416 -1.06 -9.59 -40.61
N PRO D 417 -1.11 -8.67 -39.63
CA PRO D 417 -0.26 -7.47 -39.65
C PRO D 417 1.24 -7.68 -39.49
N LEU D 418 1.66 -8.88 -39.05
CA LEU D 418 3.07 -9.18 -38.83
C LEU D 418 3.58 -10.24 -39.80
N ALA D 419 2.76 -10.63 -40.77
CA ALA D 419 3.10 -11.69 -41.72
C ALA D 419 3.51 -11.07 -43.06
N LYS D 420 4.53 -11.65 -43.68
CA LYS D 420 5.06 -11.08 -44.92
C LYS D 420 4.13 -11.40 -46.09
N TRP D 421 3.99 -10.42 -46.99
CA TRP D 421 3.15 -10.57 -48.17
C TRP D 421 3.49 -11.84 -48.95
N HIS D 422 2.47 -12.46 -49.54
CA HIS D 422 2.65 -13.67 -50.32
C HIS D 422 3.47 -13.31 -51.57
N ARG D 423 4.38 -14.20 -51.96
CA ARG D 423 5.29 -13.93 -53.07
C ARG D 423 4.55 -14.07 -54.41
N GLU D 424 3.38 -14.71 -54.42
CA GLU D 424 2.62 -14.93 -55.65
C GLU D 424 1.24 -14.27 -55.61
N LYS D 425 0.58 -14.27 -54.44
CA LYS D 425 -0.83 -13.93 -54.34
C LYS D 425 -0.99 -12.50 -53.80
N PRO D 426 -1.56 -11.56 -54.58
CA PRO D 426 -1.86 -10.21 -54.06
C PRO D 426 -2.84 -10.25 -52.88
N GLU D 427 -2.53 -9.41 -51.88
CA GLU D 427 -3.37 -9.18 -50.72
C GLU D 427 -3.26 -10.29 -49.68
N MET D 428 -2.48 -11.35 -49.98
CA MET D 428 -2.34 -12.47 -49.07
C MET D 428 -0.98 -12.40 -48.38
N THR D 429 -0.79 -13.27 -47.38
CA THR D 429 0.47 -13.39 -46.66
C THR D 429 0.92 -14.83 -46.63
N GLU D 430 2.19 -15.04 -46.23
CA GLU D 430 2.79 -16.35 -46.11
C GLU D 430 2.57 -16.85 -44.70
N ARG D 431 1.33 -17.29 -44.43
CA ARG D 431 0.90 -17.67 -43.09
C ARG D 431 0.23 -19.03 -43.14
N PHE D 432 0.33 -19.77 -42.05
CA PHE D 432 -0.56 -20.89 -41.83
C PHE D 432 -1.00 -20.96 -40.38
N GLU D 433 -2.18 -21.55 -40.18
CA GLU D 433 -2.65 -22.02 -38.89
C GLU D 433 -2.85 -23.52 -39.02
N LEU D 434 -2.56 -24.24 -37.93
CA LEU D 434 -2.84 -25.66 -37.87
C LEU D 434 -4.09 -25.89 -37.03
N PHE D 435 -5.06 -26.60 -37.62
CA PHE D 435 -6.28 -26.93 -36.91
C PHE D 435 -6.42 -28.44 -36.78
N VAL D 436 -6.85 -28.87 -35.60
CA VAL D 436 -7.22 -30.24 -35.34
C VAL D 436 -8.61 -30.22 -34.74
N LEU D 437 -9.54 -30.93 -35.38
CA LEU D 437 -10.93 -30.96 -34.97
C LEU D 437 -11.52 -29.56 -34.82
N GLY D 438 -11.20 -28.65 -35.74
CA GLY D 438 -11.76 -27.32 -35.74
C GLY D 438 -11.19 -26.40 -34.67
N LYS D 439 -10.13 -26.82 -33.96
CA LYS D 439 -9.48 -25.98 -32.96
C LYS D 439 -8.06 -25.64 -33.39
N GLU D 440 -7.67 -24.38 -33.19
CA GLU D 440 -6.37 -23.90 -33.59
C GLU D 440 -5.30 -24.42 -32.62
N LEU D 441 -4.18 -24.94 -33.18
CA LEU D 441 -3.03 -25.42 -32.43
C LEU D 441 -1.81 -24.53 -32.66
N CYS D 442 -1.59 -24.16 -33.92
CA CYS D 442 -0.39 -23.43 -34.32
C CYS D 442 -0.76 -22.25 -35.18
N ASN D 443 0.12 -21.25 -35.16
CA ASN D 443 0.02 -20.09 -36.00
C ASN D 443 1.45 -19.64 -36.35
N ALA D 444 1.70 -19.50 -37.64
CA ALA D 444 3.07 -19.37 -38.12
C ALA D 444 3.08 -18.55 -39.41
N TYR D 445 4.19 -17.90 -39.70
CA TYR D 445 4.35 -17.23 -40.98
C TYR D 445 5.81 -16.93 -41.31
N THR D 446 6.07 -16.78 -42.61
CA THR D 446 7.23 -16.00 -43.05
C THR D 446 7.06 -14.61 -42.45
N GLU D 447 8.05 -14.18 -41.67
CA GLU D 447 7.95 -12.98 -40.87
C GLU D 447 8.12 -11.75 -41.75
N LEU D 448 7.30 -10.73 -41.51
CA LEU D 448 7.46 -9.46 -42.19
C LEU D 448 8.71 -8.76 -41.65
N ASN D 449 9.63 -8.40 -42.57
CA ASN D 449 10.89 -7.81 -42.22
C ASN D 449 11.10 -6.48 -42.94
N GLU D 450 10.05 -5.92 -43.54
CA GLU D 450 10.10 -4.66 -44.25
C GLU D 450 9.46 -3.57 -43.39
N PRO D 451 10.21 -2.59 -42.85
CA PRO D 451 9.69 -1.72 -41.79
C PRO D 451 8.68 -0.66 -42.23
N LEU D 452 8.65 -0.34 -43.51
CA LEU D 452 7.71 0.67 -43.99
C LEU D 452 6.30 0.12 -43.91
N GLN D 453 6.10 -1.07 -44.49
CA GLN D 453 4.81 -1.76 -44.42
C GLN D 453 4.43 -2.13 -42.99
N GLN D 454 5.42 -2.55 -42.21
CA GLN D 454 5.16 -2.94 -40.84
C GLN D 454 4.57 -1.74 -40.09
N ARG D 455 5.16 -0.56 -40.28
CA ARG D 455 4.67 0.64 -39.62
C ARG D 455 3.23 0.90 -40.09
N LYS D 456 2.97 0.70 -41.38
CA LYS D 456 1.65 0.95 -41.93
C LYS D 456 0.60 0.01 -41.32
N PHE D 457 0.94 -1.26 -41.18
CA PHE D 457 -0.03 -2.23 -40.69
C PHE D 457 -0.32 -1.99 -39.21
N PHE D 458 0.69 -1.53 -38.46
CA PHE D 458 0.55 -1.18 -37.05
C PHE D 458 -0.39 0.01 -36.90
N GLU D 459 -0.32 0.96 -37.84
CA GLU D 459 -1.21 2.12 -37.86
C GLU D 459 -2.66 1.67 -38.11
N GLN D 460 -2.86 0.73 -39.04
CA GLN D 460 -4.19 0.20 -39.33
C GLN D 460 -4.76 -0.47 -38.08
N GLN D 461 -3.87 -1.15 -37.33
CA GLN D 461 -4.24 -1.86 -36.11
C GLN D 461 -4.63 -0.88 -35.02
N ALA D 462 -3.87 0.21 -34.88
CA ALA D 462 -4.15 1.21 -33.85
C ALA D 462 -5.48 1.90 -34.15
N ASP D 463 -5.77 2.08 -35.45
CA ASP D 463 -7.03 2.66 -35.91
C ASP D 463 -8.18 1.72 -35.55
N ALA D 464 -7.95 0.41 -35.73
CA ALA D 464 -8.96 -0.57 -35.37
C ALA D 464 -9.20 -0.56 -33.86
N LYS D 465 -8.13 -0.35 -33.09
CA LYS D 465 -8.22 -0.33 -31.64
C LYS D 465 -9.07 0.88 -31.20
N ALA D 466 -8.81 2.04 -31.82
CA ALA D 466 -9.53 3.26 -31.50
C ALA D 466 -11.01 3.14 -31.89
N SER D 467 -11.33 2.26 -32.86
CA SER D 467 -12.70 2.03 -33.31
C SER D 467 -13.42 1.00 -32.42
N GLY D 468 -12.75 0.52 -31.37
CA GLY D 468 -13.38 -0.36 -30.39
C GLY D 468 -13.00 -1.84 -30.52
N ASP D 469 -12.03 -2.20 -31.38
CA ASP D 469 -11.52 -3.56 -31.43
C ASP D 469 -10.54 -3.78 -30.26
N VAL D 470 -10.96 -4.53 -29.23
CA VAL D 470 -10.16 -4.69 -28.02
C VAL D 470 -9.04 -5.71 -28.25
N GLU D 471 -9.08 -6.38 -29.41
CA GLU D 471 -8.10 -7.40 -29.77
C GLU D 471 -7.08 -6.86 -30.76
N ALA D 472 -7.22 -5.60 -31.19
CA ALA D 472 -6.22 -4.93 -31.99
C ALA D 472 -5.16 -4.29 -31.08
N CYS D 473 -3.92 -4.27 -31.57
CA CYS D 473 -2.75 -3.89 -30.77
C CYS D 473 -2.27 -2.50 -31.17
N PRO D 474 -1.69 -1.74 -30.21
CA PRO D 474 -1.13 -0.42 -30.49
C PRO D 474 0.18 -0.52 -31.26
N ILE D 475 0.64 0.63 -31.78
CA ILE D 475 1.89 0.74 -32.50
C ILE D 475 3.02 0.50 -31.49
N ASP D 476 4.01 -0.34 -31.89
CA ASP D 476 5.25 -0.52 -31.13
C ASP D 476 6.43 0.06 -31.91
N GLU D 477 6.81 1.29 -31.55
CA GLU D 477 7.88 2.01 -32.25
C GLU D 477 9.22 1.31 -32.02
N THR D 478 9.42 0.74 -30.83
CA THR D 478 10.70 0.09 -30.53
C THR D 478 10.90 -1.12 -31.45
N PHE D 479 9.81 -1.86 -31.76
CA PHE D 479 9.86 -2.97 -32.69
C PHE D 479 10.16 -2.50 -34.11
N CYS D 480 9.55 -1.39 -34.52
CA CYS D 480 9.82 -0.82 -35.84
C CYS D 480 11.28 -0.42 -35.96
N LEU D 481 11.84 0.17 -34.90
CA LEU D 481 13.24 0.56 -34.88
C LEU D 481 14.14 -0.68 -35.00
N ALA D 482 13.75 -1.78 -34.34
CA ALA D 482 14.51 -3.00 -34.46
C ALA D 482 14.52 -3.51 -35.90
N LEU D 483 13.38 -3.40 -36.62
CA LEU D 483 13.31 -3.84 -38.01
C LEU D 483 14.20 -2.96 -38.88
N GLU D 484 14.38 -1.71 -38.47
CA GLU D 484 15.23 -0.78 -39.19
C GLU D 484 16.69 -1.19 -39.05
N HIS D 485 17.02 -2.12 -38.14
CA HIS D 485 18.40 -2.61 -38.04
C HIS D 485 18.62 -3.87 -38.87
N GLY D 486 17.56 -4.39 -39.50
CA GLY D 486 17.67 -5.47 -40.46
C GLY D 486 17.36 -6.82 -39.82
N LEU D 487 16.12 -7.26 -39.96
CA LEU D 487 15.73 -8.61 -39.59
C LEU D 487 15.96 -9.53 -40.78
N PRO D 488 16.81 -10.56 -40.65
CA PRO D 488 17.00 -11.52 -41.72
C PRO D 488 15.67 -12.12 -42.15
N PRO D 489 15.55 -12.61 -43.41
CA PRO D 489 14.41 -13.44 -43.76
C PRO D 489 14.31 -14.51 -42.68
N THR D 490 13.11 -14.66 -42.11
CA THR D 490 12.90 -15.46 -40.91
C THR D 490 11.52 -16.11 -40.97
N GLY D 491 11.40 -17.29 -40.35
CA GLY D 491 10.12 -17.95 -40.16
C GLY D 491 9.82 -18.11 -38.68
N GLY D 492 8.60 -17.73 -38.28
CA GLY D 492 8.18 -17.78 -36.88
C GLY D 492 6.95 -18.65 -36.70
N TRP D 493 6.70 -19.05 -35.46
CA TRP D 493 5.77 -20.13 -35.19
C TRP D 493 5.42 -20.17 -33.72
N GLY D 494 4.14 -20.46 -33.47
CA GLY D 494 3.66 -20.61 -32.11
C GLY D 494 2.73 -21.81 -32.01
N LEU D 495 2.75 -22.43 -30.81
CA LEU D 495 1.96 -23.60 -30.51
C LEU D 495 1.31 -23.45 -29.14
N GLY D 496 0.03 -23.79 -29.07
CA GLY D 496 -0.65 -23.90 -27.80
C GLY D 496 -0.40 -25.29 -27.20
N ILE D 497 0.51 -25.36 -26.23
CA ILE D 497 0.87 -26.66 -25.66
C ILE D 497 -0.37 -27.34 -25.10
N ASP D 498 -1.23 -26.57 -24.43
CA ASP D 498 -2.28 -27.16 -23.62
C ASP D 498 -3.33 -27.83 -24.50
N ARG D 499 -3.68 -27.17 -25.62
CA ARG D 499 -4.63 -27.72 -26.57
C ARG D 499 -4.03 -28.98 -27.18
N LEU D 500 -2.72 -28.97 -27.40
CA LEU D 500 -2.06 -30.17 -27.89
C LEU D 500 -2.22 -31.31 -26.89
N ILE D 501 -2.09 -31.01 -25.61
CA ILE D 501 -2.21 -32.02 -24.57
C ILE D 501 -3.64 -32.56 -24.55
N MET D 502 -4.62 -31.70 -24.81
CA MET D 502 -6.01 -32.11 -24.86
C MET D 502 -6.18 -33.24 -25.89
N PHE D 503 -5.55 -33.10 -27.05
CA PHE D 503 -5.67 -34.12 -28.09
C PHE D 503 -4.89 -35.37 -27.72
N LEU D 504 -3.67 -35.21 -27.20
CA LEU D 504 -2.83 -36.35 -26.91
C LEU D 504 -3.43 -37.18 -25.77
N ALA D 505 -4.04 -36.50 -24.79
CA ALA D 505 -4.54 -37.19 -23.61
C ALA D 505 -6.02 -37.51 -23.75
N ASP D 506 -6.65 -37.06 -24.86
CA ASP D 506 -8.08 -37.20 -25.12
C ASP D 506 -8.90 -36.55 -24.00
N LYS D 507 -8.84 -35.23 -23.92
CA LYS D 507 -9.66 -34.45 -23.01
C LYS D 507 -10.36 -33.35 -23.79
N ASN D 508 -11.61 -33.06 -23.45
CA ASN D 508 -12.40 -32.12 -24.21
C ASN D 508 -12.54 -30.80 -23.45
N ASN D 509 -11.89 -30.73 -22.28
CA ASN D 509 -11.96 -29.57 -21.41
C ASN D 509 -10.55 -29.16 -21.02
N ILE D 510 -10.22 -27.90 -21.28
CA ILE D 510 -8.92 -27.32 -20.92
C ILE D 510 -8.61 -27.55 -19.44
N LYS D 511 -9.64 -27.60 -18.61
CA LYS D 511 -9.44 -27.68 -17.17
C LYS D 511 -8.80 -29.02 -16.81
N GLU D 512 -8.84 -29.98 -17.74
CA GLU D 512 -8.28 -31.29 -17.47
C GLU D 512 -6.75 -31.24 -17.54
N VAL D 513 -6.20 -30.31 -18.32
CA VAL D 513 -4.77 -30.32 -18.67
C VAL D 513 -4.01 -29.17 -18.01
N ILE D 514 -4.70 -28.38 -17.18
CA ILE D 514 -4.08 -27.34 -16.41
C ILE D 514 -4.34 -27.64 -14.94
N LEU D 515 -3.31 -27.58 -14.10
CA LEU D 515 -3.42 -28.02 -12.72
C LEU D 515 -4.43 -27.17 -11.97
N PHE D 516 -4.29 -25.85 -12.08
CA PHE D 516 -5.15 -24.94 -11.35
C PHE D 516 -5.85 -23.99 -12.31
N PRO D 517 -6.84 -24.45 -13.10
CA PRO D 517 -7.50 -23.59 -14.09
C PRO D 517 -8.41 -22.55 -13.44
N ALA D 518 -8.75 -21.53 -14.22
CA ALA D 518 -9.62 -20.47 -13.75
C ALA D 518 -11.06 -20.96 -13.69
N MET D 519 -11.80 -20.45 -12.68
CA MET D 519 -13.17 -20.87 -12.38
C MET D 519 -14.04 -19.63 -12.15
N ARG D 520 -15.34 -19.70 -12.47
CA ARG D 520 -16.29 -18.65 -12.05
C ARG D 520 -16.53 -18.75 -10.54
N ASN D 521 -16.66 -17.59 -9.85
CA ASN D 521 -16.66 -17.54 -8.39
C ASN D 521 -18.08 -17.26 -7.90
#